data_1JF0
# 
_entry.id   1JF0 
# 
_audit_conform.dict_name       mmcif_pdbx.dic 
_audit_conform.dict_version    5.376 
_audit_conform.dict_location   http://mmcif.pdb.org/dictionaries/ascii/mmcif_pdbx.dic 
# 
loop_
_database_2.database_id 
_database_2.database_code 
_database_2.pdbx_database_accession 
_database_2.pdbx_DOI 
PDB   1JF0         pdb_00001jf0 10.2210/pdb1jf0/pdb 
RCSB  RCSB013693   ?            ?                   
WWPDB D_1000013693 ?            ?                   
# 
loop_
_pdbx_database_related.db_name 
_pdbx_database_related.db_id 
_pdbx_database_related.details 
_pdbx_database_related.content_type 
PDB 1EL4 '1EL4 contains calcium-regulated photoprotein obelin.'   unspecified 
PDB 1EJ3 '1EJ3 contains calcium-regulated photoprotein aequorin.' unspecified 
# 
_pdbx_database_status.status_code                     REL 
_pdbx_database_status.entry_id                        1JF0 
_pdbx_database_status.recvd_initial_deposition_date   2001-06-19 
_pdbx_database_status.deposit_site                    RCSB 
_pdbx_database_status.process_site                    RCSB 
_pdbx_database_status.SG_entry                        . 
_pdbx_database_status.status_code_sf                  ? 
_pdbx_database_status.status_code_mr                  ? 
_pdbx_database_status.status_code_cs                  ? 
_pdbx_database_status.methods_development_category    ? 
_pdbx_database_status.pdb_format_compatible           Y 
_pdbx_database_status.status_code_nmr_data            ? 
# 
loop_
_audit_author.name 
_audit_author.pdbx_ordinal 
'Deng, L.'     1 
'Vysotski, E.' 2 
'Liu, Z.-J.'   3 
'Markova, S.'  4 
'Lee, J.'      5 
'Rose, J.'     6 
'Wang, B.-C.'  7 
# 
loop_
_citation.id 
_citation.title 
_citation.journal_abbrev 
_citation.journal_volume 
_citation.page_first 
_citation.page_last 
_citation.year 
_citation.journal_id_ASTM 
_citation.country 
_citation.journal_id_ISSN 
_citation.journal_id_CSD 
_citation.book_publisher 
_citation.pdbx_database_id_PubMed 
_citation.pdbx_database_id_DOI 
primary 'The Crystal Structure of Obelin from Obelia geniculata at 1.82 Angstrom Resolution' 'To be Published' ?  ?    ?    ?    ? 
?  ?             0353 ? ?        ?                         
1       
'Structure of the Ca2+-regulated photoprotein obelin at 1.7 A resolution determined directly from its sulfur substructure.' 
'Protein Sci.'                               9  2085 2093 2000 PRCIEI US 0961-8368     0795 ? 11152120 10.1110/ps.9.11.2085      
2       
;Preparation and preliminary study of crystals of the recombinant calcium-regulated photoprotein obelin from the bioluminescent hydroid Obelia longissima.
;
'Acta Crystallogr.,Sect.D'                   55 1965 1966 1999 ABCRE6 DK 0907-4449     0766 ? 10531510 10.1107/S0907444999011828 
3       'Obelin crystal structure: implications for the bioluminescence mechanism' 'Bioluminescence and Chemiluminescence 2000' ?  
?    ?    2001 ?      ?  981-02-4679-X ?    ? ?        ?                         
# 
loop_
_citation_author.citation_id 
_citation_author.name 
_citation_author.ordinal 
_citation_author.identifier_ORCID 
primary 'Deng, L.'       1  ? 
primary 'Vysotski, E.'   2  ? 
primary 'Liu, Z.-J.'     3  ? 
primary 'Markova, S.'    4  ? 
primary 'Lee, J.'        5  ? 
primary 'Rose, J.'       6  ? 
primary 'Wang, B.-C.'    7  ? 
1       'Liu, Z.J.'      8  ? 
1       'Vysotski, E.S.' 9  ? 
1       'Chen, C.J.'     10 ? 
1       'Rose, J.P.'     11 ? 
1       'Lee, J.'        12 ? 
1       'Wang, B.C.'     13 ? 
2       'Vysotski, E.S.' 14 ? 
2       'Liu, Z.J.'      15 ? 
2       'Rose, J.'       16 ? 
2       'Wang, B.C.'     17 ? 
2       'Lee, J.'        18 ? 
3       'Vysotski, E.'   19 ? 
3       'Liu, Z.-J.'     20 ? 
3       'Deng, L.'       21 ? 
3       'Rose, J.'       22 ? 
3       'Wang, B.-C.'    23 ? 
3       'Lee, J.'        24 ? 
# 
_cell.entry_id           1JF0 
_cell.length_a           33.502 
_cell.length_b           67.823 
_cell.length_c           69.209 
_cell.angle_alpha        90.00 
_cell.angle_beta         90.00 
_cell.angle_gamma        90.00 
_cell.Z_PDB              4 
_cell.pdbx_unique_axis   ? 
_cell.length_a_esd       ? 
_cell.length_b_esd       ? 
_cell.length_c_esd       ? 
_cell.angle_alpha_esd    ? 
_cell.angle_beta_esd     ? 
_cell.angle_gamma_esd    ? 
# 
_symmetry.entry_id                         1JF0 
_symmetry.space_group_name_H-M             'P 21 21 21' 
_symmetry.pdbx_full_space_group_name_H-M   ? 
_symmetry.cell_setting                     ? 
_symmetry.Int_Tables_number                19 
_symmetry.space_group_name_Hall            ? 
# 
loop_
_entity.id 
_entity.type 
_entity.src_method 
_entity.pdbx_description 
_entity.formula_weight 
_entity.pdbx_number_of_molecules 
_entity.pdbx_ec 
_entity.pdbx_mutation 
_entity.pdbx_fragment 
_entity.details 
1 polymer     man Obelin                        22187.576 1   ? ? ? ? 
2 non-polymer syn C2-HYDROPEROXY-COELENTERAZINE 455.462   1   ? ? ? ? 
3 water       nat water                         18.015    111 ? ? ? ? 
# 
_entity_poly.entity_id                      1 
_entity_poly.type                           'polypeptide(L)' 
_entity_poly.nstd_linkage                   no 
_entity_poly.nstd_monomer                   no 
_entity_poly.pdbx_seq_one_letter_code       
;MASKYAVKLQTDFDNPKWIKRHKFMFDYLDINGNGQITLDEIVSKASDDICKNLGATPAQTQRHQDCVEAFFRGCGLEYG
KETKFPEFLEGWKNLANADLAKWARNEPTLIREWGDAVFDIFDKDGSGTITLDEWKAYGRISGISPSEEDCEKTFQHCDL
DNSGELDVDEMTRQHLGFWYTLDPEADGLYGNGVP
;
_entity_poly.pdbx_seq_one_letter_code_can   
;MASKYAVKLQTDFDNPKWIKRHKFMFDYLDINGNGQITLDEIVSKASDDICKNLGATPAQTQRHQDCVEAFFRGCGLEYG
KETKFPEFLEGWKNLANADLAKWARNEPTLIREWGDAVFDIFDKDGSGTITLDEWKAYGRISGISPSEEDCEKTFQHCDL
DNSGELDVDEMTRQHLGFWYTLDPEADGLYGNGVP
;
_entity_poly.pdbx_strand_id                 A 
_entity_poly.pdbx_target_identifier         ? 
# 
loop_
_entity_poly_seq.entity_id 
_entity_poly_seq.num 
_entity_poly_seq.mon_id 
_entity_poly_seq.hetero 
1 1   MET n 
1 2   ALA n 
1 3   SER n 
1 4   LYS n 
1 5   TYR n 
1 6   ALA n 
1 7   VAL n 
1 8   LYS n 
1 9   LEU n 
1 10  GLN n 
1 11  THR n 
1 12  ASP n 
1 13  PHE n 
1 14  ASP n 
1 15  ASN n 
1 16  PRO n 
1 17  LYS n 
1 18  TRP n 
1 19  ILE n 
1 20  LYS n 
1 21  ARG n 
1 22  HIS n 
1 23  LYS n 
1 24  PHE n 
1 25  MET n 
1 26  PHE n 
1 27  ASP n 
1 28  TYR n 
1 29  LEU n 
1 30  ASP n 
1 31  ILE n 
1 32  ASN n 
1 33  GLY n 
1 34  ASN n 
1 35  GLY n 
1 36  GLN n 
1 37  ILE n 
1 38  THR n 
1 39  LEU n 
1 40  ASP n 
1 41  GLU n 
1 42  ILE n 
1 43  VAL n 
1 44  SER n 
1 45  LYS n 
1 46  ALA n 
1 47  SER n 
1 48  ASP n 
1 49  ASP n 
1 50  ILE n 
1 51  CYS n 
1 52  LYS n 
1 53  ASN n 
1 54  LEU n 
1 55  GLY n 
1 56  ALA n 
1 57  THR n 
1 58  PRO n 
1 59  ALA n 
1 60  GLN n 
1 61  THR n 
1 62  GLN n 
1 63  ARG n 
1 64  HIS n 
1 65  GLN n 
1 66  ASP n 
1 67  CYS n 
1 68  VAL n 
1 69  GLU n 
1 70  ALA n 
1 71  PHE n 
1 72  PHE n 
1 73  ARG n 
1 74  GLY n 
1 75  CYS n 
1 76  GLY n 
1 77  LEU n 
1 78  GLU n 
1 79  TYR n 
1 80  GLY n 
1 81  LYS n 
1 82  GLU n 
1 83  THR n 
1 84  LYS n 
1 85  PHE n 
1 86  PRO n 
1 87  GLU n 
1 88  PHE n 
1 89  LEU n 
1 90  GLU n 
1 91  GLY n 
1 92  TRP n 
1 93  LYS n 
1 94  ASN n 
1 95  LEU n 
1 96  ALA n 
1 97  ASN n 
1 98  ALA n 
1 99  ASP n 
1 100 LEU n 
1 101 ALA n 
1 102 LYS n 
1 103 TRP n 
1 104 ALA n 
1 105 ARG n 
1 106 ASN n 
1 107 GLU n 
1 108 PRO n 
1 109 THR n 
1 110 LEU n 
1 111 ILE n 
1 112 ARG n 
1 113 GLU n 
1 114 TRP n 
1 115 GLY n 
1 116 ASP n 
1 117 ALA n 
1 118 VAL n 
1 119 PHE n 
1 120 ASP n 
1 121 ILE n 
1 122 PHE n 
1 123 ASP n 
1 124 LYS n 
1 125 ASP n 
1 126 GLY n 
1 127 SER n 
1 128 GLY n 
1 129 THR n 
1 130 ILE n 
1 131 THR n 
1 132 LEU n 
1 133 ASP n 
1 134 GLU n 
1 135 TRP n 
1 136 LYS n 
1 137 ALA n 
1 138 TYR n 
1 139 GLY n 
1 140 ARG n 
1 141 ILE n 
1 142 SER n 
1 143 GLY n 
1 144 ILE n 
1 145 SER n 
1 146 PRO n 
1 147 SER n 
1 148 GLU n 
1 149 GLU n 
1 150 ASP n 
1 151 CYS n 
1 152 GLU n 
1 153 LYS n 
1 154 THR n 
1 155 PHE n 
1 156 GLN n 
1 157 HIS n 
1 158 CYS n 
1 159 ASP n 
1 160 LEU n 
1 161 ASP n 
1 162 ASN n 
1 163 SER n 
1 164 GLY n 
1 165 GLU n 
1 166 LEU n 
1 167 ASP n 
1 168 VAL n 
1 169 ASP n 
1 170 GLU n 
1 171 MET n 
1 172 THR n 
1 173 ARG n 
1 174 GLN n 
1 175 HIS n 
1 176 LEU n 
1 177 GLY n 
1 178 PHE n 
1 179 TRP n 
1 180 TYR n 
1 181 THR n 
1 182 LEU n 
1 183 ASP n 
1 184 PRO n 
1 185 GLU n 
1 186 ALA n 
1 187 ASP n 
1 188 GLY n 
1 189 LEU n 
1 190 TYR n 
1 191 GLY n 
1 192 ASN n 
1 193 GLY n 
1 194 VAL n 
1 195 PRO n 
# 
_entity_src_gen.entity_id                          1 
_entity_src_gen.pdbx_src_id                        1 
_entity_src_gen.pdbx_alt_source_flag               sample 
_entity_src_gen.pdbx_seq_type                      ? 
_entity_src_gen.pdbx_beg_seq_num                   ? 
_entity_src_gen.pdbx_end_seq_num                   ? 
_entity_src_gen.gene_src_common_name               ? 
_entity_src_gen.gene_src_genus                     Obelia 
_entity_src_gen.pdbx_gene_src_gene                 ? 
_entity_src_gen.gene_src_species                   ? 
_entity_src_gen.gene_src_strain                    ? 
_entity_src_gen.gene_src_tissue                    ? 
_entity_src_gen.gene_src_tissue_fraction           ? 
_entity_src_gen.gene_src_details                   ? 
_entity_src_gen.pdbx_gene_src_fragment             ? 
_entity_src_gen.pdbx_gene_src_scientific_name      'Obelia longissima' 
_entity_src_gen.pdbx_gene_src_ncbi_taxonomy_id     32570 
_entity_src_gen.pdbx_gene_src_variant              ? 
_entity_src_gen.pdbx_gene_src_cell_line            ? 
_entity_src_gen.pdbx_gene_src_atcc                 ? 
_entity_src_gen.pdbx_gene_src_organ                ? 
_entity_src_gen.pdbx_gene_src_organelle            ? 
_entity_src_gen.pdbx_gene_src_cell                 ? 
_entity_src_gen.pdbx_gene_src_cellular_location    ? 
_entity_src_gen.host_org_common_name               ? 
_entity_src_gen.pdbx_host_org_scientific_name      'Escherichia coli' 
_entity_src_gen.pdbx_host_org_ncbi_taxonomy_id     562 
_entity_src_gen.host_org_genus                     Escherichia 
_entity_src_gen.pdbx_host_org_gene                 ? 
_entity_src_gen.pdbx_host_org_organ                ? 
_entity_src_gen.host_org_species                   ? 
_entity_src_gen.pdbx_host_org_tissue               ? 
_entity_src_gen.pdbx_host_org_tissue_fraction      ? 
_entity_src_gen.pdbx_host_org_strain               BL21-Gold 
_entity_src_gen.pdbx_host_org_variant              ? 
_entity_src_gen.pdbx_host_org_cell_line            ? 
_entity_src_gen.pdbx_host_org_atcc                 ? 
_entity_src_gen.pdbx_host_org_culture_collection   ? 
_entity_src_gen.pdbx_host_org_cell                 ? 
_entity_src_gen.pdbx_host_org_organelle            ? 
_entity_src_gen.pdbx_host_org_cellular_location    ? 
_entity_src_gen.pdbx_host_org_vector_type          plasmid 
_entity_src_gen.pdbx_host_org_vector               ? 
_entity_src_gen.host_org_details                   ? 
_entity_src_gen.expression_system_id               ? 
_entity_src_gen.plasmid_name                       pET19-OG 
_entity_src_gen.plasmid_details                    ? 
_entity_src_gen.pdbx_description                   ? 
# 
_struct_ref.id                         1 
_struct_ref.db_name                    UNP 
_struct_ref.db_code                    OBL_OBELO 
_struct_ref.pdbx_db_accession          Q27709 
_struct_ref.entity_id                  1 
_struct_ref.pdbx_align_begin           1 
_struct_ref.pdbx_seq_one_letter_code   ? 
_struct_ref.pdbx_db_isoform            ? 
# 
_struct_ref_seq.align_id                      1 
_struct_ref_seq.ref_id                        1 
_struct_ref_seq.pdbx_PDB_id_code              1JF0 
_struct_ref_seq.pdbx_strand_id                A 
_struct_ref_seq.seq_align_beg                 1 
_struct_ref_seq.pdbx_seq_align_beg_ins_code   ? 
_struct_ref_seq.seq_align_end                 195 
_struct_ref_seq.pdbx_seq_align_end_ins_code   ? 
_struct_ref_seq.pdbx_db_accession             Q27709 
_struct_ref_seq.db_align_beg                  1 
_struct_ref_seq.pdbx_db_align_beg_ins_code    ? 
_struct_ref_seq.db_align_end                  195 
_struct_ref_seq.pdbx_db_align_end_ins_code    ? 
_struct_ref_seq.pdbx_auth_seq_align_beg       1 
_struct_ref_seq.pdbx_auth_seq_align_end       195 
# 
loop_
_chem_comp.id 
_chem_comp.type 
_chem_comp.mon_nstd_flag 
_chem_comp.name 
_chem_comp.pdbx_synonyms 
_chem_comp.formula 
_chem_comp.formula_weight 
ALA 'L-peptide linking' y ALANINE                       ? 'C3 H7 N O2'     89.093  
ARG 'L-peptide linking' y ARGININE                      ? 'C6 H15 N4 O2 1' 175.209 
ASN 'L-peptide linking' y ASPARAGINE                    ? 'C4 H8 N2 O3'    132.118 
ASP 'L-peptide linking' y 'ASPARTIC ACID'               ? 'C4 H7 N O4'     133.103 
CYS 'L-peptide linking' y CYSTEINE                      ? 'C3 H7 N O2 S'   121.158 
CZH non-polymer         . C2-HYDROPEROXY-COELENTERAZINE 
'8-BENZYL-2-HYDROPEROXY-2-(4-HYDROXY-BENZYL)-6-(4-HYDROXY-PHENYL)-2H-IMIDAZO[1,2-A]PYRAZIN-3-ONE' 'C26 H21 N3 O5'  455.462 
GLN 'L-peptide linking' y GLUTAMINE                     ? 'C5 H10 N2 O3'   146.144 
GLU 'L-peptide linking' y 'GLUTAMIC ACID'               ? 'C5 H9 N O4'     147.129 
GLY 'peptide linking'   y GLYCINE                       ? 'C2 H5 N O2'     75.067  
HIS 'L-peptide linking' y HISTIDINE                     ? 'C6 H10 N3 O2 1' 156.162 
HOH non-polymer         . WATER                         ? 'H2 O'           18.015  
ILE 'L-peptide linking' y ISOLEUCINE                    ? 'C6 H13 N O2'    131.173 
LEU 'L-peptide linking' y LEUCINE                       ? 'C6 H13 N O2'    131.173 
LYS 'L-peptide linking' y LYSINE                        ? 'C6 H15 N2 O2 1' 147.195 
MET 'L-peptide linking' y METHIONINE                    ? 'C5 H11 N O2 S'  149.211 
PHE 'L-peptide linking' y PHENYLALANINE                 ? 'C9 H11 N O2'    165.189 
PRO 'L-peptide linking' y PROLINE                       ? 'C5 H9 N O2'     115.130 
SER 'L-peptide linking' y SERINE                        ? 'C3 H7 N O3'     105.093 
THR 'L-peptide linking' y THREONINE                     ? 'C4 H9 N O3'     119.119 
TRP 'L-peptide linking' y TRYPTOPHAN                    ? 'C11 H12 N2 O2'  204.225 
TYR 'L-peptide linking' y TYROSINE                      ? 'C9 H11 N O3'    181.189 
VAL 'L-peptide linking' y VALINE                        ? 'C5 H11 N O2'    117.146 
# 
_exptl.entry_id          1JF0 
_exptl.method            'X-RAY DIFFRACTION' 
_exptl.crystals_number   1 
# 
_exptl_crystal.id                    1 
_exptl_crystal.density_meas          ? 
_exptl_crystal.density_Matthews      1.77 
_exptl_crystal.density_percent_sol   30.58 
_exptl_crystal.description           ? 
_exptl_crystal.F_000                 ? 
_exptl_crystal.preparation           ? 
# 
_exptl_crystal_grow.crystal_id      1 
_exptl_crystal_grow.method          'VAPOR DIFFUSION, HANGING DROP' 
_exptl_crystal_grow.temp            277 
_exptl_crystal_grow.temp_details    ? 
_exptl_crystal_grow.pH              5.8 
_exptl_crystal_grow.pdbx_details    
'PEG 8000, potassium phosphate, hexaminecobaltic chloride, pH 5.8, VAPOR DIFFUSION, HANGING DROP, temperature 277K' 
_exptl_crystal_grow.pdbx_pH_range   . 
# 
_diffrn.id                     1 
_diffrn.ambient_temp           100 
_diffrn.ambient_temp_details   ? 
_diffrn.crystal_id             1 
# 
_diffrn_detector.diffrn_id              1 
_diffrn_detector.detector               CCD 
_diffrn_detector.type                   MARRESEARCH 
_diffrn_detector.pdbx_collection_date   2000-09-03 
_diffrn_detector.details                ? 
# 
_diffrn_radiation.diffrn_id                        1 
_diffrn_radiation.wavelength_id                    1 
_diffrn_radiation.pdbx_monochromatic_or_laue_m_l   M 
_diffrn_radiation.monochromator                    ? 
_diffrn_radiation.pdbx_diffrn_protocol             'SINGLE WAVELENGTH' 
_diffrn_radiation.pdbx_scattering_type             x-ray 
# 
_diffrn_radiation_wavelength.id           1 
_diffrn_radiation_wavelength.wavelength   1.0 
_diffrn_radiation_wavelength.wt           1.0 
# 
_diffrn_source.diffrn_id                   1 
_diffrn_source.source                      SYNCHROTRON 
_diffrn_source.type                        'APS BEAMLINE 17-ID' 
_diffrn_source.pdbx_synchrotron_site       APS 
_diffrn_source.pdbx_synchrotron_beamline   17-ID 
_diffrn_source.pdbx_wavelength             ? 
_diffrn_source.pdbx_wavelength_list        1.0 
# 
_reflns.entry_id                     1JF0 
_reflns.observed_criterion_sigma_I   2.0 
_reflns.observed_criterion_sigma_F   2.0 
_reflns.d_resolution_low             28.0 
_reflns.d_resolution_high            1.82 
_reflns.number_obs                   14015 
_reflns.number_all                   14737 
_reflns.percent_possible_obs         95.1 
_reflns.pdbx_Rmerge_I_obs            0.0350000 
_reflns.pdbx_Rsym_value              ? 
_reflns.pdbx_netI_over_sigmaI        28.19 
_reflns.B_iso_Wilson_estimate        19.8 
_reflns.pdbx_redundancy              12.0 
_reflns.R_free_details               ? 
_reflns.limit_h_max                  ? 
_reflns.limit_h_min                  ? 
_reflns.limit_k_max                  ? 
_reflns.limit_k_min                  ? 
_reflns.limit_l_max                  ? 
_reflns.limit_l_min                  ? 
_reflns.observed_criterion_F_max     ? 
_reflns.observed_criterion_F_min     ? 
_reflns.pdbx_chi_squared             ? 
_reflns.pdbx_scaling_rejects         ? 
_reflns.pdbx_ordinal                 1 
_reflns.pdbx_diffrn_id               1 
# 
_reflns_shell.d_res_high             1.82 
_reflns_shell.d_res_low              1.86 
_reflns_shell.percent_possible_all   93.9 
_reflns_shell.Rmerge_I_obs           0.2190000 
_reflns_shell.pdbx_Rsym_value        ? 
_reflns_shell.meanI_over_sigI_obs    3.8 
_reflns_shell.pdbx_redundancy        10.0 
_reflns_shell.percent_possible_obs   ? 
_reflns_shell.number_unique_all      ? 
_reflns_shell.number_measured_all    ? 
_reflns_shell.number_measured_obs    ? 
_reflns_shell.number_unique_obs      ? 
_reflns_shell.pdbx_chi_squared       ? 
_reflns_shell.pdbx_ordinal           1 
_reflns_shell.pdbx_diffrn_id         1 
# 
_refine.entry_id                                 1JF0 
_refine.ls_number_reflns_obs                     14015 
_refine.ls_number_reflns_all                     14737 
_refine.pdbx_ls_sigma_I                          2.0 
_refine.pdbx_ls_sigma_F                          2.0 
_refine.pdbx_data_cutoff_high_absF               244092.03 
_refine.pdbx_data_cutoff_low_absF                .00 
_refine.ls_d_res_low                             19.63 
_refine.ls_d_res_high                            1.82 
_refine.ls_percent_reflns_obs                    95.1 
_refine.ls_R_factor_obs                          0.2120000 
_refine.ls_R_factor_all                          0.2200000 
_refine.ls_R_factor_R_work                       0.2120000 
_refine.ls_R_factor_R_free                       0.2620000 
_refine.ls_R_factor_R_free_error                 .008 
_refine.ls_R_factor_R_free_error_details         ? 
_refine.ls_percent_reflns_R_free                 8.0 
_refine.ls_number_reflns_R_free                  1123 
_refine.ls_number_parameters                     ? 
_refine.ls_number_restraints                     ? 
_refine.occupancy_min                            ? 
_refine.occupancy_max                            ? 
_refine.B_iso_mean                               24.1 
_refine.aniso_B[1][1]                            ? 
_refine.aniso_B[2][2]                            ? 
_refine.aniso_B[3][3]                            ? 
_refine.aniso_B[1][2]                            ? 
_refine.aniso_B[1][3]                            ? 
_refine.aniso_B[2][3]                            ? 
_refine.solvent_model_details                    'FLAT MODEL' 
_refine.solvent_model_param_ksol                 .4181 
_refine.solvent_model_param_bsol                 57.17 
_refine.pdbx_ls_cross_valid_method               THROUGHOUT 
_refine.details                                  ? 
_refine.pdbx_starting_model                      'PDB ENTRY 1EL4' 
_refine.pdbx_method_to_determine_struct          'MOLECULAR REPLACEMENT' 
_refine.pdbx_isotropic_thermal_model             RESTRAINED 
_refine.pdbx_stereochemistry_target_values       'Engh & Huber' 
_refine.pdbx_stereochem_target_val_spec_case     ? 
_refine.pdbx_R_Free_selection_details            RANDOM 
_refine.pdbx_overall_ESU_R_Free                  ? 
_refine.overall_SU_B                             ? 
_refine.ls_redundancy_reflns_obs                 ? 
_refine.B_iso_min                                ? 
_refine.B_iso_max                                ? 
_refine.correlation_coeff_Fo_to_Fc               ? 
_refine.correlation_coeff_Fo_to_Fc_free          ? 
_refine.overall_SU_R_Cruickshank_DPI             ? 
_refine.overall_SU_R_free                        ? 
_refine.overall_SU_ML                            ? 
_refine.pdbx_overall_ESU_R                       ? 
_refine.pdbx_data_cutoff_high_rms_absF           ? 
_refine.pdbx_refine_id                           'X-RAY DIFFRACTION' 
_refine.pdbx_overall_phase_error                 ? 
_refine.pdbx_solvent_vdw_probe_radii             ? 
_refine.pdbx_solvent_ion_probe_radii             ? 
_refine.pdbx_solvent_shrinkage_radii             ? 
_refine.ls_wR_factor_R_free                      ? 
_refine.ls_wR_factor_R_work                      ? 
_refine.overall_FOM_free_R_set                   ? 
_refine.overall_FOM_work_R_set                   ? 
_refine.pdbx_diffrn_id                           1 
_refine.pdbx_TLS_residual_ADP_flag               ? 
_refine.pdbx_overall_SU_R_free_Cruickshank_DPI   ? 
_refine.pdbx_overall_SU_R_Blow_DPI               ? 
_refine.pdbx_overall_SU_R_free_Blow_DPI          ? 
# 
_refine_analyze.entry_id                        1JF0 
_refine_analyze.Luzzati_coordinate_error_obs    .22 
_refine_analyze.Luzzati_sigma_a_obs             .18 
_refine_analyze.Luzzati_d_res_low_obs           5.00 
_refine_analyze.Luzzati_coordinate_error_free   .28 
_refine_analyze.Luzzati_sigma_a_free            .22 
_refine_analyze.Luzzati_d_res_low_free          ? 
_refine_analyze.number_disordered_residues      ? 
_refine_analyze.occupancy_sum_hydrogen          ? 
_refine_analyze.occupancy_sum_non_hydrogen      ? 
_refine_analyze.pdbx_Luzzati_d_res_high_obs     ? 
_refine_analyze.pdbx_refine_id                  'X-RAY DIFFRACTION' 
# 
_refine_hist.pdbx_refine_id                   'X-RAY DIFFRACTION' 
_refine_hist.cycle_id                         LAST 
_refine_hist.pdbx_number_atoms_protein        1528 
_refine_hist.pdbx_number_atoms_nucleic_acid   0 
_refine_hist.pdbx_number_atoms_ligand         34 
_refine_hist.number_atoms_solvent             111 
_refine_hist.number_atoms_total               1673 
_refine_hist.d_res_high                       1.82 
_refine_hist.d_res_low                        19.63 
# 
loop_
_refine_ls_restr.type 
_refine_ls_restr.dev_ideal 
_refine_ls_restr.dev_ideal_target 
_refine_ls_restr.weight 
_refine_ls_restr.number 
_refine_ls_restr.pdbx_refine_id 
_refine_ls_restr.pdbx_restraint_function 
c_bond_d           .006 ?    ? ? 'X-RAY DIFFRACTION' ? 
c_angle_deg        1.1  ?    ? ? 'X-RAY DIFFRACTION' ? 
c_dihedral_angle_d 19.3 ?    ? ? 'X-RAY DIFFRACTION' ? 
c_improper_angle_d .71  ?    ? ? 'X-RAY DIFFRACTION' ? 
c_mcbond_it        1.87 1.50 ? ? 'X-RAY DIFFRACTION' ? 
c_mcangle_it       2.93 2.00 ? ? 'X-RAY DIFFRACTION' ? 
c_scbond_it        3.27 2.00 ? ? 'X-RAY DIFFRACTION' ? 
c_scangle_it       4.90 2.50 ? ? 'X-RAY DIFFRACTION' ? 
# 
_refine_ls_shell.pdbx_total_number_of_bins_used   6 
_refine_ls_shell.d_res_high                       1.82 
_refine_ls_shell.d_res_low                        1.93 
_refine_ls_shell.number_reflns_R_work             2061 
_refine_ls_shell.R_factor_R_work                  0.2690000 
_refine_ls_shell.percent_reflns_obs               92.8 
_refine_ls_shell.R_factor_R_free                  0.3050000 
_refine_ls_shell.R_factor_R_free_error            .023 
_refine_ls_shell.percent_reflns_R_free            8.0 
_refine_ls_shell.number_reflns_R_free             180 
_refine_ls_shell.number_reflns_obs                2061 
_refine_ls_shell.redundancy_reflns_obs            ? 
_refine_ls_shell.number_reflns_all                ? 
_refine_ls_shell.pdbx_refine_id                   'X-RAY DIFFRACTION' 
_refine_ls_shell.R_factor_all                     ? 
# 
_struct.entry_id                  1JF0 
_struct.title                     'The Crystal Structure of Obelin from Obelia geniculata at 1.82 A Resolution' 
_struct.pdbx_model_details        ? 
_struct.pdbx_CASP_flag            ? 
_struct.pdbx_model_type_details   ? 
# 
_struct_keywords.entry_id        1JF0 
_struct_keywords.pdbx_keywords   'LUMINESCENT PROTEIN' 
_struct_keywords.text            'bioluminescence, calcium-regulated photoprotein, obelin, obelia, hydroid, LUMINESCENT PROTEIN' 
# 
loop_
_struct_asym.id 
_struct_asym.pdbx_blank_PDB_chainid_flag 
_struct_asym.pdbx_modified 
_struct_asym.entity_id 
_struct_asym.details 
A N N 1 ? 
B N N 2 ? 
C N N 3 ? 
# 
_struct_biol.id                    1 
_struct_biol.pdbx_parent_biol_id   ? 
_struct_biol.details               ? 
# 
loop_
_struct_conf.conf_type_id 
_struct_conf.id 
_struct_conf.pdbx_PDB_helix_id 
_struct_conf.beg_label_comp_id 
_struct_conf.beg_label_asym_id 
_struct_conf.beg_label_seq_id 
_struct_conf.pdbx_beg_PDB_ins_code 
_struct_conf.end_label_comp_id 
_struct_conf.end_label_asym_id 
_struct_conf.end_label_seq_id 
_struct_conf.pdbx_end_PDB_ins_code 
_struct_conf.beg_auth_comp_id 
_struct_conf.beg_auth_asym_id 
_struct_conf.beg_auth_seq_id 
_struct_conf.end_auth_comp_id 
_struct_conf.end_auth_asym_id 
_struct_conf.end_auth_seq_id 
_struct_conf.pdbx_PDB_helix_class 
_struct_conf.details 
_struct_conf.pdbx_PDB_helix_length 
HELX_P HELX_P1  1  ASN A 15  ? ASP A 30  ? ASN A 15  ASP A 30  1 ? 16 
HELX_P HELX_P2  2  THR A 38  ? ASP A 48  ? THR A 38  ASP A 48  1 ? 11 
HELX_P HELX_P3  3  ASP A 49  ? GLY A 55  ? ASP A 49  GLY A 55  1 ? 7  
HELX_P HELX_P4  4  THR A 57  ? CYS A 75  ? THR A 57  CYS A 75  1 ? 19 
HELX_P HELX_P5  5  LYS A 84  ? ALA A 104 ? LYS A 84  ALA A 104 1 ? 21 
HELX_P HELX_P6  6  THR A 109 ? PHE A 122 ? THR A 109 PHE A 122 1 ? 14 
HELX_P HELX_P7  7  THR A 131 ? GLY A 143 ? THR A 131 GLY A 143 1 ? 13 
HELX_P HELX_P8  8  SER A 147 ? CYS A 158 ? SER A 147 CYS A 158 1 ? 12 
HELX_P HELX_P9  9  VAL A 168 ? TYR A 180 ? VAL A 168 TYR A 180 1 ? 13 
HELX_P HELX_P10 10 ASP A 183 ? ASP A 187 ? ASP A 183 ASP A 187 5 ? 5  
# 
_struct_conf_type.id          HELX_P 
_struct_conf_type.criteria    ? 
_struct_conf_type.reference   ? 
# 
_struct_sheet.id               A 
_struct_sheet.type             ? 
_struct_sheet.number_strands   2 
_struct_sheet.details          ? 
# 
_struct_sheet_order.sheet_id     A 
_struct_sheet_order.range_id_1   1 
_struct_sheet_order.range_id_2   2 
_struct_sheet_order.offset       ? 
_struct_sheet_order.sense        anti-parallel 
# 
loop_
_struct_sheet_range.sheet_id 
_struct_sheet_range.id 
_struct_sheet_range.beg_label_comp_id 
_struct_sheet_range.beg_label_asym_id 
_struct_sheet_range.beg_label_seq_id 
_struct_sheet_range.pdbx_beg_PDB_ins_code 
_struct_sheet_range.end_label_comp_id 
_struct_sheet_range.end_label_asym_id 
_struct_sheet_range.end_label_seq_id 
_struct_sheet_range.pdbx_end_PDB_ins_code 
_struct_sheet_range.beg_auth_comp_id 
_struct_sheet_range.beg_auth_asym_id 
_struct_sheet_range.beg_auth_seq_id 
_struct_sheet_range.end_auth_comp_id 
_struct_sheet_range.end_auth_asym_id 
_struct_sheet_range.end_auth_seq_id 
A 1 THR A 129 ? ILE A 130 ? THR A 129 ILE A 130 
A 2 LEU A 166 ? ASP A 167 ? LEU A 166 ASP A 167 
# 
_pdbx_struct_sheet_hbond.sheet_id                A 
_pdbx_struct_sheet_hbond.range_id_1              1 
_pdbx_struct_sheet_hbond.range_id_2              2 
_pdbx_struct_sheet_hbond.range_1_label_atom_id   N 
_pdbx_struct_sheet_hbond.range_1_label_comp_id   ILE 
_pdbx_struct_sheet_hbond.range_1_label_asym_id   A 
_pdbx_struct_sheet_hbond.range_1_label_seq_id    130 
_pdbx_struct_sheet_hbond.range_1_PDB_ins_code    ? 
_pdbx_struct_sheet_hbond.range_1_auth_atom_id    N 
_pdbx_struct_sheet_hbond.range_1_auth_comp_id    ILE 
_pdbx_struct_sheet_hbond.range_1_auth_asym_id    A 
_pdbx_struct_sheet_hbond.range_1_auth_seq_id     130 
_pdbx_struct_sheet_hbond.range_2_label_atom_id   O 
_pdbx_struct_sheet_hbond.range_2_label_comp_id   LEU 
_pdbx_struct_sheet_hbond.range_2_label_asym_id   A 
_pdbx_struct_sheet_hbond.range_2_label_seq_id    166 
_pdbx_struct_sheet_hbond.range_2_PDB_ins_code    ? 
_pdbx_struct_sheet_hbond.range_2_auth_atom_id    O 
_pdbx_struct_sheet_hbond.range_2_auth_comp_id    LEU 
_pdbx_struct_sheet_hbond.range_2_auth_asym_id    A 
_pdbx_struct_sheet_hbond.range_2_auth_seq_id     166 
# 
_struct_site.id                   AC1 
_struct_site.pdbx_evidence_code   Software 
_struct_site.pdbx_auth_asym_id    A 
_struct_site.pdbx_auth_comp_id    CZH 
_struct_site.pdbx_auth_seq_id     197 
_struct_site.pdbx_auth_ins_code   ? 
_struct_site.pdbx_num_residues    17 
_struct_site.details              'BINDING SITE FOR RESIDUE CZH A 197' 
# 
loop_
_struct_site_gen.id 
_struct_site_gen.site_id 
_struct_site_gen.pdbx_num_res 
_struct_site_gen.label_comp_id 
_struct_site_gen.label_asym_id 
_struct_site_gen.label_seq_id 
_struct_site_gen.pdbx_auth_ins_code 
_struct_site_gen.auth_comp_id 
_struct_site_gen.auth_asym_id 
_struct_site_gen.auth_seq_id 
_struct_site_gen.label_atom_id 
_struct_site_gen.label_alt_id 
_struct_site_gen.symmetry 
_struct_site_gen.details 
1  AC1 17 HIS A 22  ? HIS A 22  . ? 1_555 ? 
2  AC1 17 MET A 25  ? MET A 25  . ? 1_555 ? 
3  AC1 17 TYR A 28  ? TYR A 28  . ? 1_555 ? 
4  AC1 17 LEU A 29  ? LEU A 29  . ? 1_555 ? 
5  AC1 17 ILE A 42  ? ILE A 42  . ? 1_555 ? 
6  AC1 17 ILE A 50  ? ILE A 50  . ? 1_555 ? 
7  AC1 17 PHE A 88  ? PHE A 88  . ? 1_555 ? 
8  AC1 17 TRP A 92  ? TRP A 92  . ? 1_555 ? 
9  AC1 17 TRP A 114 ? TRP A 114 . ? 1_555 ? 
10 AC1 17 GLY A 115 ? GLY A 115 . ? 1_555 ? 
11 AC1 17 TRP A 135 ? TRP A 135 . ? 1_555 ? 
12 AC1 17 TYR A 138 ? TYR A 138 . ? 1_555 ? 
13 AC1 17 MET A 171 ? MET A 171 . ? 1_555 ? 
14 AC1 17 HIS A 175 ? HIS A 175 . ? 1_555 ? 
15 AC1 17 TRP A 179 ? TRP A 179 . ? 1_555 ? 
16 AC1 17 TYR A 190 ? TYR A 190 . ? 1_555 ? 
17 AC1 17 HOH C .   ? HOH A 199 . ? 1_555 ? 
# 
_atom_sites.entry_id                    1JF0 
_atom_sites.fract_transf_matrix[1][1]   0.02218474 
_atom_sites.fract_transf_matrix[1][2]   0.01255796 
_atom_sites.fract_transf_matrix[1][3]   -0.01552732 
_atom_sites.fract_transf_matrix[2][1]   0.00986105 
_atom_sites.fract_transf_matrix[2][2]   -0.00717979 
_atom_sites.fract_transf_matrix[2][3]   0.00828226 
_atom_sites.fract_transf_matrix[3][1]   -0.00024541 
_atom_sites.fract_transf_matrix[3][2]   -0.01105952 
_atom_sites.fract_transf_matrix[3][3]   -0.00929518 
_atom_sites.fract_transf_vector[1]      0.685621 
_atom_sites.fract_transf_vector[2]      -0.125748 
_atom_sites.fract_transf_vector[3]      0.741102 
# 
loop_
_atom_type.symbol 
C 
N 
O 
S 
# 
loop_
_atom_site.group_PDB 
_atom_site.id 
_atom_site.type_symbol 
_atom_site.label_atom_id 
_atom_site.label_alt_id 
_atom_site.label_comp_id 
_atom_site.label_asym_id 
_atom_site.label_entity_id 
_atom_site.label_seq_id 
_atom_site.pdbx_PDB_ins_code 
_atom_site.Cartn_x 
_atom_site.Cartn_y 
_atom_site.Cartn_z 
_atom_site.occupancy 
_atom_site.B_iso_or_equiv 
_atom_site.pdbx_formal_charge 
_atom_site.auth_seq_id 
_atom_site.auth_comp_id 
_atom_site.auth_asym_id 
_atom_site.auth_atom_id 
_atom_site.pdbx_PDB_model_num 
ATOM   1    N N   . LYS A 1 4   ? -9.140  14.481  -15.030 1.00 36.88 ? 4   LYS A N   1 
ATOM   2    C CA  . LYS A 1 4   ? -9.236  13.291  -14.134 1.00 37.62 ? 4   LYS A CA  1 
ATOM   3    C C   . LYS A 1 4   ? -10.086 12.200  -14.775 1.00 37.73 ? 4   LYS A C   1 
ATOM   4    O O   . LYS A 1 4   ? -11.142 12.478  -15.353 1.00 39.95 ? 4   LYS A O   1 
ATOM   5    C CB  . LYS A 1 4   ? -9.833  13.700  -12.787 1.00 38.27 ? 4   LYS A CB  1 
ATOM   6    C CG  . LYS A 1 4   ? -9.035  14.775  -12.073 1.00 32.38 ? 4   LYS A CG  1 
ATOM   7    C CD  . LYS A 1 4   ? -9.614  15.086  -10.701 1.00 32.38 ? 4   LYS A CD  1 
ATOM   8    C CE  . LYS A 1 4   ? -8.873  16.239  -10.053 1.00 32.38 ? 4   LYS A CE  1 
ATOM   9    N NZ  . LYS A 1 4   ? -9.460  16.595  -8.735  1.00 32.38 ? 4   LYS A NZ  1 
ATOM   10   N N   . TYR A 1 5   ? -9.624  10.957  -14.667 1.00 23.86 ? 5   TYR A N   1 
ATOM   11   C CA  . TYR A 1 5   ? -10.333 9.824   -15.251 1.00 23.10 ? 5   TYR A CA  1 
ATOM   12   C C   . TYR A 1 5   ? -10.715 8.769   -14.216 1.00 23.36 ? 5   TYR A C   1 
ATOM   13   O O   . TYR A 1 5   ? -10.194 8.750   -13.099 1.00 21.01 ? 5   TYR A O   1 
ATOM   14   C CB  . TYR A 1 5   ? -9.483  9.189   -16.333 1.00 22.12 ? 5   TYR A CB  1 
ATOM   15   N N   . ALA A 1 6   ? -11.635 7.888   -14.602 1.00 23.71 ? 6   ALA A N   1 
ATOM   16   C CA  . ALA A 1 6   ? -12.078 6.813   -13.721 1.00 24.32 ? 6   ALA A CA  1 
ATOM   17   C C   . ALA A 1 6   ? -11.033 5.709   -13.750 1.00 25.58 ? 6   ALA A C   1 
ATOM   18   O O   . ALA A 1 6   ? -10.218 5.637   -14.670 1.00 24.95 ? 6   ALA A O   1 
ATOM   19   C CB  . ALA A 1 6   ? -13.421 6.269   -14.192 1.00 21.77 ? 6   ALA A CB  1 
ATOM   20   N N   . VAL A 1 7   ? -11.059 4.840   -12.746 1.00 30.43 ? 7   VAL A N   1 
ATOM   21   C CA  . VAL A 1 7   ? -10.102 3.747   -12.691 1.00 32.70 ? 7   VAL A CA  1 
ATOM   22   C C   . VAL A 1 7   ? -10.615 2.554   -13.491 1.00 34.35 ? 7   VAL A C   1 
ATOM   23   O O   . VAL A 1 7   ? -11.812 2.277   -13.512 1.00 37.21 ? 7   VAL A O   1 
ATOM   24   C CB  . VAL A 1 7   ? -9.851  3.292   -11.243 1.00 28.06 ? 7   VAL A CB  1 
ATOM   25   C CG1 . VAL A 1 7   ? -11.112 2.666   -10.665 1.00 28.03 ? 7   VAL A CG1 1 
ATOM   26   C CG2 . VAL A 1 7   ? -8.691  2.304   -11.203 1.00 29.92 ? 7   VAL A CG2 1 
ATOM   27   N N   . LYS A 1 8   ? -9.699  1.856   -14.149 1.00 41.71 ? 8   LYS A N   1 
ATOM   28   C CA  . LYS A 1 8   ? -10.050 0.684   -14.935 1.00 42.16 ? 8   LYS A CA  1 
ATOM   29   C C   . LYS A 1 8   ? -10.104 -0.499  -13.981 1.00 42.25 ? 8   LYS A C   1 
ATOM   30   O O   . LYS A 1 8   ? -9.184  -0.704  -13.190 1.00 41.83 ? 8   LYS A O   1 
ATOM   31   C CB  . LYS A 1 8   ? -9.001  0.448   -16.009 1.00 38.86 ? 8   LYS A CB  1 
ATOM   32   N N   . LEU A 1 9   ? -11.181 -1.273  -14.044 1.00 42.04 ? 9   LEU A N   1 
ATOM   33   C CA  . LEU A 1 9   ? -11.319 -2.425  -13.168 1.00 42.95 ? 9   LEU A CA  1 
ATOM   34   C C   . LEU A 1 9   ? -10.790 -3.711  -13.801 1.00 43.23 ? 9   LEU A C   1 
ATOM   35   O O   . LEU A 1 9   ? -10.678 -4.737  -13.135 1.00 45.07 ? 9   LEU A O   1 
ATOM   36   C CB  . LEU A 1 9   ? -12.781 -2.598  -12.741 1.00 41.73 ? 9   LEU A CB  1 
ATOM   37   C CG  . LEU A 1 9   ? -13.028 -2.339  -11.247 1.00 27.59 ? 9   LEU A CG  1 
ATOM   38   C CD1 . LEU A 1 9   ? -12.568 -0.938  -10.874 1.00 27.59 ? 9   LEU A CD1 1 
ATOM   39   C CD2 . LEU A 1 9   ? -14.502 -2.529  -10.917 1.00 27.59 ? 9   LEU A CD2 1 
ATOM   40   N N   . GLN A 1 10  ? -10.445 -3.649  -15.081 1.00 39.94 ? 10  GLN A N   1 
ATOM   41   C CA  . GLN A 1 10  ? -9.919  -4.814  -15.787 1.00 38.44 ? 10  GLN A CA  1 
ATOM   42   C C   . GLN A 1 10  ? -8.583  -5.260  -15.198 1.00 37.89 ? 10  GLN A C   1 
ATOM   43   O O   . GLN A 1 10  ? -7.670  -4.449  -15.033 1.00 39.07 ? 10  GLN A O   1 
ATOM   44   C CB  . GLN A 1 10  ? -9.747  -4.485  -17.260 1.00 28.85 ? 10  GLN A CB  1 
ATOM   45   N N   . THR A 1 11  ? -8.465  -6.546  -14.888 1.00 29.44 ? 11  THR A N   1 
ATOM   46   C CA  . THR A 1 11  ? -7.227  -7.084  -14.328 1.00 28.96 ? 11  THR A CA  1 
ATOM   47   C C   . THR A 1 11  ? -6.317  -7.641  -15.424 1.00 28.68 ? 11  THR A C   1 
ATOM   48   O O   . THR A 1 11  ? -6.719  -7.756  -16.579 1.00 29.23 ? 11  THR A O   1 
ATOM   49   C CB  . THR A 1 11  ? -7.502  -8.220  -13.328 1.00 29.97 ? 11  THR A CB  1 
ATOM   50   O OG1 . THR A 1 11  ? -8.282  -9.238  -13.966 1.00 29.00 ? 11  THR A OG1 1 
ATOM   51   C CG2 . THR A 1 11  ? -8.236  -7.694  -12.106 1.00 30.00 ? 11  THR A CG2 1 
ATOM   52   N N   . ASP A 1 12  ? -5.094  -7.995  -15.045 1.00 28.34 ? 12  ASP A N   1 
ATOM   53   C CA  . ASP A 1 12  ? -4.118  -8.540  -15.987 1.00 28.29 ? 12  ASP A CA  1 
ATOM   54   C C   . ASP A 1 12  ? -3.054  -9.295  -15.187 1.00 26.97 ? 12  ASP A C   1 
ATOM   55   O O   . ASP A 1 12  ? -1.872  -8.951  -15.203 1.00 25.98 ? 12  ASP A O   1 
ATOM   56   C CB  . ASP A 1 12  ? -3.503  -7.393  -16.793 1.00 36.46 ? 12  ASP A CB  1 
ATOM   57   C CG  . ASP A 1 12  ? -2.654  -7.875  -17.959 1.00 38.44 ? 12  ASP A CG  1 
ATOM   58   O OD1 . ASP A 1 12  ? -2.865  -9.011  -18.436 1.00 39.69 ? 12  ASP A OD1 1 
ATOM   59   O OD2 . ASP A 1 12  ? -1.784  -7.102  -18.405 1.00 42.25 ? 12  ASP A OD2 1 
ATOM   60   N N   . PHE A 1 13  ? -3.507  -10.340 -14.501 1.00 28.34 ? 13  PHE A N   1 
ATOM   61   C CA  . PHE A 1 13  ? -2.680  -11.181 -13.640 1.00 28.66 ? 13  PHE A CA  1 
ATOM   62   C C   . PHE A 1 13  ? -1.582  -11.994 -14.316 1.00 29.42 ? 13  PHE A C   1 
ATOM   63   O O   . PHE A 1 13  ? -0.714  -12.549 -13.639 1.00 30.53 ? 13  PHE A O   1 
ATOM   64   C CB  . PHE A 1 13  ? -3.584  -12.129 -12.849 1.00 22.30 ? 13  PHE A CB  1 
ATOM   65   C CG  . PHE A 1 13  ? -4.608  -11.427 -12.000 1.00 21.85 ? 13  PHE A CG  1 
ATOM   66   C CD1 . PHE A 1 13  ? -5.809  -12.052 -11.687 1.00 21.95 ? 13  PHE A CD1 1 
ATOM   67   C CD2 . PHE A 1 13  ? -4.371  -10.148 -11.505 1.00 20.99 ? 13  PHE A CD2 1 
ATOM   68   C CE1 . PHE A 1 13  ? -6.760  -11.416 -10.895 1.00 21.55 ? 13  PHE A CE1 1 
ATOM   69   C CE2 . PHE A 1 13  ? -5.315  -9.503  -10.709 1.00 21.93 ? 13  PHE A CE2 1 
ATOM   70   C CZ  . PHE A 1 13  ? -6.512  -10.138 -10.403 1.00 21.48 ? 13  PHE A CZ  1 
ATOM   71   N N   . ASP A 1 14  ? -1.616  -12.069 -15.640 1.00 29.86 ? 14  ASP A N   1 
ATOM   72   C CA  . ASP A 1 14  ? -0.624  -12.838 -16.381 1.00 31.12 ? 14  ASP A CA  1 
ATOM   73   C C   . ASP A 1 14  ? 0.515   -11.966 -16.883 1.00 30.89 ? 14  ASP A C   1 
ATOM   74   O O   . ASP A 1 14  ? 1.605   -12.462 -17.175 1.00 31.93 ? 14  ASP A O   1 
ATOM   75   C CB  . ASP A 1 14  ? -1.295  -13.531 -17.571 1.00 40.62 ? 14  ASP A CB  1 
ATOM   76   C CG  . ASP A 1 14  ? -2.188  -14.681 -17.152 1.00 42.58 ? 14  ASP A CG  1 
ATOM   77   O OD1 . ASP A 1 14  ? -3.073  -15.062 -17.947 1.00 46.34 ? 14  ASP A OD1 1 
ATOM   78   O OD2 . ASP A 1 14  ? -2.000  -15.216 -16.037 1.00 43.57 ? 14  ASP A OD2 1 
ATOM   79   N N   . ASN A 1 15  ? 0.258   -10.666 -16.981 1.00 26.70 ? 15  ASN A N   1 
ATOM   80   C CA  . ASN A 1 15  ? 1.255   -9.724  -17.471 1.00 25.30 ? 15  ASN A CA  1 
ATOM   81   C C   . ASN A 1 15  ? 2.536   -9.764  -16.648 1.00 24.57 ? 15  ASN A C   1 
ATOM   82   O O   . ASN A 1 15  ? 2.519   -9.545  -15.438 1.00 23.18 ? 15  ASN A O   1 
ATOM   83   C CB  . ASN A 1 15  ? 0.695   -8.302  -17.464 1.00 25.60 ? 15  ASN A CB  1 
ATOM   84   C CG  . ASN A 1 15  ? 1.584   -7.327  -18.210 1.00 26.98 ? 15  ASN A CG  1 
ATOM   85   O OD1 . ASN A 1 15  ? 2.806   -7.347  -18.063 1.00 27.70 ? 15  ASN A OD1 1 
ATOM   86   N ND2 . ASN A 1 15  ? 0.975   -6.464  -19.009 1.00 25.26 ? 15  ASN A ND2 1 
ATOM   87   N N   . PRO A 1 16  ? 3.671   -10.047 -17.300 1.00 26.03 ? 16  PRO A N   1 
ATOM   88   C CA  . PRO A 1 16  ? 4.943   -10.101 -16.577 1.00 25.88 ? 16  PRO A CA  1 
ATOM   89   C C   . PRO A 1 16  ? 5.199   -8.824  -15.775 1.00 24.42 ? 16  PRO A C   1 
ATOM   90   O O   . PRO A 1 16  ? 5.874   -8.852  -14.753 1.00 25.42 ? 16  PRO A O   1 
ATOM   91   C CB  . PRO A 1 16  ? 5.963   -10.304 -17.695 1.00 31.57 ? 16  PRO A CB  1 
ATOM   92   C CG  . PRO A 1 16  ? 5.201   -11.143 -18.678 1.00 32.54 ? 16  PRO A CG  1 
ATOM   93   C CD  . PRO A 1 16  ? 3.847   -10.449 -18.709 1.00 34.25 ? 16  PRO A CD  1 
ATOM   94   N N   . LYS A 1 17  ? 4.646   -7.708  -16.237 1.00 25.24 ? 17  LYS A N   1 
ATOM   95   C CA  . LYS A 1 17  ? 4.839   -6.437  -15.548 1.00 24.33 ? 17  LYS A CA  1 
ATOM   96   C C   . LYS A 1 17  ? 4.145   -6.418  -14.194 1.00 22.86 ? 17  LYS A C   1 
ATOM   97   O O   . LYS A 1 17  ? 4.672   -5.865  -13.229 1.00 22.81 ? 17  LYS A O   1 
ATOM   98   C CB  . LYS A 1 17  ? 4.323   -5.278  -16.404 1.00 26.03 ? 17  LYS A CB  1 
ATOM   99   C CG  . LYS A 1 17  ? 4.563   -3.921  -15.771 1.00 28.49 ? 17  LYS A CG  1 
ATOM   100  C CD  . LYS A 1 17  ? 4.217   -2.777  -16.703 1.00 30.70 ? 17  LYS A CD  1 
ATOM   101  C CE  . LYS A 1 17  ? 4.679   -1.450  -16.109 1.00 30.16 ? 17  LYS A CE  1 
ATOM   102  N NZ  . LYS A 1 17  ? 4.384   -0.301  -17.004 1.00 32.00 ? 17  LYS A NZ  1 
ATOM   103  N N   . TRP A 1 18  ? 2.962   -7.019  -14.127 1.00 18.99 ? 18  TRP A N   1 
ATOM   104  C CA  . TRP A 1 18  ? 2.209   -7.059  -12.883 1.00 19.06 ? 18  TRP A CA  1 
ATOM   105  C C   . TRP A 1 18  ? 2.867   -8.031  -11.910 1.00 19.12 ? 18  TRP A C   1 
ATOM   106  O O   . TRP A 1 18  ? 2.958   -7.768  -10.711 1.00 18.90 ? 18  TRP A O   1 
ATOM   107  C CB  . TRP A 1 18  ? 0.763   -7.482  -13.150 1.00 19.91 ? 18  TRP A CB  1 
ATOM   108  C CG  . TRP A 1 18  ? -0.104  -7.430  -11.927 1.00 21.05 ? 18  TRP A CG  1 
ATOM   109  C CD1 . TRP A 1 18  ? -0.587  -6.311  -11.303 1.00 22.46 ? 18  TRP A CD1 1 
ATOM   110  C CD2 . TRP A 1 18  ? -0.551  -8.545  -11.153 1.00 21.90 ? 18  TRP A CD2 1 
ATOM   111  N NE1 . TRP A 1 18  ? -1.306  -6.668  -10.184 1.00 21.26 ? 18  TRP A NE1 1 
ATOM   112  C CE2 . TRP A 1 18  ? -1.297  -8.034  -10.070 1.00 21.48 ? 18  TRP A CE2 1 
ATOM   113  C CE3 . TRP A 1 18  ? -0.389  -9.933  -11.269 1.00 21.84 ? 18  TRP A CE3 1 
ATOM   114  C CZ2 . TRP A 1 18  ? -1.882  -8.863  -9.106  1.00 23.53 ? 18  TRP A CZ2 1 
ATOM   115  C CZ3 . TRP A 1 18  ? -0.970  -10.756 -10.311 1.00 22.70 ? 18  TRP A CZ3 1 
ATOM   116  C CH2 . TRP A 1 18  ? -1.707  -10.216 -9.243  1.00 22.39 ? 18  TRP A CH2 1 
ATOM   117  N N   . ILE A 1 19  ? 3.341   -9.155  -12.432 1.00 17.41 ? 19  ILE A N   1 
ATOM   118  C CA  . ILE A 1 19  ? 3.986   -10.144 -11.585 1.00 19.40 ? 19  ILE A CA  1 
ATOM   119  C C   . ILE A 1 19  ? 5.326   -9.614  -11.072 1.00 20.23 ? 19  ILE A C   1 
ATOM   120  O O   . ILE A 1 19  ? 5.688   -9.846  -9.918  1.00 17.67 ? 19  ILE A O   1 
ATOM   121  C CB  . ILE A 1 19  ? 4.189   -11.476 -12.353 1.00 25.09 ? 19  ILE A CB  1 
ATOM   122  C CG1 . ILE A 1 19  ? 2.839   -11.964 -12.891 1.00 24.30 ? 19  ILE A CG1 1 
ATOM   123  C CG2 . ILE A 1 19  ? 4.812   -12.528 -11.439 1.00 26.19 ? 19  ILE A CG2 1 
ATOM   124  C CD1 . ILE A 1 19  ? 2.871   -13.359 -13.514 1.00 24.71 ? 19  ILE A CD1 1 
ATOM   125  N N   . LYS A 1 20  ? 6.053   -8.886  -11.919 1.00 25.28 ? 20  LYS A N   1 
ATOM   126  C CA  . LYS A 1 20  ? 7.348   -8.340  -11.524 1.00 24.75 ? 20  LYS A CA  1 
ATOM   127  C C   . LYS A 1 20  ? 7.199   -7.295  -10.424 1.00 22.68 ? 20  LYS A C   1 
ATOM   128  O O   . LYS A 1 20  ? 8.061   -7.164  -9.561  1.00 22.01 ? 20  LYS A O   1 
ATOM   129  C CB  . LYS A 1 20  ? 8.071   -7.709  -12.727 1.00 31.82 ? 20  LYS A CB  1 
ATOM   130  C CG  . LYS A 1 20  ? 8.561   -8.712  -13.773 1.00 38.22 ? 20  LYS A CG  1 
ATOM   131  C CD  . LYS A 1 20  ? 9.480   -9.779  -13.167 1.00 40.43 ? 20  LYS A CD  1 
ATOM   132  C CE  . LYS A 1 20  ? 10.804  -9.195  -12.673 1.00 43.99 ? 20  LYS A CE  1 
ATOM   133  N NZ  . LYS A 1 20  ? 11.699  -8.754  -13.789 1.00 45.84 ? 20  LYS A NZ  1 
ATOM   134  N N   . ARG A 1 21  ? 6.101   -6.551  -10.462 1.00 17.98 ? 21  ARG A N   1 
ATOM   135  C CA  . ARG A 1 21  ? 5.857   -5.524  -9.459  1.00 16.67 ? 21  ARG A CA  1 
ATOM   136  C C   . ARG A 1 21  ? 5.714   -6.165  -8.087  1.00 15.12 ? 21  ARG A C   1 
ATOM   137  O O   . ARG A 1 21  ? 6.342   -5.729  -7.127  1.00 12.54 ? 21  ARG A O   1 
ATOM   138  C CB  . ARG A 1 21  ? 4.599   -4.731  -9.814  1.00 20.18 ? 21  ARG A CB  1 
ATOM   139  C CG  . ARG A 1 21  ? 4.220   -3.645  -8.815  1.00 19.13 ? 21  ARG A CG  1 
ATOM   140  C CD  . ARG A 1 21  ? 3.190   -2.697  -9.424  1.00 20.56 ? 21  ARG A CD  1 
ATOM   141  N NE  . ARG A 1 21  ? 3.757   -1.944  -10.542 1.00 19.33 ? 21  ARG A NE  1 
ATOM   142  C CZ  . ARG A 1 21  ? 3.039   -1.275  -11.438 1.00 18.27 ? 21  ARG A CZ  1 
ATOM   143  N NH1 . ARG A 1 21  ? 1.717   -1.253  -11.359 1.00 19.90 ? 21  ARG A NH1 1 
ATOM   144  N NH2 . ARG A 1 21  ? 3.648   -0.632  -12.424 1.00 20.75 ? 21  ARG A NH2 1 
ATOM   145  N N   . HIS A 1 22  ? 4.907   -7.218  -7.999  1.00 18.96 ? 22  HIS A N   1 
ATOM   146  C CA  . HIS A 1 22  ? 4.712   -7.889  -6.723  1.00 17.95 ? 22  HIS A CA  1 
ATOM   147  C C   . HIS A 1 22  ? 5.920   -8.704  -6.311  1.00 18.94 ? 22  HIS A C   1 
ATOM   148  O O   . HIS A 1 22  ? 6.128   -8.964  -5.130  1.00 19.18 ? 22  HIS A O   1 
ATOM   149  C CB  . HIS A 1 22  ? 3.436   -8.735  -6.769  1.00 19.49 ? 22  HIS A CB  1 
ATOM   150  C CG  . HIS A 1 22  ? 2.191   -7.907  -6.775  1.00 19.91 ? 22  HIS A CG  1 
ATOM   151  N ND1 . HIS A 1 22  ? 1.801   -7.151  -5.689  1.00 20.73 ? 22  HIS A ND1 1 
ATOM   152  C CD2 . HIS A 1 22  ? 1.298   -7.641  -7.758  1.00 20.31 ? 22  HIS A CD2 1 
ATOM   153  C CE1 . HIS A 1 22  ? 0.724   -6.454  -6.003  1.00 18.42 ? 22  HIS A CE1 1 
ATOM   154  N NE2 . HIS A 1 22  ? 0.398   -6.732  -7.253  1.00 20.23 ? 22  HIS A NE2 1 
ATOM   155  N N   . LYS A 1 23  ? 6.731   -9.100  -7.286  1.00 22.75 ? 23  LYS A N   1 
ATOM   156  C CA  . LYS A 1 23  ? 7.938   -9.845  -6.971  1.00 22.96 ? 23  LYS A CA  1 
ATOM   157  C C   . LYS A 1 23  ? 8.907   -8.871  -6.315  1.00 21.60 ? 23  LYS A C   1 
ATOM   158  O O   . LYS A 1 23  ? 9.556   -9.196  -5.329  1.00 20.59 ? 23  LYS A O   1 
ATOM   159  C CB  . LYS A 1 23  ? 8.572   -10.427 -8.236  1.00 27.91 ? 23  LYS A CB  1 
ATOM   160  C CG  . LYS A 1 23  ? 9.955   -11.019 -7.995  1.00 29.42 ? 23  LYS A CG  1 
ATOM   161  C CD  . LYS A 1 23  ? 9.900   -12.065 -6.898  1.00 32.74 ? 23  LYS A CD  1 
ATOM   162  C CE  . LYS A 1 23  ? 11.276  -12.613 -6.561  1.00 35.78 ? 23  LYS A CE  1 
ATOM   163  N NZ  . LYS A 1 23  ? 11.154  -13.835 -5.732  1.00 34.36 ? 23  LYS A NZ  1 
ATOM   164  N N   . PHE A 1 24  ? 8.997   -7.668  -6.876  1.00 19.18 ? 24  PHE A N   1 
ATOM   165  C CA  . PHE A 1 24  ? 9.872   -6.627  -6.339  1.00 18.57 ? 24  PHE A CA  1 
ATOM   166  C C   . PHE A 1 24  ? 9.495   -6.325  -4.892  1.00 18.42 ? 24  PHE A C   1 
ATOM   167  O O   . PHE A 1 24  ? 10.358  -6.192  -4.022  1.00 18.70 ? 24  PHE A O   1 
ATOM   168  C CB  . PHE A 1 24  ? 9.728   -5.348  -7.169  1.00 20.72 ? 24  PHE A CB  1 
ATOM   169  C CG  . PHE A 1 24  ? 10.516  -4.186  -6.639  1.00 21.43 ? 24  PHE A CG  1 
ATOM   170  C CD1 . PHE A 1 24  ? 11.871  -4.051  -6.933  1.00 22.97 ? 24  PHE A CD1 1 
ATOM   171  C CD2 . PHE A 1 24  ? 9.908   -3.228  -5.829  1.00 21.19 ? 24  PHE A CD2 1 
ATOM   172  C CE1 . PHE A 1 24  ? 12.611  -2.971  -6.427  1.00 22.62 ? 24  PHE A CE1 1 
ATOM   173  C CE2 . PHE A 1 24  ? 10.635  -2.149  -5.319  1.00 21.76 ? 24  PHE A CE2 1 
ATOM   174  C CZ  . PHE A 1 24  ? 11.989  -2.020  -5.619  1.00 22.31 ? 24  PHE A CZ  1 
ATOM   175  N N   . MET A 1 25  ? 8.196   -6.215  -4.639  1.00 18.46 ? 25  MET A N   1 
ATOM   176  C CA  . MET A 1 25  ? 7.703   -5.922  -3.300  1.00 17.28 ? 25  MET A CA  1 
ATOM   177  C C   . MET A 1 25  ? 7.899   -7.110  -2.363  1.00 15.93 ? 25  MET A C   1 
ATOM   178  O O   . MET A 1 25  ? 8.230   -6.938  -1.188  1.00 16.86 ? 25  MET A O   1 
ATOM   179  C CB  . MET A 1 25  ? 6.223   -5.536  -3.365  1.00 17.65 ? 25  MET A CB  1 
ATOM   180  C CG  . MET A 1 25  ? 5.944   -4.265  -4.148  1.00 19.75 ? 25  MET A CG  1 
ATOM   181  S SD  . MET A 1 25  ? 6.793   -2.831  -3.459  1.00 20.11 ? 25  MET A SD  1 
ATOM   182  C CE  . MET A 1 25  ? 5.949   -2.656  -1.877  1.00 18.41 ? 25  MET A CE  1 
ATOM   183  N N   . PHE A 1 26  ? 7.692   -8.316  -2.876  1.00 17.45 ? 26  PHE A N   1 
ATOM   184  C CA  . PHE A 1 26  ? 7.881   -9.501  -2.055  1.00 18.34 ? 26  PHE A CA  1 
ATOM   185  C C   . PHE A 1 26  ? 9.327   -9.513  -1.581  1.00 19.33 ? 26  PHE A C   1 
ATOM   186  O O   . PHE A 1 26  ? 9.604   -9.719  -0.399  1.00 19.76 ? 26  PHE A O   1 
ATOM   187  C CB  . PHE A 1 26  ? 7.604   -10.774 -2.851  1.00 18.18 ? 26  PHE A CB  1 
ATOM   188  C CG  . PHE A 1 26  ? 7.786   -12.029 -2.054  1.00 20.45 ? 26  PHE A CG  1 
ATOM   189  C CD1 . PHE A 1 26  ? 6.770   -12.504 -1.232  1.00 18.62 ? 26  PHE A CD1 1 
ATOM   190  C CD2 . PHE A 1 26  ? 8.986   -12.732 -2.110  1.00 20.62 ? 26  PHE A CD2 1 
ATOM   191  C CE1 . PHE A 1 26  ? 6.942   -13.663 -0.478  1.00 20.90 ? 26  PHE A CE1 1 
ATOM   192  C CE2 . PHE A 1 26  ? 9.171   -13.891 -1.360  1.00 20.49 ? 26  PHE A CE2 1 
ATOM   193  C CZ  . PHE A 1 26  ? 8.146   -14.357 -0.541  1.00 21.30 ? 26  PHE A CZ  1 
ATOM   194  N N   . ASP A 1 27  ? 10.254  -9.285  -2.506  1.00 22.41 ? 27  ASP A N   1 
ATOM   195  C CA  . ASP A 1 27  ? 11.667  -9.275  -2.144  1.00 20.95 ? 27  ASP A CA  1 
ATOM   196  C C   . ASP A 1 27  ? 11.958  -8.166  -1.143  1.00 21.84 ? 27  ASP A C   1 
ATOM   197  O O   . ASP A 1 27  ? 12.779  -8.331  -0.239  1.00 20.38 ? 27  ASP A O   1 
ATOM   198  C CB  . ASP A 1 27  ? 12.542  -9.094  -3.383  1.00 23.29 ? 27  ASP A CB  1 
ATOM   199  C CG  . ASP A 1 27  ? 12.422  -10.250 -4.355  1.00 25.64 ? 27  ASP A CG  1 
ATOM   200  O OD1 . ASP A 1 27  ? 12.129  -11.380 -3.903  1.00 23.40 ? 27  ASP A OD1 1 
ATOM   201  O OD2 . ASP A 1 27  ? 12.637  -10.029 -5.566  1.00 24.56 ? 27  ASP A OD2 1 
ATOM   202  N N   . TYR A 1 28  ? 11.286  -7.030  -1.310  1.00 20.03 ? 28  TYR A N   1 
ATOM   203  C CA  . TYR A 1 28  ? 11.451  -5.891  -0.408  1.00 19.08 ? 28  TYR A CA  1 
ATOM   204  C C   . TYR A 1 28  ? 10.967  -6.275  0.991   1.00 20.25 ? 28  TYR A C   1 
ATOM   205  O O   . TYR A 1 28  ? 11.533  -5.843  1.999   1.00 19.07 ? 28  TYR A O   1 
ATOM   206  C CB  . TYR A 1 28  ? 10.669  -4.685  -0.963  1.00 19.61 ? 28  TYR A CB  1 
ATOM   207  C CG  . TYR A 1 28  ? 9.981   -3.800  0.056   1.00 18.83 ? 28  TYR A CG  1 
ATOM   208  C CD1 . TYR A 1 28  ? 10.708  -2.953  0.892   1.00 18.32 ? 28  TYR A CD1 1 
ATOM   209  C CD2 . TYR A 1 28  ? 8.588   -3.798  0.168   1.00 18.35 ? 28  TYR A CD2 1 
ATOM   210  C CE1 . TYR A 1 28  ? 10.062  -2.121  1.816   1.00 18.58 ? 28  TYR A CE1 1 
ATOM   211  C CE2 . TYR A 1 28  ? 7.935   -2.973  1.084   1.00 18.77 ? 28  TYR A CE2 1 
ATOM   212  C CZ  . TYR A 1 28  ? 8.671   -2.139  1.902   1.00 18.47 ? 28  TYR A CZ  1 
ATOM   213  O OH  . TYR A 1 28  ? 8.016   -1.329  2.805   1.00 18.60 ? 28  TYR A OH  1 
ATOM   214  N N   . LEU A 1 29  ? 9.921   -7.094  1.053   1.00 20.19 ? 29  LEU A N   1 
ATOM   215  C CA  . LEU A 1 29  ? 9.386   -7.537  2.337   1.00 21.11 ? 29  LEU A CA  1 
ATOM   216  C C   . LEU A 1 29  ? 10.233  -8.660  2.927   1.00 22.23 ? 29  LEU A C   1 
ATOM   217  O O   . LEU A 1 29  ? 10.298  -8.822  4.142   1.00 22.08 ? 29  LEU A O   1 
ATOM   218  C CB  . LEU A 1 29  ? 7.941   -8.024  2.183   1.00 16.95 ? 29  LEU A CB  1 
ATOM   219  C CG  . LEU A 1 29  ? 6.869   -6.950  2.014   1.00 17.68 ? 29  LEU A CG  1 
ATOM   220  C CD1 . LEU A 1 29  ? 5.533   -7.605  1.716   1.00 13.99 ? 29  LEU A CD1 1 
ATOM   221  C CD2 . LEU A 1 29  ? 6.789   -6.112  3.277   1.00 19.27 ? 29  LEU A CD2 1 
ATOM   222  N N   . ASP A 1 30  ? 10.873  -9.432  2.052   1.00 23.99 ? 30  ASP A N   1 
ATOM   223  C CA  . ASP A 1 30  ? 11.720  -10.555 2.457   1.00 24.29 ? 30  ASP A CA  1 
ATOM   224  C C   . ASP A 1 30  ? 13.117  -10.035 2.794   1.00 26.70 ? 30  ASP A C   1 
ATOM   225  O O   . ASP A 1 30  ? 14.060  -10.223 2.030   1.00 25.59 ? 30  ASP A O   1 
ATOM   226  C CB  . ASP A 1 30  ? 11.802  -11.570 1.316   1.00 22.26 ? 30  ASP A CB  1 
ATOM   227  C CG  . ASP A 1 30  ? 12.584  -12.823 1.682   1.00 20.44 ? 30  ASP A CG  1 
ATOM   228  O OD1 . ASP A 1 30  ? 13.056  -12.952 2.838   1.00 21.13 ? 30  ASP A OD1 1 
ATOM   229  O OD2 . ASP A 1 30  ? 12.720  -13.691 0.793   1.00 21.84 ? 30  ASP A OD2 1 
ATOM   230  N N   . ILE A 1 31  ? 13.221  -9.370  3.938   1.00 28.34 ? 31  ILE A N   1 
ATOM   231  C CA  . ILE A 1 31  ? 14.472  -8.797  4.423   1.00 31.87 ? 31  ILE A CA  1 
ATOM   232  C C   . ILE A 1 31  ? 15.659  -9.754  4.349   1.00 32.17 ? 31  ILE A C   1 
ATOM   233  O O   . ILE A 1 31  ? 16.653  -9.478  3.677   1.00 31.71 ? 31  ILE A O   1 
ATOM   234  C CB  . ILE A 1 31  ? 14.315  -8.318  5.893   1.00 39.00 ? 31  ILE A CB  1 
ATOM   235  C CG1 . ILE A 1 31  ? 13.323  -7.158  5.956   1.00 41.22 ? 31  ILE A CG1 1 
ATOM   236  C CG2 . ILE A 1 31  ? 15.661  -7.909  6.468   1.00 43.43 ? 31  ILE A CG2 1 
ATOM   237  C CD1 . ILE A 1 31  ? 13.634  -6.022  4.993   1.00 40.76 ? 31  ILE A CD1 1 
ATOM   238  N N   . ASN A 1 32  ? 15.550  -10.870 5.063   1.00 33.81 ? 32  ASN A N   1 
ATOM   239  C CA  . ASN A 1 32  ? 16.605  -11.878 5.112   1.00 34.54 ? 32  ASN A CA  1 
ATOM   240  C C   . ASN A 1 32  ? 16.814  -12.637 3.800   1.00 34.77 ? 32  ASN A C   1 
ATOM   241  O O   . ASN A 1 32  ? 17.767  -13.409 3.664   1.00 34.41 ? 32  ASN A O   1 
ATOM   242  C CB  . ASN A 1 32  ? 16.317  -12.879 6.241   1.00 52.07 ? 32  ASN A CB  1 
ATOM   243  C CG  . ASN A 1 32  ? 14.912  -13.465 6.170   1.00 54.60 ? 32  ASN A CG  1 
ATOM   244  O OD1 . ASN A 1 32  ? 14.645  -14.536 6.720   1.00 55.05 ? 32  ASN A OD1 1 
ATOM   245  N ND2 . ASN A 1 32  ? 14.003  -12.756 5.502   1.00 55.57 ? 32  ASN A ND2 1 
ATOM   246  N N   . GLY A 1 33  ? 15.929  -12.417 2.836   1.00 34.43 ? 33  GLY A N   1 
ATOM   247  C CA  . GLY A 1 33  ? 16.051  -13.100 1.563   1.00 34.03 ? 33  GLY A CA  1 
ATOM   248  C C   . GLY A 1 33  ? 16.001  -14.608 1.721   1.00 33.51 ? 33  GLY A C   1 
ATOM   249  O O   . GLY A 1 33  ? 16.780  -15.332 1.104   1.00 34.73 ? 33  GLY A O   1 
ATOM   250  N N   . ASN A 1 34  ? 15.084  -15.084 2.555   1.00 30.66 ? 34  ASN A N   1 
ATOM   251  C CA  . ASN A 1 34  ? 14.941  -16.515 2.790   1.00 29.46 ? 34  ASN A CA  1 
ATOM   252  C C   . ASN A 1 34  ? 13.833  -17.093 1.920   1.00 27.70 ? 34  ASN A C   1 
ATOM   253  O O   . ASN A 1 34  ? 13.493  -18.266 2.041   1.00 28.08 ? 34  ASN A O   1 
ATOM   254  C CB  . ASN A 1 34  ? 14.641  -16.780 4.265   1.00 46.44 ? 34  ASN A CB  1 
ATOM   255  C CG  . ASN A 1 34  ? 13.374  -16.109 4.728   1.00 47.50 ? 34  ASN A CG  1 
ATOM   256  O OD1 . ASN A 1 34  ? 13.187  -14.915 4.519   1.00 51.63 ? 34  ASN A OD1 1 
ATOM   257  N ND2 . ASN A 1 34  ? 12.497  -16.869 5.369   1.00 51.01 ? 34  ASN A ND2 1 
ATOM   258  N N   . GLY A 1 35  ? 13.268  -16.253 1.057   1.00 23.25 ? 35  GLY A N   1 
ATOM   259  C CA  . GLY A 1 35  ? 12.223  -16.697 0.148   1.00 23.10 ? 35  GLY A CA  1 
ATOM   260  C C   . GLY A 1 35  ? 10.835  -16.897 0.724   1.00 20.94 ? 35  GLY A C   1 
ATOM   261  O O   . GLY A 1 35  ? 9.992   -17.540 0.107   1.00 20.67 ? 35  GLY A O   1 
ATOM   262  N N   . GLN A 1 36  ? 10.585  -16.353 1.905   1.00 25.52 ? 36  GLN A N   1 
ATOM   263  C CA  . GLN A 1 36  ? 9.275   -16.498 2.518   1.00 27.27 ? 36  GLN A CA  1 
ATOM   264  C C   . GLN A 1 36  ? 9.063   -15.418 3.564   1.00 26.14 ? 36  GLN A C   1 
ATOM   265  O O   . GLN A 1 36  ? 10.018  -14.941 4.176   1.00 26.05 ? 36  GLN A O   1 
ATOM   266  C CB  . GLN A 1 36  ? 9.148   -17.878 3.161   1.00 37.47 ? 36  GLN A CB  1 
ATOM   267  C CG  . GLN A 1 36  ? 10.067  -18.092 4.353   1.00 40.51 ? 36  GLN A CG  1 
ATOM   268  C CD  . GLN A 1 36  ? 10.115  -19.538 4.798   1.00 43.98 ? 36  GLN A CD  1 
ATOM   269  O OE1 . GLN A 1 36  ? 10.771  -19.872 5.782   1.00 46.41 ? 36  GLN A OE1 1 
ATOM   270  N NE2 . GLN A 1 36  ? 9.422   -20.406 4.070   1.00 45.20 ? 36  GLN A NE2 1 
ATOM   271  N N   . ILE A 1 37  ? 7.809   -15.028 3.754   1.00 25.75 ? 37  ILE A N   1 
ATOM   272  C CA  . ILE A 1 37  ? 7.464   -14.008 4.732   1.00 24.70 ? 37  ILE A CA  1 
ATOM   273  C C   . ILE A 1 37  ? 6.299   -14.511 5.582   1.00 22.48 ? 37  ILE A C   1 
ATOM   274  O O   . ILE A 1 37  ? 5.623   -15.460 5.209   1.00 23.97 ? 37  ILE A O   1 
ATOM   275  C CB  . ILE A 1 37  ? 7.075   -12.683 4.037   1.00 19.02 ? 37  ILE A CB  1 
ATOM   276  C CG1 . ILE A 1 37  ? 5.895   -12.907 3.096   1.00 18.83 ? 37  ILE A CG1 1 
ATOM   277  C CG2 . ILE A 1 37  ? 8.260   -12.147 3.243   1.00 18.00 ? 37  ILE A CG2 1 
ATOM   278  C CD1 . ILE A 1 37  ? 5.437   -11.647 2.394   1.00 18.84 ? 37  ILE A CD1 1 
ATOM   279  N N   . THR A 1 38  ? 6.080   -13.887 6.731   1.00 20.26 ? 38  THR A N   1 
ATOM   280  C CA  . THR A 1 38  ? 4.998   -14.301 7.616   1.00 19.37 ? 38  THR A CA  1 
ATOM   281  C C   . THR A 1 38  ? 4.195   -13.084 8.035   1.00 19.57 ? 38  THR A C   1 
ATOM   282  O O   . THR A 1 38  ? 4.705   -11.959 8.040   1.00 19.96 ? 38  THR A O   1 
ATOM   283  C CB  . THR A 1 38  ? 5.537   -14.947 8.890   1.00 19.62 ? 38  THR A CB  1 
ATOM   284  O OG1 . THR A 1 38  ? 6.224   -13.951 9.651   1.00 18.53 ? 38  THR A OG1 1 
ATOM   285  C CG2 . THR A 1 38  ? 6.511   -16.078 8.560   1.00 20.30 ? 38  THR A CG2 1 
ATOM   286  N N   . LEU A 1 39  ? 2.938   -13.301 8.400   1.00 21.14 ? 39  LEU A N   1 
ATOM   287  C CA  . LEU A 1 39  ? 2.113   -12.187 8.824   1.00 21.34 ? 39  LEU A CA  1 
ATOM   288  C C   . LEU A 1 39  ? 2.784   -11.547 10.031  1.00 22.28 ? 39  LEU A C   1 
ATOM   289  O O   . LEU A 1 39  ? 2.669   -10.348 10.252  1.00 23.27 ? 39  LEU A O   1 
ATOM   290  C CB  . LEU A 1 39  ? 0.708   -12.659 9.196   1.00 17.30 ? 39  LEU A CB  1 
ATOM   291  C CG  . LEU A 1 39  ? -0.282  -11.512 9.427   1.00 18.23 ? 39  LEU A CG  1 
ATOM   292  C CD1 . LEU A 1 39  ? -0.230  -10.550 8.246   1.00 18.56 ? 39  LEU A CD1 1 
ATOM   293  C CD2 . LEU A 1 39  ? -1.684  -12.069 9.609   1.00 16.68 ? 39  LEU A CD2 1 
ATOM   294  N N   . ASP A 1 40  ? 3.493   -12.355 10.810  1.00 20.56 ? 40  ASP A N   1 
ATOM   295  C CA  . ASP A 1 40  ? 4.180   -11.840 11.980  1.00 21.57 ? 40  ASP A CA  1 
ATOM   296  C C   . ASP A 1 40  ? 5.199   -10.771 11.618  1.00 21.92 ? 40  ASP A C   1 
ATOM   297  O O   . ASP A 1 40  ? 5.327   -9.768  12.323  1.00 21.30 ? 40  ASP A O   1 
ATOM   298  C CB  . ASP A 1 40  ? 4.882   -12.969 12.734  1.00 20.92 ? 40  ASP A CB  1 
ATOM   299  C CG  . ASP A 1 40  ? 3.912   -14.011 13.251  1.00 20.06 ? 40  ASP A CG  1 
ATOM   300  O OD1 . ASP A 1 40  ? 3.552   -14.923 12.478  1.00 24.52 ? 40  ASP A OD1 1 
ATOM   301  O OD2 . ASP A 1 40  ? 3.505   -13.906 14.429  1.00 22.42 ? 40  ASP A OD2 1 
ATOM   302  N N   . GLU A 1 41  ? 5.921   -10.976 10.518  1.00 20.06 ? 41  GLU A N   1 
ATOM   303  C CA  . GLU A 1 41  ? 6.935   -10.011 10.112  1.00 21.01 ? 41  GLU A CA  1 
ATOM   304  C C   . GLU A 1 41  ? 6.270   -8.750  9.585   1.00 19.70 ? 41  GLU A C   1 
ATOM   305  O O   . GLU A 1 41  ? 6.697   -7.638  9.890   1.00 20.61 ? 41  GLU A O   1 
ATOM   306  C CB  . GLU A 1 41  ? 7.851   -10.622 9.049   1.00 22.67 ? 41  GLU A CB  1 
ATOM   307  C CG  . GLU A 1 41  ? 8.576   -11.877 9.538   1.00 25.65 ? 41  GLU A CG  1 
ATOM   308  C CD  . GLU A 1 41  ? 9.381   -12.562 8.454   1.00 27.91 ? 41  GLU A CD  1 
ATOM   309  O OE1 . GLU A 1 41  ? 8.919   -12.589 7.297   1.00 25.41 ? 41  GLU A OE1 1 
ATOM   310  O OE2 . GLU A 1 41  ? 10.473  -13.087 8.764   1.00 32.39 ? 41  GLU A OE2 1 
ATOM   311  N N   . ILE A 1 42  ? 5.211   -8.929  8.807   1.00 18.61 ? 42  ILE A N   1 
ATOM   312  C CA  . ILE A 1 42  ? 4.487   -7.798  8.248   1.00 17.25 ? 42  ILE A CA  1 
ATOM   313  C C   . ILE A 1 42  ? 3.868   -6.936  9.349   1.00 16.40 ? 42  ILE A C   1 
ATOM   314  O O   . ILE A 1 42  ? 3.946   -5.711  9.294   1.00 16.46 ? 42  ILE A O   1 
ATOM   315  C CB  . ILE A 1 42  ? 3.398   -8.287  7.261   1.00 19.72 ? 42  ILE A CB  1 
ATOM   316  C CG1 . ILE A 1 42  ? 4.010   -8.476  5.870   1.00 21.03 ? 42  ILE A CG1 1 
ATOM   317  C CG2 . ILE A 1 42  ? 2.239   -7.313  7.213   1.00 19.93 ? 42  ILE A CG2 1 
ATOM   318  C CD1 . ILE A 1 42  ? 5.157   -9.471  5.827   1.00 22.51 ? 42  ILE A CD1 1 
ATOM   319  N N   . VAL A 1 43  ? 3.262   -7.567  10.352  1.00 16.29 ? 43  VAL A N   1 
ATOM   320  C CA  . VAL A 1 43  ? 2.646   -6.818  11.446  1.00 15.96 ? 43  VAL A CA  1 
ATOM   321  C C   . VAL A 1 43  ? 3.697   -6.133  12.321  1.00 17.97 ? 43  VAL A C   1 
ATOM   322  O O   . VAL A 1 43  ? 3.492   -5.019  12.808  1.00 17.75 ? 43  VAL A O   1 
ATOM   323  C CB  . VAL A 1 43  ? 1.752   -7.743  12.321  1.00 19.49 ? 43  VAL A CB  1 
ATOM   324  C CG1 . VAL A 1 43  ? 1.413   -7.070  13.638  1.00 19.01 ? 43  VAL A CG1 1 
ATOM   325  C CG2 . VAL A 1 43  ? 0.471   -8.078  11.569  1.00 19.69 ? 43  VAL A CG2 1 
ATOM   326  N N   . SER A 1 44  ? 4.827   -6.797  12.521  1.00 18.99 ? 44  SER A N   1 
ATOM   327  C CA  . SER A 1 44  ? 5.882   -6.219  13.332  1.00 19.29 ? 44  SER A CA  1 
ATOM   328  C C   . SER A 1 44  ? 6.421   -4.993  12.600  1.00 18.99 ? 44  SER A C   1 
ATOM   329  O O   . SER A 1 44  ? 6.687   -3.962  13.212  1.00 20.86 ? 44  SER A O   1 
ATOM   330  C CB  . SER A 1 44  ? 6.998   -7.237  13.551  1.00 21.21 ? 44  SER A CB  1 
ATOM   331  O OG  . SER A 1 44  ? 7.883   -6.780  14.554  1.00 25.42 ? 44  SER A OG  1 
ATOM   332  N N   . LYS A 1 45  ? 6.574   -5.109  11.287  1.00 18.41 ? 45  LYS A N   1 
ATOM   333  C CA  . LYS A 1 45  ? 7.051   -3.990  10.480  1.00 18.17 ? 45  LYS A CA  1 
ATOM   334  C C   . LYS A 1 45  ? 6.059   -2.836  10.617  1.00 17.49 ? 45  LYS A C   1 
ATOM   335  O O   . LYS A 1 45  ? 6.445   -1.684  10.772  1.00 17.69 ? 45  LYS A O   1 
ATOM   336  C CB  . LYS A 1 45  ? 7.151   -4.392  9.006   1.00 16.39 ? 45  LYS A CB  1 
ATOM   337  C CG  . LYS A 1 45  ? 7.644   -3.283  8.089   1.00 16.95 ? 45  LYS A CG  1 
ATOM   338  C CD  . LYS A 1 45  ? 7.640   -3.720  6.632   1.00 17.69 ? 45  LYS A CD  1 
ATOM   339  C CE  . LYS A 1 45  ? 8.278   -2.673  5.724   1.00 19.89 ? 45  LYS A CE  1 
ATOM   340  N NZ  . LYS A 1 45  ? 9.734   -2.453  6.025   1.00 18.57 ? 45  LYS A NZ  1 
ATOM   341  N N   . ALA A 1 46  ? 4.773   -3.162  10.569  1.00 17.51 ? 46  ALA A N   1 
ATOM   342  C CA  . ALA A 1 46  ? 3.729   -2.157  10.672  1.00 17.23 ? 46  ALA A CA  1 
ATOM   343  C C   . ALA A 1 46  ? 3.641   -1.485  12.033  1.00 16.74 ? 46  ALA A C   1 
ATOM   344  O O   . ALA A 1 46  ? 3.654   -0.256  12.133  1.00 17.46 ? 46  ALA A O   1 
ATOM   345  C CB  . ALA A 1 46  ? 2.357   -2.777  10.312  1.00 14.69 ? 46  ALA A CB  1 
ATOM   346  N N   . SER A 1 47  ? 3.574   -2.290  13.084  1.00 15.89 ? 47  SER A N   1 
ATOM   347  C CA  . SER A 1 47  ? 3.414   -1.760  14.430  1.00 15.59 ? 47  SER A CA  1 
ATOM   348  C C   . SER A 1 47  ? 4.659   -1.390  15.227  1.00 17.09 ? 47  SER A C   1 
ATOM   349  O O   . SER A 1 47  ? 4.717   -0.312  15.825  1.00 16.44 ? 47  SER A O   1 
ATOM   350  C CB  . SER A 1 47  ? 2.575   -2.743  15.251  1.00 19.25 ? 47  SER A CB  1 
ATOM   351  O OG  . SER A 1 47  ? 1.364   -3.049  14.576  1.00 18.29 ? 47  SER A OG  1 
ATOM   352  N N   . ASP A 1 48  ? 5.646   -2.280  15.240  1.00 18.98 ? 48  ASP A N   1 
ATOM   353  C CA  . ASP A 1 48  ? 6.862   -2.062  16.016  1.00 20.08 ? 48  ASP A CA  1 
ATOM   354  C C   . ASP A 1 48  ? 7.958   -1.269  15.328  1.00 19.76 ? 48  ASP A C   1 
ATOM   355  O O   . ASP A 1 48  ? 8.953   -0.906  15.953  1.00 22.39 ? 48  ASP A O   1 
ATOM   356  C CB  . ASP A 1 48  ? 7.397   -3.413  16.481  1.00 22.86 ? 48  ASP A CB  1 
ATOM   357  C CG  . ASP A 1 48  ? 6.347   -4.215  17.204  1.00 23.09 ? 48  ASP A CG  1 
ATOM   358  O OD1 . ASP A 1 48  ? 5.796   -3.692  18.193  1.00 23.86 ? 48  ASP A OD1 1 
ATOM   359  O OD2 . ASP A 1 48  ? 6.061   -5.358  16.782  1.00 22.71 ? 48  ASP A OD2 1 
ATOM   360  N N   . ASP A 1 49  ? 7.771   -0.980  14.047  1.00 21.36 ? 49  ASP A N   1 
ATOM   361  C CA  . ASP A 1 49  ? 8.752   -0.214  13.298  1.00 19.79 ? 49  ASP A CA  1 
ATOM   362  C C   . ASP A 1 49  ? 8.117   1.083   12.802  1.00 20.17 ? 49  ASP A C   1 
ATOM   363  O O   . ASP A 1 49  ? 8.399   2.166   13.324  1.00 20.01 ? 49  ASP A O   1 
ATOM   364  C CB  . ASP A 1 49  ? 9.271   -1.036  12.112  1.00 21.33 ? 49  ASP A CB  1 
ATOM   365  C CG  . ASP A 1 49  ? 10.418  -0.351  11.378  1.00 23.42 ? 49  ASP A CG  1 
ATOM   366  O OD1 . ASP A 1 49  ? 10.987  -0.962  10.446  1.00 21.46 ? 49  ASP A OD1 1 
ATOM   367  O OD2 . ASP A 1 49  ? 10.753  0.795   11.736  1.00 25.32 ? 49  ASP A OD2 1 
ATOM   368  N N   . ILE A 1 50  ? 7.252   0.965   11.801  1.00 18.91 ? 50  ILE A N   1 
ATOM   369  C CA  . ILE A 1 50  ? 6.596   2.127   11.212  1.00 17.22 ? 50  ILE A CA  1 
ATOM   370  C C   . ILE A 1 50  ? 5.805   2.976   12.205  1.00 16.57 ? 50  ILE A C   1 
ATOM   371  O O   . ILE A 1 50  ? 6.090   4.157   12.370  1.00 14.19 ? 50  ILE A O   1 
ATOM   372  C CB  . ILE A 1 50  ? 5.665   1.700   10.053  1.00 19.35 ? 50  ILE A CB  1 
ATOM   373  C CG1 . ILE A 1 50  ? 6.492   0.986   8.980   1.00 19.03 ? 50  ILE A CG1 1 
ATOM   374  C CG2 . ILE A 1 50  ? 4.953   2.928   9.461   1.00 18.31 ? 50  ILE A CG2 1 
ATOM   375  C CD1 . ILE A 1 50  ? 5.706   0.561   7.742   1.00 20.11 ? 50  ILE A CD1 1 
ATOM   376  N N   . CYS A 1 51  ? 4.807   2.397   12.862  1.00 15.91 ? 51  CYS A N   1 
ATOM   377  C CA  . CYS A 1 51  ? 4.025   3.185   13.814  1.00 16.03 ? 51  CYS A CA  1 
ATOM   378  C C   . CYS A 1 51  ? 4.859   3.743   14.965  1.00 18.08 ? 51  CYS A C   1 
ATOM   379  O O   . CYS A 1 51  ? 4.637   4.871   15.418  1.00 17.89 ? 51  CYS A O   1 
ATOM   380  C CB  . CYS A 1 51  ? 2.870   2.357   14.372  1.00 14.61 ? 51  CYS A CB  1 
ATOM   381  S SG  . CYS A 1 51  ? 1.487   2.208   13.218  1.00 16.23 ? 51  CYS A SG  1 
ATOM   382  N N   . LYS A 1 52  ? 5.823   2.962   15.436  1.00 18.44 ? 52  LYS A N   1 
ATOM   383  C CA  . LYS A 1 52  ? 6.661   3.408   16.540  1.00 17.91 ? 52  LYS A CA  1 
ATOM   384  C C   . LYS A 1 52  ? 7.479   4.635   16.151  1.00 18.61 ? 52  LYS A C   1 
ATOM   385  O O   . LYS A 1 52  ? 7.518   5.632   16.885  1.00 16.18 ? 52  LYS A O   1 
ATOM   386  C CB  . LYS A 1 52  ? 7.592   2.275   16.981  1.00 18.74 ? 52  LYS A CB  1 
ATOM   387  C CG  . LYS A 1 52  ? 8.417   2.603   18.218  1.00 21.85 ? 52  LYS A CG  1 
ATOM   388  C CD  . LYS A 1 52  ? 9.337   1.451   18.594  1.00 19.55 ? 52  LYS A CD  1 
ATOM   389  C CE  . LYS A 1 52  ? 10.405  1.206   17.530  1.00 24.18 ? 52  LYS A CE  1 
ATOM   390  N NZ  . LYS A 1 52  ? 11.158  -0.056  17.802  1.00 21.52 ? 52  LYS A NZ  1 
ATOM   391  N N   . ASN A 1 53  ? 8.120   4.570   14.987  1.00 19.56 ? 53  ASN A N   1 
ATOM   392  C CA  . ASN A 1 53  ? 8.951   5.670   14.516  1.00 21.30 ? 53  ASN A CA  1 
ATOM   393  C C   . ASN A 1 53  ? 8.208   6.902   14.008  1.00 21.29 ? 53  ASN A C   1 
ATOM   394  O O   . ASN A 1 53  ? 8.804   7.971   13.891  1.00 22.05 ? 53  ASN A O   1 
ATOM   395  C CB  . ASN A 1 53  ? 9.921   5.170   13.446  1.00 22.23 ? 53  ASN A CB  1 
ATOM   396  C CG  . ASN A 1 53  ? 11.024  4.310   14.028  1.00 25.97 ? 53  ASN A CG  1 
ATOM   397  O OD1 . ASN A 1 53  ? 11.760  4.748   14.914  1.00 23.79 ? 53  ASN A OD1 1 
ATOM   398  N ND2 . ASN A 1 53  ? 11.143  3.083   13.538  1.00 27.29 ? 53  ASN A ND2 1 
ATOM   399  N N   . LEU A 1 54  ? 6.920   6.761   13.696  1.00 19.49 ? 54  LEU A N   1 
ATOM   400  C CA  . LEU A 1 54  ? 6.135   7.906   13.223  1.00 18.19 ? 54  LEU A CA  1 
ATOM   401  C C   . LEU A 1 54  ? 5.461   8.582   14.404  1.00 17.80 ? 54  LEU A C   1 
ATOM   402  O O   . LEU A 1 54  ? 4.857   9.652   14.272  1.00 17.90 ? 54  LEU A O   1 
ATOM   403  C CB  . LEU A 1 54  ? 5.064   7.460   12.229  1.00 17.13 ? 54  LEU A CB  1 
ATOM   404  C CG  . LEU A 1 54  ? 5.544   6.978   10.867  1.00 16.24 ? 54  LEU A CG  1 
ATOM   405  C CD1 . LEU A 1 54  ? 4.334   6.594   10.029  1.00 13.88 ? 54  LEU A CD1 1 
ATOM   406  C CD2 . LEU A 1 54  ? 6.342   8.082   10.181  1.00 18.91 ? 54  LEU A CD2 1 
ATOM   407  N N   . GLY A 1 55  ? 5.548   7.933   15.556  1.00 15.59 ? 55  GLY A N   1 
ATOM   408  C CA  . GLY A 1 55  ? 4.961   8.485   16.758  1.00 15.86 ? 55  GLY A CA  1 
ATOM   409  C C   . GLY A 1 55  ? 3.467   8.268   16.855  1.00 17.54 ? 55  GLY A C   1 
ATOM   410  O O   . GLY A 1 55  ? 2.758   9.101   17.409  1.00 15.32 ? 55  GLY A O   1 
ATOM   411  N N   . ALA A 1 56  ? 2.988   7.149   16.319  1.00 21.32 ? 56  ALA A N   1 
ATOM   412  C CA  . ALA A 1 56  ? 1.566   6.835   16.367  1.00 22.17 ? 56  ALA A CA  1 
ATOM   413  C C   . ALA A 1 56  ? 1.129   6.558   17.799  1.00 21.79 ? 56  ALA A C   1 
ATOM   414  O O   . ALA A 1 56  ? 1.894   6.014   18.592  1.00 21.31 ? 56  ALA A O   1 
ATOM   415  C CB  . ALA A 1 56  ? 1.272   5.611   15.499  1.00 14.70 ? 56  ALA A CB  1 
ATOM   416  N N   . THR A 1 57  ? -0.106  6.919   18.128  1.00 21.48 ? 57  THR A N   1 
ATOM   417  C CA  . THR A 1 57  ? -0.617  6.666   19.469  1.00 22.20 ? 57  THR A CA  1 
ATOM   418  C C   . THR A 1 57  ? -0.940  5.187   19.541  1.00 22.20 ? 57  THR A C   1 
ATOM   419  O O   . THR A 1 57  ? -0.985  4.507   18.514  1.00 21.79 ? 57  THR A O   1 
ATOM   420  C CB  . THR A 1 57  ? -1.911  7.441   19.748  1.00 22.65 ? 57  THR A CB  1 
ATOM   421  O OG1 . THR A 1 57  ? -2.952  6.932   18.910  1.00 22.89 ? 57  THR A OG1 1 
ATOM   422  C CG2 . THR A 1 57  ? -1.718  8.922   19.484  1.00 20.77 ? 57  THR A CG2 1 
ATOM   423  N N   . PRO A 1 58  ? -1.172  4.664   20.753  1.00 19.10 ? 58  PRO A N   1 
ATOM   424  C CA  . PRO A 1 58  ? -1.495  3.250   20.900  1.00 19.13 ? 58  PRO A CA  1 
ATOM   425  C C   . PRO A 1 58  ? -2.715  2.874   20.070  1.00 17.76 ? 58  PRO A C   1 
ATOM   426  O O   . PRO A 1 58  ? -2.740  1.826   19.432  1.00 16.52 ? 58  PRO A O   1 
ATOM   427  C CB  . PRO A 1 58  ? -1.740  3.111   22.400  1.00 25.29 ? 58  PRO A CB  1 
ATOM   428  C CG  . PRO A 1 58  ? -0.762  4.093   22.975  1.00 25.10 ? 58  PRO A CG  1 
ATOM   429  C CD  . PRO A 1 58  ? -0.975  5.294   22.075  1.00 26.65 ? 58  PRO A CD  1 
ATOM   430  N N   . ALA A 1 59  ? -3.721  3.744   20.074  1.00 18.30 ? 59  ALA A N   1 
ATOM   431  C CA  . ALA A 1 59  ? -4.946  3.492   19.325  1.00 18.72 ? 59  ALA A CA  1 
ATOM   432  C C   . ALA A 1 59  ? -4.699  3.438   17.814  1.00 17.62 ? 59  ALA A C   1 
ATOM   433  O O   . ALA A 1 59  ? -5.145  2.504   17.138  1.00 16.16 ? 59  ALA A O   1 
ATOM   434  C CB  . ALA A 1 59  ? -5.979  4.563   19.651  1.00 19.18 ? 59  ALA A CB  1 
ATOM   435  N N   . GLN A 1 60  ? -3.987  4.435   17.292  1.00 16.22 ? 60  GLN A N   1 
ATOM   436  C CA  . GLN A 1 60  ? -3.683  4.494   15.863  1.00 16.44 ? 60  GLN A CA  1 
ATOM   437  C C   . GLN A 1 60  ? -2.877  3.276   15.440  1.00 16.49 ? 60  GLN A C   1 
ATOM   438  O O   . GLN A 1 60  ? -3.120  2.689   14.385  1.00 16.79 ? 60  GLN A O   1 
ATOM   439  C CB  . GLN A 1 60  ? -2.888  5.762   15.534  1.00 18.29 ? 60  GLN A CB  1 
ATOM   440  C CG  . GLN A 1 60  ? -3.533  7.048   16.015  1.00 18.89 ? 60  GLN A CG  1 
ATOM   441  C CD  . GLN A 1 60  ? -2.697  8.272   15.703  1.00 22.53 ? 60  GLN A CD  1 
ATOM   442  O OE1 . GLN A 1 60  ? -1.488  8.285   15.937  1.00 25.32 ? 60  GLN A OE1 1 
ATOM   443  N NE2 . GLN A 1 60  ? -3.339  9.317   15.177  1.00 20.89 ? 60  GLN A NE2 1 
ATOM   444  N N   . THR A 1 61  ? -1.906  2.905   16.268  1.00 17.80 ? 61  THR A N   1 
ATOM   445  C CA  . THR A 1 61  ? -1.075  1.752   15.974  1.00 15.71 ? 61  THR A CA  1 
ATOM   446  C C   . THR A 1 61  ? -1.941  0.504   15.913  1.00 15.77 ? 61  THR A C   1 
ATOM   447  O O   . THR A 1 61  ? -1.746  -0.347  15.048  1.00 15.98 ? 61  THR A O   1 
ATOM   448  C CB  . THR A 1 61  ? 0.019   1.561   17.040  1.00 14.36 ? 61  THR A CB  1 
ATOM   449  O OG1 . THR A 1 61  ? 0.865   2.722   17.070  1.00 17.31 ? 61  THR A OG1 1 
ATOM   450  C CG2 . THR A 1 61  ? 0.871   0.324   16.714  1.00 13.68 ? 61  THR A CG2 1 
ATOM   451  N N   . GLN A 1 62  ? -2.908  0.391   16.821  1.00 13.22 ? 62  GLN A N   1 
ATOM   452  C CA  . GLN A 1 62  ? -3.767  -0.785  16.820  1.00 14.07 ? 62  GLN A CA  1 
ATOM   453  C C   . GLN A 1 62  ? -4.662  -0.831  15.588  1.00 14.34 ? 62  GLN A C   1 
ATOM   454  O O   . GLN A 1 62  ? -4.794  -1.877  14.963  1.00 12.82 ? 62  GLN A O   1 
ATOM   455  C CB  . GLN A 1 62  ? -4.636  -0.836  18.075  1.00 15.53 ? 62  GLN A CB  1 
ATOM   456  C CG  . GLN A 1 62  ? -5.490  -2.091  18.152  1.00 22.59 ? 62  GLN A CG  1 
ATOM   457  C CD  . GLN A 1 62  ? -4.652  -3.353  18.262  1.00 26.76 ? 62  GLN A CD  1 
ATOM   458  O OE1 . GLN A 1 62  ? -4.829  -4.304  17.497  1.00 30.84 ? 62  GLN A OE1 1 
ATOM   459  N NE2 . GLN A 1 62  ? -3.735  -3.368  19.219  1.00 31.11 ? 62  GLN A NE2 1 
ATOM   460  N N   . ARG A 1 63  ? -5.287  0.295   15.247  1.00 14.70 ? 63  ARG A N   1 
ATOM   461  C CA  . ARG A 1 63  ? -6.160  0.334   14.072  1.00 14.92 ? 63  ARG A CA  1 
ATOM   462  C C   . ARG A 1 63  ? -5.361  -0.013  12.821  1.00 14.94 ? 63  ARG A C   1 
ATOM   463  O O   . ARG A 1 63  ? -5.805  -0.799  11.980  1.00 13.26 ? 63  ARG A O   1 
ATOM   464  C CB  . ARG A 1 63  ? -6.781  1.721   13.896  1.00 26.42 ? 63  ARG A CB  1 
ATOM   465  C CG  . ARG A 1 63  ? -7.548  1.860   12.581  1.00 30.60 ? 63  ARG A CG  1 
ATOM   466  C CD  . ARG A 1 63  ? -8.072  3.270   12.376  1.00 33.98 ? 63  ARG A CD  1 
ATOM   467  N NE  . ARG A 1 63  ? -9.008  3.659   13.425  1.00 35.59 ? 63  ARG A NE  1 
ATOM   468  C CZ  . ARG A 1 63  ? -10.206 3.111   13.597  1.00 36.10 ? 63  ARG A CZ  1 
ATOM   469  N NH1 . ARG A 1 63  ? -10.622 2.147   12.784  1.00 37.57 ? 63  ARG A NH1 1 
ATOM   470  N NH2 . ARG A 1 63  ? -10.983 3.523   14.588  1.00 36.66 ? 63  ARG A NH2 1 
ATOM   471  N N   . HIS A 1 64  ? -4.183  0.593   12.696  1.00 15.21 ? 64  HIS A N   1 
ATOM   472  C CA  . HIS A 1 64  ? -3.303  0.338   11.558  1.00 15.52 ? 64  HIS A CA  1 
ATOM   473  C C   . HIS A 1 64  ? -2.930  -1.150  11.509  1.00 13.99 ? 64  HIS A C   1 
ATOM   474  O O   . HIS A 1 64  ? -2.893  -1.750  10.439  1.00 12.03 ? 64  HIS A O   1 
ATOM   475  C CB  . HIS A 1 64  ? -2.041  1.207   11.670  1.00 15.90 ? 64  HIS A CB  1 
ATOM   476  C CG  . HIS A 1 64  ? -1.095  1.071   10.517  1.00 16.56 ? 64  HIS A CG  1 
ATOM   477  N ND1 . HIS A 1 64  ? 0.047   0.301   10.574  1.00 18.57 ? 64  HIS A ND1 1 
ATOM   478  C CD2 . HIS A 1 64  ? -1.100  1.641   9.287   1.00 16.87 ? 64  HIS A CD2 1 
ATOM   479  C CE1 . HIS A 1 64  ? 0.706   0.406   9.433   1.00 17.21 ? 64  HIS A CE1 1 
ATOM   480  N NE2 . HIS A 1 64  ? 0.032   1.212   8.636   1.00 18.03 ? 64  HIS A NE2 1 
ATOM   481  N N   . GLN A 1 65  ? -2.667  -1.754  12.661  1.00 14.39 ? 65  GLN A N   1 
ATOM   482  C CA  . GLN A 1 65  ? -2.323  -3.175  12.667  1.00 13.37 ? 65  GLN A CA  1 
ATOM   483  C C   . GLN A 1 65  ? -3.523  -3.999  12.193  1.00 12.81 ? 65  GLN A C   1 
ATOM   484  O O   . GLN A 1 65  ? -3.383  -4.923  11.390  1.00 12.61 ? 65  GLN A O   1 
ATOM   485  C CB  . GLN A 1 65  ? -1.909  -3.625  14.068  1.00 17.32 ? 65  GLN A CB  1 
ATOM   486  C CG  . GLN A 1 65  ? -1.551  -5.099  14.163  1.00 16.73 ? 65  GLN A CG  1 
ATOM   487  C CD  . GLN A 1 65  ? -0.921  -5.450  15.504  1.00 18.58 ? 65  GLN A CD  1 
ATOM   488  O OE1 . GLN A 1 65  ? 0.154   -4.960  15.835  1.00 20.62 ? 65  GLN A OE1 1 
ATOM   489  N NE2 . GLN A 1 65  ? -1.596  -6.293  16.277  1.00 17.21 ? 65  GLN A NE2 1 
ATOM   490  N N   . ASP A 1 66  ? -4.707  -3.654  12.684  1.00 15.14 ? 66  ASP A N   1 
ATOM   491  C CA  . ASP A 1 66  ? -5.906  -4.387  12.302  1.00 16.94 ? 66  ASP A CA  1 
ATOM   492  C C   . ASP A 1 66  ? -6.120  -4.336  10.794  1.00 15.57 ? 66  ASP A C   1 
ATOM   493  O O   . ASP A 1 66  ? -6.542  -5.318  10.186  1.00 15.71 ? 66  ASP A O   1 
ATOM   494  C CB  . ASP A 1 66  ? -7.142  -3.825  13.027  1.00 18.71 ? 66  ASP A CB  1 
ATOM   495  C CG  . ASP A 1 66  ? -7.125  -4.105  14.523  1.00 21.21 ? 66  ASP A CG  1 
ATOM   496  O OD1 . ASP A 1 66  ? -6.362  -4.993  14.966  1.00 22.69 ? 66  ASP A OD1 1 
ATOM   497  O OD2 . ASP A 1 66  ? -7.887  -3.446  15.261  1.00 23.58 ? 66  ASP A OD2 1 
ATOM   498  N N   . CYS A 1 67  ? -5.826  -3.189  10.186  1.00 14.67 ? 67  CYS A N   1 
ATOM   499  C CA  . CYS A 1 67  ? -5.997  -3.043  8.751   1.00 14.46 ? 67  CYS A CA  1 
ATOM   500  C C   . CYS A 1 67  ? -4.915  -3.791  7.977   1.00 14.31 ? 67  CYS A C   1 
ATOM   501  O O   . CYS A 1 67  ? -5.188  -4.411  6.957   1.00 13.21 ? 67  CYS A O   1 
ATOM   502  C CB  . CYS A 1 67  ? -5.996  -1.562  8.374   1.00 15.30 ? 67  CYS A CB  1 
ATOM   503  S SG  . CYS A 1 67  ? -7.457  -0.667  9.002   1.00 17.79 ? 67  CYS A SG  1 
ATOM   504  N N   . VAL A 1 68  ? -3.682  -3.729  8.462   1.00 14.91 ? 68  VAL A N   1 
ATOM   505  C CA  . VAL A 1 68  ? -2.597  -4.436  7.798   1.00 14.24 ? 68  VAL A CA  1 
ATOM   506  C C   . VAL A 1 68  ? -2.856  -5.939  7.870   1.00 16.38 ? 68  VAL A C   1 
ATOM   507  O O   . VAL A 1 68  ? -2.692  -6.661  6.879   1.00 15.70 ? 68  VAL A O   1 
ATOM   508  C CB  . VAL A 1 68  ? -1.240  -4.098  8.454   1.00 18.09 ? 68  VAL A CB  1 
ATOM   509  C CG1 . VAL A 1 68  ? -0.177  -5.083  8.011   1.00 15.04 ? 68  VAL A CG1 1 
ATOM   510  C CG2 . VAL A 1 68  ? -0.829  -2.675  8.073   1.00 18.13 ? 68  VAL A CG2 1 
ATOM   511  N N   . GLU A 1 69  ? -3.282  -6.405  9.042   1.00 18.62 ? 69  GLU A N   1 
ATOM   512  C CA  . GLU A 1 69  ? -3.582  -7.817  9.244   1.00 17.61 ? 69  GLU A CA  1 
ATOM   513  C C   . GLU A 1 69  ? -4.667  -8.283  8.279   1.00 19.21 ? 69  GLU A C   1 
ATOM   514  O O   . GLU A 1 69  ? -4.549  -9.347  7.680   1.00 20.58 ? 69  GLU A O   1 
ATOM   515  C CB  . GLU A 1 69  ? -4.029  -8.069  10.699  1.00 23.83 ? 69  GLU A CB  1 
ATOM   516  C CG  . GLU A 1 69  ? -4.595  -9.471  10.956  1.00 26.39 ? 69  GLU A CG  1 
ATOM   517  C CD  . GLU A 1 69  ? -4.895  -9.738  12.424  1.00 29.66 ? 69  GLU A CD  1 
ATOM   518  O OE1 . GLU A 1 69  ? -5.536  -10.766 12.721  1.00 33.97 ? 69  GLU A OE1 1 
ATOM   519  O OE2 . GLU A 1 69  ? -4.484  -8.935  13.287  1.00 30.67 ? 69  GLU A OE2 1 
ATOM   520  N N   . ALA A 1 70  ? -5.725  -7.487  8.128   1.00 17.32 ? 70  ALA A N   1 
ATOM   521  C CA  . ALA A 1 70  ? -6.820  -7.846  7.235   1.00 16.41 ? 70  ALA A CA  1 
ATOM   522  C C   . ALA A 1 70  ? -6.361  -7.816  5.788   1.00 16.34 ? 70  ALA A C   1 
ATOM   523  O O   . ALA A 1 70  ? -6.729  -8.676  4.991   1.00 15.87 ? 70  ALA A O   1 
ATOM   524  C CB  . ALA A 1 70  ? -7.998  -6.891  7.431   1.00 18.22 ? 70  ALA A CB  1 
ATOM   525  N N   . PHE A 1 71  ? -5.545  -6.821  5.450   1.00 13.85 ? 71  PHE A N   1 
ATOM   526  C CA  . PHE A 1 71  ? -5.057  -6.695  4.087   1.00 14.27 ? 71  PHE A CA  1 
ATOM   527  C C   . PHE A 1 71  ? -4.214  -7.895  3.670   1.00 15.79 ? 71  PHE A C   1 
ATOM   528  O O   . PHE A 1 71  ? -4.509  -8.550  2.674   1.00 15.53 ? 71  PHE A O   1 
ATOM   529  C CB  . PHE A 1 71  ? -4.220  -5.424  3.918   1.00 18.79 ? 71  PHE A CB  1 
ATOM   530  C CG  . PHE A 1 71  ? -3.923  -5.089  2.480   1.00 17.60 ? 71  PHE A CG  1 
ATOM   531  C CD1 . PHE A 1 71  ? -4.842  -4.373  1.717   1.00 18.82 ? 71  PHE A CD1 1 
ATOM   532  C CD2 . PHE A 1 71  ? -2.742  -5.512  1.884   1.00 18.94 ? 71  PHE A CD2 1 
ATOM   533  C CE1 . PHE A 1 71  ? -4.587  -4.081  0.372   1.00 20.25 ? 71  PHE A CE1 1 
ATOM   534  C CE2 . PHE A 1 71  ? -2.471  -5.226  0.540   1.00 19.90 ? 71  PHE A CE2 1 
ATOM   535  C CZ  . PHE A 1 71  ? -3.395  -4.510  -0.215  1.00 19.38 ? 71  PHE A CZ  1 
ATOM   536  N N   . PHE A 1 72  ? -3.168  -8.195  4.432   1.00 17.21 ? 72  PHE A N   1 
ATOM   537  C CA  . PHE A 1 72  ? -2.326  -9.312  4.054   1.00 18.17 ? 72  PHE A CA  1 
ATOM   538  C C   . PHE A 1 72  ? -2.956  -10.678 4.269   1.00 20.01 ? 72  PHE A C   1 
ATOM   539  O O   . PHE A 1 72  ? -2.465  -11.682 3.756   1.00 19.56 ? 72  PHE A O   1 
ATOM   540  C CB  . PHE A 1 72  ? -0.955  -9.176  4.711   1.00 15.43 ? 72  PHE A CB  1 
ATOM   541  C CG  . PHE A 1 72  ? -0.142  -8.062  4.112   1.00 16.03 ? 72  PHE A CG  1 
ATOM   542  C CD1 . PHE A 1 72  ? -0.201  -6.778  4.642   1.00 15.34 ? 72  PHE A CD1 1 
ATOM   543  C CD2 . PHE A 1 72  ? 0.586   -8.270  2.942   1.00 16.83 ? 72  PHE A CD2 1 
ATOM   544  C CE1 . PHE A 1 72  ? 0.443   -5.711  4.019   1.00 15.28 ? 72  PHE A CE1 1 
ATOM   545  C CE2 . PHE A 1 72  ? 1.239   -7.208  2.304   1.00 15.16 ? 72  PHE A CE2 1 
ATOM   546  C CZ  . PHE A 1 72  ? 1.166   -5.926  2.846   1.00 16.87 ? 72  PHE A CZ  1 
ATOM   547  N N   . ARG A 1 73  ? -4.052  -10.725 5.017   1.00 24.33 ? 73  ARG A N   1 
ATOM   548  C CA  . ARG A 1 73  ? -4.751  -11.989 5.177   1.00 27.21 ? 73  ARG A CA  1 
ATOM   549  C C   . ARG A 1 73  ? -5.489  -12.139 3.860   1.00 28.00 ? 73  ARG A C   1 
ATOM   550  O O   . ARG A 1 73  ? -5.757  -13.247 3.397   1.00 29.00 ? 73  ARG A O   1 
ATOM   551  C CB  . ARG A 1 73  ? -5.746  -11.937 6.334   1.00 23.37 ? 73  ARG A CB  1 
ATOM   552  C CG  . ARG A 1 73  ? -5.103  -12.264 7.653   1.00 25.54 ? 73  ARG A CG  1 
ATOM   553  C CD  . ARG A 1 73  ? -6.115  -12.383 8.770   1.00 27.33 ? 73  ARG A CD  1 
ATOM   554  N NE  . ARG A 1 73  ? -5.496  -12.997 9.935   1.00 28.16 ? 73  ARG A NE  1 
ATOM   555  C CZ  . ARG A 1 73  ? -5.959  -12.898 11.173  1.00 30.86 ? 73  ARG A CZ  1 
ATOM   556  N NH1 . ARG A 1 73  ? -7.060  -12.203 11.419  1.00 32.56 ? 73  ARG A NH1 1 
ATOM   557  N NH2 . ARG A 1 73  ? -5.312  -13.493 12.166  1.00 31.58 ? 73  ARG A NH2 1 
ATOM   558  N N   . GLY A 1 74  ? -5.807  -10.994 3.261   1.00 26.20 ? 74  GLY A N   1 
ATOM   559  C CA  . GLY A 1 74  ? -6.492  -10.982 1.986   1.00 26.08 ? 74  GLY A CA  1 
ATOM   560  C C   . GLY A 1 74  ? -5.657  -11.642 0.908   1.00 27.74 ? 74  GLY A C   1 
ATOM   561  O O   . GLY A 1 74  ? -6.195  -12.356 0.062   1.00 28.61 ? 74  GLY A O   1 
ATOM   562  N N   . CYS A 1 75  ? -4.345  -11.415 0.923   1.00 28.38 ? 75  CYS A N   1 
ATOM   563  C CA  . CYS A 1 75  ? -3.500  -12.026 -0.090  1.00 30.14 ? 75  CYS A CA  1 
ATOM   564  C C   . CYS A 1 75  ? -2.828  -13.324 0.339   1.00 31.06 ? 75  CYS A C   1 
ATOM   565  O O   . CYS A 1 75  ? -1.806  -13.715 -0.224  1.00 33.25 ? 75  CYS A O   1 
ATOM   566  C CB  . CYS A 1 75  ? -2.462  -11.025 -0.641  1.00 27.76 ? 75  CYS A CB  1 
ATOM   567  S SG  . CYS A 1 75  ? -1.651  -9.898  0.518   1.00 28.85 ? 75  CYS A SG  1 
ATOM   568  N N   . GLY A 1 76  ? -3.399  -13.988 1.343   1.00 35.27 ? 76  GLY A N   1 
ATOM   569  C CA  . GLY A 1 76  ? -2.863  -15.271 1.774   1.00 34.49 ? 76  GLY A CA  1 
ATOM   570  C C   . GLY A 1 76  ? -2.058  -15.412 3.052   1.00 34.50 ? 76  GLY A C   1 
ATOM   571  O O   . GLY A 1 76  ? -1.945  -16.521 3.579   1.00 34.38 ? 76  GLY A O   1 
ATOM   572  N N   . LEU A 1 77  ? -1.497  -14.319 3.561   1.00 25.61 ? 77  LEU A N   1 
ATOM   573  C CA  . LEU A 1 77  ? -0.698  -14.397 4.776   1.00 24.04 ? 77  LEU A CA  1 
ATOM   574  C C   . LEU A 1 77  ? -1.488  -14.784 6.022   1.00 23.48 ? 77  LEU A C   1 
ATOM   575  O O   . LEU A 1 77  ? -2.715  -14.695 6.059   1.00 20.31 ? 77  LEU A O   1 
ATOM   576  C CB  . LEU A 1 77  ? 0.023   -13.073 5.030   1.00 31.06 ? 77  LEU A CB  1 
ATOM   577  C CG  . LEU A 1 77  ? 1.062   -12.641 3.987   1.00 32.33 ? 77  LEU A CG  1 
ATOM   578  C CD1 . LEU A 1 77  ? 1.900   -11.500 4.550   1.00 33.29 ? 77  LEU A CD1 1 
ATOM   579  C CD2 . LEU A 1 77  ? 1.962   -13.810 3.641   1.00 32.90 ? 77  LEU A CD2 1 
ATOM   580  N N   . GLU A 1 78  ? -0.759  -15.215 7.043   1.00 23.38 ? 78  GLU A N   1 
ATOM   581  C CA  . GLU A 1 78  ? -1.363  -15.610 8.309   1.00 22.88 ? 78  GLU A CA  1 
ATOM   582  C C   . GLU A 1 78  ? -0.269  -15.783 9.355   1.00 22.37 ? 78  GLU A C   1 
ATOM   583  O O   . GLU A 1 78  ? 0.871   -16.106 9.024   1.00 23.26 ? 78  GLU A O   1 
ATOM   584  C CB  . GLU A 1 78  ? -2.136  -16.923 8.146   1.00 25.18 ? 78  GLU A CB  1 
ATOM   585  C CG  . GLU A 1 78  ? -2.829  -17.375 9.421   1.00 25.80 ? 78  GLU A CG  1 
ATOM   586  C CD  . GLU A 1 78  ? -3.781  -16.325 9.958   1.00 26.06 ? 78  GLU A CD  1 
ATOM   587  O OE1 . GLU A 1 78  ? -4.900  -16.189 9.418   1.00 27.29 ? 78  GLU A OE1 1 
ATOM   588  O OE2 . GLU A 1 78  ? -3.403  -15.619 10.912  1.00 23.77 ? 78  GLU A OE2 1 
ATOM   589  N N   . TYR A 1 79  ? -0.619  -15.563 10.617  1.00 21.94 ? 79  TYR A N   1 
ATOM   590  C CA  . TYR A 1 79  ? 0.335   -15.702 11.706  1.00 22.65 ? 79  TYR A CA  1 
ATOM   591  C C   . TYR A 1 79  ? 0.855   -17.136 11.780  1.00 23.45 ? 79  TYR A C   1 
ATOM   592  O O   . TYR A 1 79  ? 0.098   -18.090 11.594  1.00 23.11 ? 79  TYR A O   1 
ATOM   593  C CB  . TYR A 1 79  ? -0.317  -15.327 13.040  1.00 24.18 ? 79  TYR A CB  1 
ATOM   594  C CG  . TYR A 1 79  ? -0.663  -13.861 13.167  1.00 25.42 ? 79  TYR A CG  1 
ATOM   595  C CD1 . TYR A 1 79  ? -1.992  -13.440 13.221  1.00 26.87 ? 79  TYR A CD1 1 
ATOM   596  C CD2 . TYR A 1 79  ? 0.339   -12.890 13.209  1.00 26.35 ? 79  TYR A CD2 1 
ATOM   597  C CE1 . TYR A 1 79  ? -2.315  -12.087 13.312  1.00 28.28 ? 79  TYR A CE1 1 
ATOM   598  C CE2 . TYR A 1 79  ? 0.027   -11.534 13.300  1.00 27.12 ? 79  TYR A CE2 1 
ATOM   599  C CZ  . TYR A 1 79  ? -1.301  -11.143 13.348  1.00 27.78 ? 79  TYR A CZ  1 
ATOM   600  O OH  . TYR A 1 79  ? -1.621  -9.809  13.418  1.00 29.89 ? 79  TYR A OH  1 
ATOM   601  N N   . GLY A 1 80  ? 2.151   -17.277 12.039  1.00 24.59 ? 80  GLY A N   1 
ATOM   602  C CA  . GLY A 1 80  ? 2.748   -18.596 12.152  1.00 26.85 ? 80  GLY A CA  1 
ATOM   603  C C   . GLY A 1 80  ? 2.765   -19.419 10.875  1.00 28.92 ? 80  GLY A C   1 
ATOM   604  O O   . GLY A 1 80  ? 2.880   -20.647 10.927  1.00 29.19 ? 80  GLY A O   1 
ATOM   605  N N   . LYS A 1 81  ? 2.660   -18.752 9.730   1.00 27.61 ? 81  LYS A N   1 
ATOM   606  C CA  . LYS A 1 81  ? 2.663   -19.436 8.441   1.00 30.15 ? 81  LYS A CA  1 
ATOM   607  C C   . LYS A 1 81  ? 3.611   -18.795 7.430   1.00 30.40 ? 81  LYS A C   1 
ATOM   608  O O   . LYS A 1 81  ? 3.557   -17.587 7.191   1.00 29.27 ? 81  LYS A O   1 
ATOM   609  C CB  . LYS A 1 81  ? 1.247   -19.467 7.863   1.00 43.10 ? 81  LYS A CB  1 
ATOM   610  C CG  . LYS A 1 81  ? 1.184   -19.872 6.400   1.00 46.48 ? 81  LYS A CG  1 
ATOM   611  C CD  . LYS A 1 81  ? -0.143  -20.526 6.058   1.00 49.89 ? 81  LYS A CD  1 
ATOM   612  C CE  . LYS A 1 81  ? -0.158  -21.996 6.473   1.00 51.90 ? 81  LYS A CE  1 
ATOM   613  N NZ  . LYS A 1 81  ? 0.136   -22.207 7.923   1.00 51.60 ? 81  LYS A NZ  1 
ATOM   614  N N   . GLU A 1 82  ? 4.469   -19.614 6.825   1.00 35.56 ? 82  GLU A N   1 
ATOM   615  C CA  . GLU A 1 82  ? 5.426   -19.118 5.843   1.00 35.11 ? 82  GLU A CA  1 
ATOM   616  C C   . GLU A 1 82  ? 4.802   -19.077 4.457   1.00 34.07 ? 82  GLU A C   1 
ATOM   617  O O   . GLU A 1 82  ? 4.272   -20.080 3.970   1.00 34.43 ? 82  GLU A O   1 
ATOM   618  C CB  . GLU A 1 82  ? 6.667   -20.004 5.810   1.00 45.77 ? 82  GLU A CB  1 
ATOM   619  C CG  . GLU A 1 82  ? 7.179   -20.397 7.174   1.00 49.06 ? 82  GLU A CG  1 
ATOM   620  C CD  . GLU A 1 82  ? 8.573   -20.970 7.111   1.00 50.65 ? 82  GLU A CD  1 
ATOM   621  O OE1 . GLU A 1 82  ? 8.834   -21.779 6.196   1.00 52.11 ? 82  GLU A OE1 1 
ATOM   622  O OE2 . GLU A 1 82  ? 9.406   -20.618 7.974   1.00 52.57 ? 82  GLU A OE2 1 
ATOM   623  N N   . THR A 1 83  ? 4.876   -17.915 3.820   1.00 25.98 ? 83  THR A N   1 
ATOM   624  C CA  . THR A 1 83  ? 4.307   -17.740 2.492   1.00 24.49 ? 83  THR A CA  1 
ATOM   625  C C   . THR A 1 83  ? 5.375   -17.425 1.459   1.00 23.76 ? 83  THR A C   1 
ATOM   626  O O   . THR A 1 83  ? 6.066   -16.413 1.560   1.00 21.86 ? 83  THR A O   1 
ATOM   627  C CB  . THR A 1 83  ? 3.282   -16.597 2.479   1.00 22.84 ? 83  THR A CB  1 
ATOM   628  O OG1 . THR A 1 83  ? 2.269   -16.857 3.456   1.00 21.96 ? 83  THR A OG1 1 
ATOM   629  C CG2 . THR A 1 83  ? 2.646   -16.464 1.096   1.00 25.46 ? 83  THR A CG2 1 
ATOM   630  N N   . LYS A 1 84  ? 5.502   -18.296 0.465   1.00 26.62 ? 84  LYS A N   1 
ATOM   631  C CA  . LYS A 1 84  ? 6.479   -18.095 -0.595  1.00 26.13 ? 84  LYS A CA  1 
ATOM   632  C C   . LYS A 1 84  ? 5.832   -17.291 -1.703  1.00 24.24 ? 84  LYS A C   1 
ATOM   633  O O   . LYS A 1 84  ? 4.613   -17.135 -1.724  1.00 23.88 ? 84  LYS A O   1 
ATOM   634  C CB  . LYS A 1 84  ? 6.970   -19.443 -1.117  1.00 36.28 ? 84  LYS A CB  1 
ATOM   635  C CG  . LYS A 1 84  ? 7.643   -20.239 -0.030  1.00 40.59 ? 84  LYS A CG  1 
ATOM   636  C CD  . LYS A 1 84  ? 8.040   -21.623 -0.468  1.00 42.52 ? 84  LYS A CD  1 
ATOM   637  C CE  . LYS A 1 84  ? 8.709   -22.325 0.694   1.00 45.14 ? 84  LYS A CE  1 
ATOM   638  N NZ  . LYS A 1 84  ? 7.866   -22.191 1.920   1.00 46.40 ? 84  LYS A NZ  1 
ATOM   639  N N   . PHE A 1 85  ? 6.641   -16.788 -2.627  1.00 22.08 ? 85  PHE A N   1 
ATOM   640  C CA  . PHE A 1 85  ? 6.126   -15.966 -3.710  1.00 22.04 ? 85  PHE A CA  1 
ATOM   641  C C   . PHE A 1 85  ? 4.945   -16.545 -4.481  1.00 21.77 ? 85  PHE A C   1 
ATOM   642  O O   . PHE A 1 85  ? 3.965   -15.849 -4.723  1.00 20.30 ? 85  PHE A O   1 
ATOM   643  C CB  . PHE A 1 85  ? 7.231   -15.604 -4.698  1.00 26.12 ? 85  PHE A CB  1 
ATOM   644  C CG  . PHE A 1 85  ? 6.779   -14.654 -5.764  1.00 25.53 ? 85  PHE A CG  1 
ATOM   645  C CD1 . PHE A 1 85  ? 6.388   -13.360 -5.429  1.00 25.80 ? 85  PHE A CD1 1 
ATOM   646  C CD2 . PHE A 1 85  ? 6.702   -15.058 -7.091  1.00 25.39 ? 85  PHE A CD2 1 
ATOM   647  C CE1 . PHE A 1 85  ? 5.924   -12.479 -6.406  1.00 26.08 ? 85  PHE A CE1 1 
ATOM   648  C CE2 . PHE A 1 85  ? 6.241   -14.187 -8.075  1.00 25.73 ? 85  PHE A CE2 1 
ATOM   649  C CZ  . PHE A 1 85  ? 5.850   -12.894 -7.731  1.00 24.94 ? 85  PHE A CZ  1 
ATOM   650  N N   . PRO A 1 86  ? 5.030   -17.819 -4.901  1.00 23.29 ? 86  PRO A N   1 
ATOM   651  C CA  . PRO A 1 86  ? 3.919   -18.419 -5.639  1.00 23.77 ? 86  PRO A CA  1 
ATOM   652  C C   . PRO A 1 86  ? 2.576   -18.246 -4.923  1.00 23.05 ? 86  PRO A C   1 
ATOM   653  O O   . PRO A 1 86  ? 1.611   -17.792 -5.523  1.00 24.48 ? 86  PRO A O   1 
ATOM   654  C CB  . PRO A 1 86  ? 4.345   -19.883 -5.754  1.00 23.91 ? 86  PRO A CB  1 
ATOM   655  C CG  . PRO A 1 86  ? 5.810   -19.769 -5.923  1.00 20.98 ? 86  PRO A CG  1 
ATOM   656  C CD  . PRO A 1 86  ? 6.186   -18.738 -4.867  1.00 20.90 ? 86  PRO A CD  1 
ATOM   657  N N   . GLU A 1 87  ? 2.521   -18.601 -3.643  1.00 24.44 ? 87  GLU A N   1 
ATOM   658  C CA  . GLU A 1 87  ? 1.283   -18.466 -2.875  1.00 25.98 ? 87  GLU A CA  1 
ATOM   659  C C   . GLU A 1 87  ? 0.917   -16.983 -2.789  1.00 25.22 ? 87  GLU A C   1 
ATOM   660  O O   . GLU A 1 87  ? -0.242  -16.597 -2.949  1.00 23.84 ? 87  GLU A O   1 
ATOM   661  C CB  . GLU A 1 87  ? 1.474   -19.003 -1.458  1.00 38.69 ? 87  GLU A CB  1 
ATOM   662  C CG  . GLU A 1 87  ? 2.355   -20.231 -1.344  1.00 43.28 ? 87  GLU A CG  1 
ATOM   663  C CD  . GLU A 1 87  ? 2.736   -20.520 0.098   1.00 45.18 ? 87  GLU A CD  1 
ATOM   664  O OE1 . GLU A 1 87  ? 1.822   -20.672 0.946   1.00 46.48 ? 87  GLU A OE1 1 
ATOM   665  O OE2 . GLU A 1 87  ? 3.950   -20.589 0.388   1.00 45.32 ? 87  GLU A OE2 1 
ATOM   666  N N   . PHE A 1 88  ? 1.930   -16.163 -2.527  1.00 22.33 ? 88  PHE A N   1 
ATOM   667  C CA  . PHE A 1 88  ? 1.778   -14.715 -2.401  1.00 23.06 ? 88  PHE A CA  1 
ATOM   668  C C   . PHE A 1 88  ? 1.105   -14.113 -3.630  1.00 23.07 ? 88  PHE A C   1 
ATOM   669  O O   . PHE A 1 88  ? 0.159   -13.329 -3.512  1.00 22.55 ? 88  PHE A O   1 
ATOM   670  C CB  . PHE A 1 88  ? 3.155   -14.071 -2.213  1.00 23.49 ? 88  PHE A CB  1 
ATOM   671  C CG  . PHE A 1 88  ? 3.110   -12.622 -1.804  1.00 23.40 ? 88  PHE A CG  1 
ATOM   672  C CD1 . PHE A 1 88  ? 2.608   -12.251 -0.564  1.00 24.32 ? 88  PHE A CD1 1 
ATOM   673  C CD2 . PHE A 1 88  ? 3.624   -11.636 -2.640  1.00 24.40 ? 88  PHE A CD2 1 
ATOM   674  C CE1 . PHE A 1 88  ? 2.624   -10.920 -0.154  1.00 24.49 ? 88  PHE A CE1 1 
ATOM   675  C CE2 . PHE A 1 88  ? 3.646   -10.305 -2.239  1.00 23.06 ? 88  PHE A CE2 1 
ATOM   676  C CZ  . PHE A 1 88  ? 3.145   -9.947  -0.991  1.00 22.96 ? 88  PHE A CZ  1 
ATOM   677  N N   . LEU A 1 89  ? 1.599   -14.483 -4.809  1.00 24.65 ? 89  LEU A N   1 
ATOM   678  C CA  . LEU A 1 89  ? 1.055   -13.969 -6.056  1.00 24.02 ? 89  LEU A CA  1 
ATOM   679  C C   . LEU A 1 89  ? -0.393  -14.405 -6.201  1.00 25.49 ? 89  LEU A C   1 
ATOM   680  O O   . LEU A 1 89  ? -1.262  -13.607 -6.561  1.00 24.24 ? 89  LEU A O   1 
ATOM   681  C CB  . LEU A 1 89  ? 1.872   -14.474 -7.248  1.00 23.35 ? 89  LEU A CB  1 
ATOM   682  C CG  . LEU A 1 89  ? 1.579   -13.792 -8.592  1.00 24.91 ? 89  LEU A CG  1 
ATOM   683  C CD1 . LEU A 1 89  ? 2.019   -12.334 -8.528  1.00 24.19 ? 89  LEU A CD1 1 
ATOM   684  C CD2 . LEU A 1 89  ? 2.306   -14.510 -9.712  1.00 24.03 ? 89  LEU A CD2 1 
ATOM   685  N N   . GLU A 1 90  ? -0.650  -15.678 -5.923  1.00 23.14 ? 90  GLU A N   1 
ATOM   686  C CA  . GLU A 1 90  ? -2.006  -16.201 -6.000  1.00 23.68 ? 90  GLU A CA  1 
ATOM   687  C C   . GLU A 1 90  ? -2.884  -15.450 -5.008  1.00 22.16 ? 90  GLU A C   1 
ATOM   688  O O   . GLU A 1 90  ? -4.054  -15.191 -5.271  1.00 23.56 ? 90  GLU A O   1 
ATOM   689  C CB  . GLU A 1 90  ? -2.019  -17.698 -5.679  1.00 41.30 ? 90  GLU A CB  1 
ATOM   690  C CG  . GLU A 1 90  ? -1.360  -18.547 -6.751  1.00 44.67 ? 90  GLU A CG  1 
ATOM   691  C CD  . GLU A 1 90  ? -1.926  -18.263 -8.129  1.00 47.14 ? 90  GLU A CD  1 
ATOM   692  O OE1 . GLU A 1 90  ? -3.162  -18.375 -8.300  1.00 50.40 ? 90  GLU A OE1 1 
ATOM   693  O OE2 . GLU A 1 90  ? -1.137  -17.928 -9.041  1.00 47.68 ? 90  GLU A OE2 1 
ATOM   694  N N   . GLY A 1 91  ? -2.309  -15.104 -3.861  1.00 25.77 ? 91  GLY A N   1 
ATOM   695  C CA  . GLY A 1 91  ? -3.059  -14.369 -2.864  1.00 23.39 ? 91  GLY A CA  1 
ATOM   696  C C   . GLY A 1 91  ? -3.474  -13.014 -3.411  1.00 23.13 ? 91  GLY A C   1 
ATOM   697  O O   . GLY A 1 91  ? -4.599  -12.566 -3.195  1.00 22.19 ? 91  GLY A O   1 
ATOM   698  N N   . TRP A 1 92  ? -2.569  -12.357 -4.131  1.00 18.92 ? 92  TRP A N   1 
ATOM   699  C CA  . TRP A 1 92  ? -2.877  -11.053 -4.696  1.00 18.83 ? 92  TRP A CA  1 
ATOM   700  C C   . TRP A 1 92  ? -3.985  -11.106 -5.739  1.00 19.90 ? 92  TRP A C   1 
ATOM   701  O O   . TRP A 1 92  ? -4.735  -10.147 -5.904  1.00 21.45 ? 92  TRP A O   1 
ATOM   702  C CB  . TRP A 1 92  ? -1.620  -10.416 -5.293  1.00 17.08 ? 92  TRP A CB  1 
ATOM   703  C CG  . TRP A 1 92  ? -0.879  -9.625  -4.287  1.00 16.70 ? 92  TRP A CG  1 
ATOM   704  C CD1 . TRP A 1 92  ? 0.110   -10.065 -3.458  1.00 15.99 ? 92  TRP A CD1 1 
ATOM   705  C CD2 . TRP A 1 92  ? -1.162  -8.276  -3.900  1.00 17.47 ? 92  TRP A CD2 1 
ATOM   706  N NE1 . TRP A 1 92  ? 0.458   -9.072  -2.570  1.00 17.22 ? 92  TRP A NE1 1 
ATOM   707  C CE2 . TRP A 1 92  ? -0.309  -7.963  -2.821  1.00 17.53 ? 92  TRP A CE2 1 
ATOM   708  C CE3 . TRP A 1 92  ? -2.061  -7.303  -4.361  1.00 17.27 ? 92  TRP A CE3 1 
ATOM   709  C CZ2 . TRP A 1 92  ? -0.326  -6.720  -2.191  1.00 13.54 ? 92  TRP A CZ2 1 
ATOM   710  C CZ3 . TRP A 1 92  ? -2.077  -6.058  -3.733  1.00 17.85 ? 92  TRP A CZ3 1 
ATOM   711  C CH2 . TRP A 1 92  ? -1.213  -5.778  -2.659  1.00 15.58 ? 92  TRP A CH2 1 
ATOM   712  N N   . LYS A 1 93  ? -4.093  -12.225 -6.444  1.00 21.05 ? 93  LYS A N   1 
ATOM   713  C CA  . LYS A 1 93  ? -5.132  -12.363 -7.456  1.00 21.82 ? 93  LYS A CA  1 
ATOM   714  C C   . LYS A 1 93  ? -6.491  -12.387 -6.769  1.00 20.88 ? 93  LYS A C   1 
ATOM   715  O O   . LYS A 1 93  ? -7.435  -11.724 -7.210  1.00 19.68 ? 93  LYS A O   1 
ATOM   716  C CB  . LYS A 1 93  ? -4.918  -13.645 -8.261  1.00 29.02 ? 93  LYS A CB  1 
ATOM   717  C CG  . LYS A 1 93  ? -3.578  -13.698 -8.966  1.00 31.27 ? 93  LYS A CG  1 
ATOM   718  C CD  . LYS A 1 93  ? -3.464  -14.928 -9.839  1.00 35.74 ? 93  LYS A CD  1 
ATOM   719  C CE  . LYS A 1 93  ? -2.145  -14.948 -10.591 1.00 36.42 ? 93  LYS A CE  1 
ATOM   720  N NZ  . LYS A 1 93  ? -2.059  -16.123 -11.501 1.00 38.49 ? 93  LYS A NZ  1 
ATOM   721  N N   . ASN A 1 94  ? -6.579  -13.132 -5.673  1.00 20.53 ? 94  ASN A N   1 
ATOM   722  C CA  . ASN A 1 94  ? -7.823  -13.240 -4.914  1.00 22.64 ? 94  ASN A CA  1 
ATOM   723  C C   . ASN A 1 94  ? -8.186  -11.906 -4.265  1.00 21.87 ? 94  ASN A C   1 
ATOM   724  O O   . ASN A 1 94  ? -9.352  -11.499 -4.276  1.00 21.13 ? 94  ASN A O   1 
ATOM   725  C CB  . ASN A 1 94  ? -7.694  -14.322 -3.834  1.00 28.02 ? 94  ASN A CB  1 
ATOM   726  C CG  . ASN A 1 94  ? -7.384  -15.693 -4.415  1.00 31.02 ? 94  ASN A CG  1 
ATOM   727  O OD1 . ASN A 1 94  ? -8.074  -16.172 -5.315  1.00 31.75 ? 94  ASN A OD1 1 
ATOM   728  N ND2 . ASN A 1 94  ? -6.345  -16.333 -3.897  1.00 32.03 ? 94  ASN A ND2 1 
ATOM   729  N N   . LEU A 1 95  ? -7.188  -11.232 -3.698  1.00 21.20 ? 95  LEU A N   1 
ATOM   730  C CA  . LEU A 1 95  ? -7.411  -9.936  -3.056  1.00 21.98 ? 95  LEU A CA  1 
ATOM   731  C C   . LEU A 1 95  ? -7.863  -8.915  -4.093  1.00 21.72 ? 95  LEU A C   1 
ATOM   732  O O   . LEU A 1 95  ? -8.833  -8.188  -3.880  1.00 21.37 ? 95  LEU A O   1 
ATOM   733  C CB  . LEU A 1 95  ? -6.127  -9.439  -2.382  1.00 21.36 ? 95  LEU A CB  1 
ATOM   734  C CG  . LEU A 1 95  ? -6.210  -8.036  -1.768  1.00 22.82 ? 95  LEU A CG  1 
ATOM   735  C CD1 . LEU A 1 95  ? -7.328  -7.998  -0.730  1.00 21.25 ? 95  LEU A CD1 1 
ATOM   736  C CD2 . LEU A 1 95  ? -4.877  -7.668  -1.132  1.00 23.42 ? 95  LEU A CD2 1 
ATOM   737  N N   . ALA A 1 96  ? -7.155  -8.864  -5.218  1.00 20.41 ? 96  ALA A N   1 
ATOM   738  C CA  . ALA A 1 96  ? -7.502  -7.935  -6.283  1.00 20.94 ? 96  ALA A CA  1 
ATOM   739  C C   . ALA A 1 96  ? -8.953  -8.183  -6.673  1.00 21.31 ? 96  ALA A C   1 
ATOM   740  O O   . ALA A 1 96  ? -9.757  -7.258  -6.718  1.00 20.77 ? 96  ALA A O   1 
ATOM   741  C CB  . ALA A 1 96  ? -6.588  -8.137  -7.487  1.00 20.16 ? 96  ALA A CB  1 
ATOM   742  N N   . ASN A 1 97  ? -9.288  -9.442  -6.940  1.00 20.79 ? 97  ASN A N   1 
ATOM   743  C CA  . ASN A 1 97  ? -10.658 -9.793  -7.304  1.00 22.13 ? 97  ASN A CA  1 
ATOM   744  C C   . ASN A 1 97  ? -11.650 -9.376  -6.219  1.00 20.54 ? 97  ASN A C   1 
ATOM   745  O O   . ASN A 1 97  ? -12.665 -8.750  -6.509  1.00 20.30 ? 97  ASN A O   1 
ATOM   746  C CB  . ASN A 1 97  ? -10.775 -11.301 -7.542  1.00 26.17 ? 97  ASN A CB  1 
ATOM   747  C CG  . ASN A 1 97  ? -10.264 -11.725 -8.905  1.00 28.27 ? 97  ASN A CG  1 
ATOM   748  O OD1 . ASN A 1 97  ? -10.010 -12.906 -9.142  1.00 28.46 ? 97  ASN A OD1 1 
ATOM   749  N ND2 . ASN A 1 97  ? -10.126 -10.765 -9.812  1.00 26.69 ? 97  ASN A ND2 1 
ATOM   750  N N   . ALA A 1 98  ? -11.356 -9.724  -4.968  1.00 19.42 ? 98  ALA A N   1 
ATOM   751  C CA  . ALA A 1 98  ? -12.241 -9.392  -3.850  1.00 17.66 ? 98  ALA A CA  1 
ATOM   752  C C   . ALA A 1 98  ? -12.449 -7.891  -3.656  1.00 17.62 ? 98  ALA A C   1 
ATOM   753  O O   . ALA A 1 98  ? -13.579 -7.432  -3.457  1.00 17.09 ? 98  ALA A O   1 
ATOM   754  C CB  . ALA A 1 98  ? -11.703 -10.012 -2.550  1.00 15.83 ? 98  ALA A CB  1 
ATOM   755  N N   . ASP A 1 99  ? -11.362 -7.128  -3.687  1.00 16.26 ? 99  ASP A N   1 
ATOM   756  C CA  . ASP A 1 99  ? -11.460 -5.687  -3.514  1.00 16.74 ? 99  ASP A CA  1 
ATOM   757  C C   . ASP A 1 99  ? -12.146 -5.012  -4.710  1.00 17.09 ? 99  ASP A C   1 
ATOM   758  O O   . ASP A 1 99  ? -12.893 -4.040  -4.537  1.00 15.32 ? 99  ASP A O   1 
ATOM   759  C CB  . ASP A 1 99  ? -10.068 -5.097  -3.291  1.00 15.44 ? 99  ASP A CB  1 
ATOM   760  C CG  . ASP A 1 99  ? -9.853  -4.613  -1.861  1.00 15.07 ? 99  ASP A CG  1 
ATOM   761  O OD1 . ASP A 1 99  ? -10.635 -4.982  -0.948  1.00 14.36 ? 99  ASP A OD1 1 
ATOM   762  O OD2 . ASP A 1 99  ? -8.882  -3.864  -1.654  1.00 12.19 ? 99  ASP A OD2 1 
ATOM   763  N N   . LEU A 1 100 ? -11.906 -5.522  -5.918  1.00 17.28 ? 100 LEU A N   1 
ATOM   764  C CA  . LEU A 1 100 ? -12.529 -4.938  -7.100  1.00 17.41 ? 100 LEU A CA  1 
ATOM   765  C C   . LEU A 1 100 ? -14.029 -5.207  -7.072  1.00 19.39 ? 100 LEU A C   1 
ATOM   766  O O   . LEU A 1 100 ? -14.824 -4.401  -7.560  1.00 17.14 ? 100 LEU A O   1 
ATOM   767  C CB  . LEU A 1 100 ? -11.905 -5.504  -8.383  1.00 18.52 ? 100 LEU A CB  1 
ATOM   768  C CG  . LEU A 1 100 ? -10.453 -5.065  -8.640  1.00 19.38 ? 100 LEU A CG  1 
ATOM   769  C CD1 . LEU A 1 100 ? -9.948  -5.668  -9.932  1.00 22.10 ? 100 LEU A CD1 1 
ATOM   770  C CD2 . LEU A 1 100 ? -10.380 -3.552  -8.711  1.00 19.39 ? 100 LEU A CD2 1 
ATOM   771  N N   . ALA A 1 101 ? -14.404 -6.343  -6.489  1.00 22.18 ? 101 ALA A N   1 
ATOM   772  C CA  . ALA A 1 101 ? -15.809 -6.715  -6.367  1.00 22.70 ? 101 ALA A CA  1 
ATOM   773  C C   . ALA A 1 101 ? -16.484 -5.742  -5.395  1.00 23.00 ? 101 ALA A C   1 
ATOM   774  O O   . ALA A 1 101 ? -17.613 -5.310  -5.625  1.00 23.76 ? 101 ALA A O   1 
ATOM   775  C CB  . ALA A 1 101 ? -15.928 -8.145  -5.860  1.00 17.55 ? 101 ALA A CB  1 
ATOM   776  N N   . LYS A 1 102 ? -15.785 -5.396  -4.315  1.00 18.21 ? 102 LYS A N   1 
ATOM   777  C CA  . LYS A 1 102 ? -16.323 -4.457  -3.336  1.00 16.66 ? 102 LYS A CA  1 
ATOM   778  C C   . LYS A 1 102 ? -16.445 -3.069  -3.960  1.00 16.82 ? 102 LYS A C   1 
ATOM   779  O O   . LYS A 1 102 ? -17.434 -2.384  -3.762  1.00 14.87 ? 102 LYS A O   1 
ATOM   780  C CB  . LYS A 1 102 ? -15.422 -4.379  -2.096  1.00 19.32 ? 102 LYS A CB  1 
ATOM   781  C CG  . LYS A 1 102 ? -15.416 -5.647  -1.249  1.00 21.22 ? 102 LYS A CG  1 
ATOM   782  C CD  . LYS A 1 102 ? -14.495 -5.499  -0.039  1.00 23.28 ? 102 LYS A CD  1 
ATOM   783  C CE  . LYS A 1 102 ? -14.512 -6.743  0.831   1.00 24.37 ? 102 LYS A CE  1 
ATOM   784  N NZ  . LYS A 1 102 ? -13.479 -6.667  1.899   1.00 27.14 ? 102 LYS A NZ  1 
ATOM   785  N N   . TRP A 1 103 ? -15.429 -2.659  -4.712  1.00 13.15 ? 103 TRP A N   1 
ATOM   786  C CA  . TRP A 1 103 ? -15.443 -1.348  -5.354  1.00 13.74 ? 103 TRP A CA  1 
ATOM   787  C C   . TRP A 1 103 ? -16.659 -1.253  -6.273  1.00 13.04 ? 103 TRP A C   1 
ATOM   788  O O   . TRP A 1 103 ? -17.376 -0.248  -6.277  1.00 15.02 ? 103 TRP A O   1 
ATOM   789  C CB  . TRP A 1 103 ? -14.145 -1.155  -6.146  1.00 17.08 ? 103 TRP A CB  1 
ATOM   790  C CG  . TRP A 1 103 ? -13.972 0.186   -6.808  1.00 20.25 ? 103 TRP A CG  1 
ATOM   791  C CD1 . TRP A 1 103 ? -14.514 0.598   -7.991  1.00 23.73 ? 103 TRP A CD1 1 
ATOM   792  C CD2 . TRP A 1 103 ? -13.157 1.265   -6.341  1.00 21.07 ? 103 TRP A CD2 1 
ATOM   793  N NE1 . TRP A 1 103 ? -14.076 1.872   -8.296  1.00 21.56 ? 103 TRP A NE1 1 
ATOM   794  C CE2 . TRP A 1 103 ? -13.242 2.302   -7.297  1.00 23.47 ? 103 TRP A CE2 1 
ATOM   795  C CE3 . TRP A 1 103 ? -12.355 1.455   -5.203  1.00 23.44 ? 103 TRP A CE3 1 
ATOM   796  C CZ2 . TRP A 1 103 ? -12.557 3.514   -7.152  1.00 23.28 ? 103 TRP A CZ2 1 
ATOM   797  C CZ3 . TRP A 1 103 ? -11.673 2.661   -5.059  1.00 25.63 ? 103 TRP A CZ3 1 
ATOM   798  C CH2 . TRP A 1 103 ? -11.781 3.676   -6.031  1.00 23.87 ? 103 TRP A CH2 1 
ATOM   799  N N   . ALA A 1 104 ? -16.893 -2.317  -7.030  1.00 17.28 ? 104 ALA A N   1 
ATOM   800  C CA  . ALA A 1 104 ? -18.018 -2.382  -7.961  1.00 18.01 ? 104 ALA A CA  1 
ATOM   801  C C   . ALA A 1 104 ? -19.379 -2.333  -7.267  1.00 19.97 ? 104 ALA A C   1 
ATOM   802  O O   . ALA A 1 104 ? -20.401 -2.111  -7.917  1.00 22.06 ? 104 ALA A O   1 
ATOM   803  C CB  . ALA A 1 104 ? -17.912 -3.649  -8.809  1.00 13.26 ? 104 ALA A CB  1 
ATOM   804  N N   . ARG A 1 105 ? -19.402 -2.552  -5.957  1.00 17.63 ? 105 ARG A N   1 
ATOM   805  C CA  . ARG A 1 105 ? -20.658 -2.519  -5.204  1.00 19.95 ? 105 ARG A CA  1 
ATOM   806  C C   . ARG A 1 105 ? -20.656 -1.343  -4.232  1.00 19.00 ? 105 ARG A C   1 
ATOM   807  O O   . ARG A 1 105 ? -21.542 -1.218  -3.392  1.00 18.40 ? 105 ARG A O   1 
ATOM   808  C CB  . ARG A 1 105 ? -20.853 -3.817  -4.410  1.00 33.39 ? 105 ARG A CB  1 
ATOM   809  C CG  . ARG A 1 105 ? -20.800 -5.089  -5.237  1.00 37.08 ? 105 ARG A CG  1 
ATOM   810  C CD  . ARG A 1 105 ? -21.484 -6.242  -4.509  1.00 41.30 ? 105 ARG A CD  1 
ATOM   811  N NE  . ARG A 1 105 ? -21.049 -6.374  -3.119  1.00 44.32 ? 105 ARG A NE  1 
ATOM   812  C CZ  . ARG A 1 105 ? -19.846 -6.797  -2.740  1.00 47.20 ? 105 ARG A CZ  1 
ATOM   813  N NH1 . ARG A 1 105 ? -18.938 -7.140  -3.644  1.00 48.56 ? 105 ARG A NH1 1 
ATOM   814  N NH2 . ARG A 1 105 ? -19.550 -6.878  -1.450  1.00 47.58 ? 105 ARG A NH2 1 
ATOM   815  N N   . ASN A 1 106 ? -19.647 -0.488  -4.359  1.00 20.94 ? 106 ASN A N   1 
ATOM   816  C CA  . ASN A 1 106 ? -19.481 0.676   -3.502  1.00 20.71 ? 106 ASN A CA  1 
ATOM   817  C C   . ASN A 1 106 ? -19.279 0.357   -2.022  1.00 20.21 ? 106 ASN A C   1 
ATOM   818  O O   . ASN A 1 106 ? -19.709 1.112   -1.149  1.00 20.92 ? 106 ASN A O   1 
ATOM   819  C CB  . ASN A 1 106 ? -20.639 1.659   -3.670  1.00 23.24 ? 106 ASN A CB  1 
ATOM   820  C CG  . ASN A 1 106 ? -20.583 2.394   -4.990  1.00 24.44 ? 106 ASN A CG  1 
ATOM   821  O OD1 . ASN A 1 106 ? -19.505 2.608   -5.548  1.00 24.09 ? 106 ASN A OD1 1 
ATOM   822  N ND2 . ASN A 1 106 ? -21.739 2.797   -5.492  1.00 21.88 ? 106 ASN A ND2 1 
ATOM   823  N N   . GLU A 1 107 ? -18.623 -0.768  -1.757  1.00 20.51 ? 107 GLU A N   1 
ATOM   824  C CA  . GLU A 1 107 ? -18.293 -1.184  -0.393  1.00 20.29 ? 107 GLU A CA  1 
ATOM   825  C C   . GLU A 1 107 ? -16.828 -0.762  -0.223  1.00 20.52 ? 107 GLU A C   1 
ATOM   826  O O   . GLU A 1 107 ? -16.036 -0.868  -1.169  1.00 17.64 ? 107 GLU A O   1 
ATOM   827  C CB  . GLU A 1 107 ? -18.370 -2.709  -0.247  1.00 25.20 ? 107 GLU A CB  1 
ATOM   828  C CG  . GLU A 1 107 ? -19.723 -3.346  -0.513  1.00 31.90 ? 107 GLU A CG  1 
ATOM   829  C CD  . GLU A 1 107 ? -20.697 -3.182  0.637   1.00 36.52 ? 107 GLU A CD  1 
ATOM   830  O OE1 . GLU A 1 107 ? -21.721 -3.901  0.655   1.00 39.69 ? 107 GLU A OE1 1 
ATOM   831  O OE2 . GLU A 1 107 ? -20.447 -2.333  1.520   1.00 39.25 ? 107 GLU A OE2 1 
ATOM   832  N N   . PRO A 1 108 ? -16.449 -0.274  0.971   1.00 19.60 ? 108 PRO A N   1 
ATOM   833  C CA  . PRO A 1 108 ? -15.056 0.136   1.174   1.00 18.73 ? 108 PRO A CA  1 
ATOM   834  C C   . PRO A 1 108 ? -14.119 -1.044  0.995   1.00 17.01 ? 108 PRO A C   1 
ATOM   835  O O   . PRO A 1 108 ? -14.388 -2.147  1.473   1.00 15.75 ? 108 PRO A O   1 
ATOM   836  C CB  . PRO A 1 108 ? -15.050 0.677   2.607   1.00 16.00 ? 108 PRO A CB  1 
ATOM   837  C CG  . PRO A 1 108 ? -16.162 -0.077  3.257   1.00 20.28 ? 108 PRO A CG  1 
ATOM   838  C CD  . PRO A 1 108 ? -17.236 -0.081  2.200   1.00 17.25 ? 108 PRO A CD  1 
ATOM   839  N N   . THR A 1 109 ? -13.014 -0.797  0.303   1.00 16.13 ? 109 THR A N   1 
ATOM   840  C CA  . THR A 1 109 ? -12.033 -1.833  0.027   1.00 14.33 ? 109 THR A CA  1 
ATOM   841  C C   . THR A 1 109 ? -10.990 -1.951  1.129   1.00 13.08 ? 109 THR A C   1 
ATOM   842  O O   . THR A 1 109 ? -10.843 -1.056  1.962   1.00 14.80 ? 109 THR A O   1 
ATOM   843  C CB  . THR A 1 109 ? -11.312 -1.540  -1.291  1.00 15.36 ? 109 THR A CB  1 
ATOM   844  O OG1 . THR A 1 109 ? -10.638 -0.281  -1.186  1.00 18.65 ? 109 THR A OG1 1 
ATOM   845  C CG2 . THR A 1 109 ? -12.323 -1.465  -2.446  1.00 17.82 ? 109 THR A CG2 1 
ATOM   846  N N   . LEU A 1 110 ? -10.285 -3.078  1.143   1.00 13.79 ? 110 LEU A N   1 
ATOM   847  C CA  . LEU A 1 110 ? -9.239  -3.299  2.126   1.00 13.81 ? 110 LEU A CA  1 
ATOM   848  C C   . LEU A 1 110 ? -8.121  -2.296  1.869   1.00 14.36 ? 110 LEU A C   1 
ATOM   849  O O   . LEU A 1 110 ? -7.501  -1.794  2.808   1.00 14.55 ? 110 LEU A O   1 
ATOM   850  C CB  . LEU A 1 110 ? -8.703  -4.731  2.020   1.00 14.84 ? 110 LEU A CB  1 
ATOM   851  C CG  . LEU A 1 110 ? -9.613  -5.817  2.605   1.00 17.46 ? 110 LEU A CG  1 
ATOM   852  C CD1 . LEU A 1 110 ? -9.003  -7.194  2.368   1.00 16.69 ? 110 LEU A CD1 1 
ATOM   853  C CD2 . LEU A 1 110 ? -9.795  -5.580  4.094   1.00 17.64 ? 110 LEU A CD2 1 
ATOM   854  N N   . ILE A 1 111 ? -7.875  -1.986  0.596   1.00 13.02 ? 111 ILE A N   1 
ATOM   855  C CA  . ILE A 1 111 ? -6.823  -1.033  0.269   1.00 14.61 ? 111 ILE A CA  1 
ATOM   856  C C   . ILE A 1 111 ? -7.180  0.365   0.774   1.00 15.83 ? 111 ILE A C   1 
ATOM   857  O O   . ILE A 1 111 ? -6.310  1.104   1.244   1.00 16.35 ? 111 ILE A O   1 
ATOM   858  C CB  . ILE A 1 111 ? -6.514  -1.010  -1.264  1.00 18.58 ? 111 ILE A CB  1 
ATOM   859  C CG1 . ILE A 1 111 ? -5.367  -0.038  -1.550  1.00 20.39 ? 111 ILE A CG1 1 
ATOM   860  C CG2 . ILE A 1 111 ? -7.752  -0.612  -2.065  1.00 18.85 ? 111 ILE A CG2 1 
ATOM   861  C CD1 . ILE A 1 111 ? -4.060  -0.441  -0.946  1.00 20.05 ? 111 ILE A CD1 1 
ATOM   862  N N   . ARG A 1 112 ? -8.462  0.718   0.716   1.00 14.19 ? 112 ARG A N   1 
ATOM   863  C CA  . ARG A 1 112 ? -8.901  2.029   1.193   1.00 14.13 ? 112 ARG A CA  1 
ATOM   864  C C   . ARG A 1 112 ? -8.781  2.111   2.713   1.00 13.36 ? 112 ARG A C   1 
ATOM   865  O O   . ARG A 1 112 ? -8.307  3.110   3.258   1.00 10.08 ? 112 ARG A O   1 
ATOM   866  C CB  . ARG A 1 112 ? -10.355 2.295   0.777   1.00 18.61 ? 112 ARG A CB  1 
ATOM   867  C CG  . ARG A 1 112 ? -11.043 3.450   1.531   1.00 19.83 ? 112 ARG A CG  1 
ATOM   868  C CD  . ARG A 1 112 ? -10.248 4.746   1.470   1.00 20.76 ? 112 ARG A CD  1 
ATOM   869  N NE  . ARG A 1 112 ? -10.881 5.842   2.216   1.00 23.55 ? 112 ARG A NE  1 
ATOM   870  C CZ  . ARG A 1 112 ? -11.809 6.658   1.723   1.00 26.39 ? 112 ARG A CZ  1 
ATOM   871  N NH1 . ARG A 1 112 ? -12.232 6.519   0.472   1.00 28.45 ? 112 ARG A NH1 1 
ATOM   872  N NH2 . ARG A 1 112 ? -12.310 7.625   2.481   1.00 23.65 ? 112 ARG A NH2 1 
ATOM   873  N N   . GLU A 1 113 ? -9.205  1.047   3.389   1.00 12.42 ? 113 GLU A N   1 
ATOM   874  C CA  . GLU A 1 113 ? -9.167  1.001   4.842   1.00 14.93 ? 113 GLU A CA  1 
ATOM   875  C C   . GLU A 1 113 ? -7.744  1.051   5.371   1.00 14.24 ? 113 GLU A C   1 
ATOM   876  O O   . GLU A 1 113 ? -7.493  1.638   6.418   1.00 14.28 ? 113 GLU A O   1 
ATOM   877  C CB  . GLU A 1 113 ? -9.922  -0.243  5.323   1.00 18.56 ? 113 GLU A CB  1 
ATOM   878  C CG  . GLU A 1 113 ? -11.334 -0.249  4.723   1.00 20.83 ? 113 GLU A CG  1 
ATOM   879  C CD  . GLU A 1 113 ? -12.193 -1.428  5.122   1.00 21.80 ? 113 GLU A CD  1 
ATOM   880  O OE1 . GLU A 1 113 ? -11.703 -2.575  5.095   1.00 22.98 ? 113 GLU A OE1 1 
ATOM   881  O OE2 . GLU A 1 113 ? -13.382 -1.198  5.443   1.00 23.97 ? 113 GLU A OE2 1 
ATOM   882  N N   . TRP A 1 114 ? -6.810  0.455   4.638   1.00 15.78 ? 114 TRP A N   1 
ATOM   883  C CA  . TRP A 1 114 ? -5.412  0.494   5.047   1.00 15.65 ? 114 TRP A CA  1 
ATOM   884  C C   . TRP A 1 114 ? -4.989  1.957   4.943   1.00 14.57 ? 114 TRP A C   1 
ATOM   885  O O   . TRP A 1 114 ? -4.356  2.496   5.844   1.00 15.38 ? 114 TRP A O   1 
ATOM   886  C CB  . TRP A 1 114 ? -4.558  -0.374  4.121   1.00 15.27 ? 114 TRP A CB  1 
ATOM   887  C CG  . TRP A 1 114 ? -3.103  -0.456  4.536   1.00 14.39 ? 114 TRP A CG  1 
ATOM   888  C CD1 . TRP A 1 114 ? -2.529  0.106   5.642   1.00 17.11 ? 114 TRP A CD1 1 
ATOM   889  C CD2 . TRP A 1 114 ? -2.055  -1.152  3.851   1.00 17.26 ? 114 TRP A CD2 1 
ATOM   890  N NE1 . TRP A 1 114 ? -1.187  -0.198  5.685   1.00 17.16 ? 114 TRP A NE1 1 
ATOM   891  C CE2 . TRP A 1 114 ? -0.871  -0.969  4.599   1.00 16.67 ? 114 TRP A CE2 1 
ATOM   892  C CE3 . TRP A 1 114 ? -2.002  -1.911  2.676   1.00 17.22 ? 114 TRP A CE3 1 
ATOM   893  C CZ2 . TRP A 1 114 ? 0.356   -1.521  4.210   1.00 16.55 ? 114 TRP A CZ2 1 
ATOM   894  C CZ3 . TRP A 1 114 ? -0.780  -2.459  2.288   1.00 19.96 ? 114 TRP A CZ3 1 
ATOM   895  C CH2 . TRP A 1 114 ? 0.378   -2.260  3.054   1.00 16.80 ? 114 TRP A CH2 1 
ATOM   896  N N   . GLY A 1 115 ? -5.369  2.599   3.842   1.00 13.04 ? 115 GLY A N   1 
ATOM   897  C CA  . GLY A 1 115 ? -5.050  4.005   3.653   1.00 14.05 ? 115 GLY A CA  1 
ATOM   898  C C   . GLY A 1 115 ? -5.568  4.889   4.771   1.00 15.63 ? 115 GLY A C   1 
ATOM   899  O O   . GLY A 1 115 ? -4.857  5.765   5.266   1.00 15.19 ? 115 GLY A O   1 
ATOM   900  N N   . ASP A 1 116 ? -6.812  4.661   5.179   1.00 15.28 ? 116 ASP A N   1 
ATOM   901  C CA  . ASP A 1 116 ? -7.411  5.442   6.254   1.00 16.30 ? 116 ASP A CA  1 
ATOM   902  C C   . ASP A 1 116 ? -6.560  5.356   7.513   1.00 16.86 ? 116 ASP A C   1 
ATOM   903  O O   . ASP A 1 116 ? -6.345  6.352   8.196   1.00 16.68 ? 116 ASP A O   1 
ATOM   904  C CB  . ASP A 1 116 ? -8.817  4.929   6.577   1.00 18.44 ? 116 ASP A CB  1 
ATOM   905  C CG  . ASP A 1 116 ? -9.827  5.278   5.507   1.00 22.44 ? 116 ASP A CG  1 
ATOM   906  O OD1 . ASP A 1 116 ? -9.645  6.323   4.853   1.00 22.54 ? 116 ASP A OD1 1 
ATOM   907  O OD2 . ASP A 1 116 ? -10.809 4.517   5.332   1.00 22.01 ? 116 ASP A OD2 1 
ATOM   908  N N   . ALA A 1 117 ? -6.079  4.156   7.820   1.00 16.31 ? 117 ALA A N   1 
ATOM   909  C CA  . ALA A 1 117 ? -5.260  3.957   9.012   1.00 14.57 ? 117 ALA A CA  1 
ATOM   910  C C   . ALA A 1 117 ? -3.949  4.729   8.892   1.00 15.15 ? 117 ALA A C   1 
ATOM   911  O O   . ALA A 1 117 ? -3.500  5.351   9.855   1.00 15.53 ? 117 ALA A O   1 
ATOM   912  C CB  . ALA A 1 117 ? -4.982  2.474   9.213   1.00 15.61 ? 117 ALA A CB  1 
ATOM   913  N N   . VAL A 1 118 ? -3.345  4.698   7.708   1.00 12.14 ? 118 VAL A N   1 
ATOM   914  C CA  . VAL A 1 118 ? -2.086  5.397   7.483   1.00 13.96 ? 118 VAL A CA  1 
ATOM   915  C C   . VAL A 1 118 ? -2.278  6.906   7.604   1.00 13.83 ? 118 VAL A C   1 
ATOM   916  O O   . VAL A 1 118 ? -1.507  7.588   8.282   1.00 13.36 ? 118 VAL A O   1 
ATOM   917  C CB  . VAL A 1 118 ? -1.503  5.071   6.091   1.00 8.20  ? 118 VAL A CB  1 
ATOM   918  C CG1 . VAL A 1 118 ? -0.242  5.888   5.853   1.00 11.62 ? 118 VAL A CG1 1 
ATOM   919  C CG2 . VAL A 1 118 ? -1.177  3.594   6.003   1.00 12.77 ? 118 VAL A CG2 1 
ATOM   920  N N   . PHE A 1 119 ? -3.314  7.429   6.955   1.00 15.80 ? 119 PHE A N   1 
ATOM   921  C CA  . PHE A 1 119 ? -3.579  8.865   7.015   1.00 15.66 ? 119 PHE A CA  1 
ATOM   922  C C   . PHE A 1 119 ? -3.920  9.356   8.415   1.00 16.02 ? 119 PHE A C   1 
ATOM   923  O O   . PHE A 1 119 ? -3.603  10.494  8.764   1.00 13.94 ? 119 PHE A O   1 
ATOM   924  C CB  . PHE A 1 119 ? -4.707  9.248   6.057   1.00 16.81 ? 119 PHE A CB  1 
ATOM   925  C CG  . PHE A 1 119 ? -4.263  9.416   4.627   1.00 20.24 ? 119 PHE A CG  1 
ATOM   926  C CD1 . PHE A 1 119 ? -3.842  8.320   3.877   1.00 22.66 ? 119 PHE A CD1 1 
ATOM   927  C CD2 . PHE A 1 119 ? -4.277  10.674  4.025   1.00 20.39 ? 119 PHE A CD2 1 
ATOM   928  C CE1 . PHE A 1 119 ? -3.443  8.475   2.546   1.00 23.61 ? 119 PHE A CE1 1 
ATOM   929  C CE2 . PHE A 1 119 ? -3.879  10.842  2.693   1.00 22.91 ? 119 PHE A CE2 1 
ATOM   930  C CZ  . PHE A 1 119 ? -3.462  9.741   1.954   1.00 22.18 ? 119 PHE A CZ  1 
ATOM   931  N N   . ASP A 1 120 ? -4.578  8.511   9.215   1.00 18.79 ? 120 ASP A N   1 
ATOM   932  C CA  . ASP A 1 120 ? -4.933  8.893   10.581  1.00 19.87 ? 120 ASP A CA  1 
ATOM   933  C C   . ASP A 1 120 ? -3.700  9.276   11.392  1.00 20.29 ? 120 ASP A C   1 
ATOM   934  O O   . ASP A 1 120 ? -3.731  10.229  12.171  1.00 21.64 ? 120 ASP A O   1 
ATOM   935  C CB  . ASP A 1 120 ? -5.661  7.750   11.297  1.00 17.71 ? 120 ASP A CB  1 
ATOM   936  C CG  . ASP A 1 120 ? -7.150  7.735   11.015  1.00 19.91 ? 120 ASP A CG  1 
ATOM   937  O OD1 . ASP A 1 120 ? -7.638  8.644   10.312  1.00 23.57 ? 120 ASP A OD1 1 
ATOM   938  O OD2 . ASP A 1 120 ? -7.838  6.814   11.504  1.00 19.83 ? 120 ASP A OD2 1 
ATOM   939  N N   . ILE A 1 121 ? -2.614  8.530   11.212  1.00 17.98 ? 121 ILE A N   1 
ATOM   940  C CA  . ILE A 1 121 ? -1.381  8.804   11.936  1.00 18.36 ? 121 ILE A CA  1 
ATOM   941  C C   . ILE A 1 121 ? -0.893  10.236  11.716  1.00 19.43 ? 121 ILE A C   1 
ATOM   942  O O   . ILE A 1 121 ? -0.300  10.836  12.617  1.00 17.69 ? 121 ILE A O   1 
ATOM   943  C CB  . ILE A 1 121 ? -0.268  7.809   11.528  1.00 21.11 ? 121 ILE A CB  1 
ATOM   944  C CG1 . ILE A 1 121 ? -0.652  6.400   11.979  1.00 18.61 ? 121 ILE A CG1 1 
ATOM   945  C CG2 . ILE A 1 121 ? 1.068   8.220   12.136  1.00 21.43 ? 121 ILE A CG2 1 
ATOM   946  C CD1 . ILE A 1 121 ? 0.232   5.315   11.411  1.00 19.35 ? 121 ILE A CD1 1 
ATOM   947  N N   . PHE A 1 122 ? -1.148  10.786  10.531  1.00 17.37 ? 122 PHE A N   1 
ATOM   948  C CA  . PHE A 1 122 ? -0.718  12.148  10.214  1.00 19.74 ? 122 PHE A CA  1 
ATOM   949  C C   . PHE A 1 122 ? -1.857  13.168  10.284  1.00 23.29 ? 122 PHE A C   1 
ATOM   950  O O   . PHE A 1 122 ? -1.753  14.263  9.721   1.00 23.54 ? 122 PHE A O   1 
ATOM   951  C CB  . PHE A 1 122 ? -0.129  12.210  8.803   1.00 22.89 ? 122 PHE A CB  1 
ATOM   952  C CG  . PHE A 1 122 ? 1.051   11.311  8.584   1.00 20.23 ? 122 PHE A CG  1 
ATOM   953  C CD1 . PHE A 1 122 ? 0.902   10.093  7.932   1.00 20.44 ? 122 PHE A CD1 1 
ATOM   954  C CD2 . PHE A 1 122 ? 2.322   11.700  8.992   1.00 21.01 ? 122 PHE A CD2 1 
ATOM   955  C CE1 . PHE A 1 122 ? 2.004   9.276   7.685   1.00 19.09 ? 122 PHE A CE1 1 
ATOM   956  C CE2 . PHE A 1 122 ? 3.425   10.893  8.749   1.00 17.87 ? 122 PHE A CE2 1 
ATOM   957  C CZ  . PHE A 1 122 ? 3.265   9.679   8.094   1.00 21.02 ? 122 PHE A CZ  1 
ATOM   958  N N   . ASP A 1 123 ? -2.934  12.822  10.978  1.00 28.57 ? 123 ASP A N   1 
ATOM   959  C CA  . ASP A 1 123 ? -4.093  13.704  11.052  1.00 30.13 ? 123 ASP A CA  1 
ATOM   960  C C   . ASP A 1 123 ? -4.372  14.260  12.452  1.00 31.41 ? 123 ASP A C   1 
ATOM   961  O O   . ASP A 1 123 ? -5.410  13.980  13.044  1.00 32.62 ? 123 ASP A O   1 
ATOM   962  C CB  . ASP A 1 123 ? -5.308  12.938  10.511  1.00 30.02 ? 123 ASP A CB  1 
ATOM   963  C CG  . ASP A 1 123 ? -6.506  13.829  10.256  1.00 30.29 ? 123 ASP A CG  1 
ATOM   964  O OD1 . ASP A 1 123 ? -6.322  14.962  9.777   1.00 32.36 ? 123 ASP A OD1 1 
ATOM   965  O OD2 . ASP A 1 123 ? -7.641  13.380  10.515  1.00 31.52 ? 123 ASP A OD2 1 
ATOM   966  N N   . LYS A 1 124 ? -3.448  15.065  12.970  1.00 30.12 ? 124 LYS A N   1 
ATOM   967  C CA  . LYS A 1 124 ? -3.601  15.647  14.301  1.00 30.32 ? 124 LYS A CA  1 
ATOM   968  C C   . LYS A 1 124 ? -4.369  16.970  14.304  1.00 31.21 ? 124 LYS A C   1 
ATOM   969  O O   . LYS A 1 124 ? -4.728  17.477  15.368  1.00 31.70 ? 124 LYS A O   1 
ATOM   970  C CB  . LYS A 1 124 ? -2.228  15.884  14.946  1.00 48.50 ? 124 LYS A CB  1 
ATOM   971  C CG  . LYS A 1 124 ? -1.381  14.642  15.180  1.00 49.60 ? 124 LYS A CG  1 
ATOM   972  C CD  . LYS A 1 124 ? -0.643  14.198  13.921  1.00 51.04 ? 124 LYS A CD  1 
ATOM   973  C CE  . LYS A 1 124 ? 0.384   13.115  14.246  1.00 53.34 ? 124 LYS A CE  1 
ATOM   974  N NZ  . LYS A 1 124 ? 1.233   12.747  13.069  1.00 52.63 ? 124 LYS A NZ  1 
ATOM   975  N N   . ASP A 1 125 ? -4.623  17.530  13.124  1.00 30.20 ? 125 ASP A N   1 
ATOM   976  C CA  . ASP A 1 125 ? -5.329  18.808  13.031  1.00 30.52 ? 125 ASP A CA  1 
ATOM   977  C C   . ASP A 1 125 ? -6.665  18.730  12.293  1.00 28.83 ? 125 ASP A C   1 
ATOM   978  O O   . ASP A 1 125 ? -7.344  19.746  12.122  1.00 29.23 ? 125 ASP A O   1 
ATOM   979  C CB  . ASP A 1 125 ? -4.439  19.836  12.339  1.00 31.20 ? 125 ASP A CB  1 
ATOM   980  C CG  . ASP A 1 125 ? -4.309  19.569  10.862  1.00 31.02 ? 125 ASP A CG  1 
ATOM   981  O OD1 . ASP A 1 125 ? -4.599  18.427  10.448  1.00 31.64 ? 125 ASP A OD1 1 
ATOM   982  O OD2 . ASP A 1 125 ? -3.913  20.491  10.116  1.00 32.29 ? 125 ASP A OD2 1 
ATOM   983  N N   . GLY A 1 126 ? -7.032  17.535  11.842  1.00 26.64 ? 126 GLY A N   1 
ATOM   984  C CA  . GLY A 1 126 ? -8.302  17.363  11.152  1.00 26.29 ? 126 GLY A CA  1 
ATOM   985  C C   . GLY A 1 126 ? -8.273  17.460  9.638   1.00 25.56 ? 126 GLY A C   1 
ATOM   986  O O   . GLY A 1 126 ? -9.255  17.115  8.977   1.00 24.35 ? 126 GLY A O   1 
ATOM   987  N N   . SER A 1 127 ? -7.152  17.916  9.082   1.00 29.62 ? 127 SER A N   1 
ATOM   988  C CA  . SER A 1 127 ? -7.014  18.065  7.637   1.00 30.40 ? 127 SER A CA  1 
ATOM   989  C C   . SER A 1 127 ? -7.356  16.784  6.876   1.00 31.92 ? 127 SER A C   1 
ATOM   990  O O   . SER A 1 127 ? -7.998  16.829  5.825   1.00 33.50 ? 127 SER A O   1 
ATOM   991  C CB  . SER A 1 127 ? -5.589  18.507  7.280   1.00 39.62 ? 127 SER A CB  1 
ATOM   992  O OG  . SER A 1 127 ? -4.638  17.519  7.649   1.00 43.81 ? 127 SER A OG  1 
ATOM   993  N N   . GLY A 1 128 ? -6.919  15.646  7.406   1.00 28.25 ? 128 GLY A N   1 
ATOM   994  C CA  . GLY A 1 128 ? -7.198  14.374  6.765   1.00 29.16 ? 128 GLY A CA  1 
ATOM   995  C C   . GLY A 1 128 ? -6.375  14.081  5.526   1.00 28.36 ? 128 GLY A C   1 
ATOM   996  O O   . GLY A 1 128 ? -6.674  13.148  4.779   1.00 32.68 ? 128 GLY A O   1 
ATOM   997  N N   . THR A 1 129 ? -5.338  14.875  5.297   1.00 23.37 ? 129 THR A N   1 
ATOM   998  C CA  . THR A 1 129 ? -4.477  14.678  4.142   1.00 21.76 ? 129 THR A CA  1 
ATOM   999  C C   . THR A 1 129 ? -3.046  14.436  4.585   1.00 21.65 ? 129 THR A C   1 
ATOM   1000 O O   . THR A 1 129 ? -2.721  14.523  5.768   1.00 20.33 ? 129 THR A O   1 
ATOM   1001 C CB  . THR A 1 129 ? -4.467  15.905  3.223   1.00 30.05 ? 129 THR A CB  1 
ATOM   1002 O OG1 . THR A 1 129 ? -4.016  17.043  3.968   1.00 30.96 ? 129 THR A OG1 1 
ATOM   1003 C CG2 . THR A 1 129 ? -5.846  16.166  2.659   1.00 29.29 ? 129 THR A CG2 1 
ATOM   1004 N N   . ILE A 1 130 ? -2.192  14.132  3.616   1.00 23.60 ? 130 ILE A N   1 
ATOM   1005 C CA  . ILE A 1 130 ? -0.785  13.894  3.878   1.00 23.38 ? 130 ILE A CA  1 
ATOM   1006 C C   . ILE A 1 130 ? 0.025   14.845  3.006   1.00 23.25 ? 130 ILE A C   1 
ATOM   1007 O O   . ILE A 1 130 ? -0.215  14.943  1.802   1.00 21.73 ? 130 ILE A O   1 
ATOM   1008 C CB  . ILE A 1 130 ? -0.405  12.431  3.548   1.00 25.10 ? 130 ILE A CB  1 
ATOM   1009 C CG1 . ILE A 1 130 ? -0.886  11.510  4.671   1.00 24.24 ? 130 ILE A CG1 1 
ATOM   1010 C CG2 . ILE A 1 130 ? 1.093   12.298  3.358   1.00 25.79 ? 130 ILE A CG2 1 
ATOM   1011 C CD1 . ILE A 1 130 ? -0.679  10.047  4.382   1.00 20.38 ? 130 ILE A CD1 1 
ATOM   1012 N N   . THR A 1 131 ? 0.975   15.550  3.611   1.00 26.83 ? 131 THR A N   1 
ATOM   1013 C CA  . THR A 1 131 ? 1.807   16.486  2.863   1.00 27.77 ? 131 THR A CA  1 
ATOM   1014 C C   . THR A 1 131 ? 3.021   15.769  2.295   1.00 27.95 ? 131 THR A C   1 
ATOM   1015 O O   . THR A 1 131 ? 3.373   14.674  2.740   1.00 27.76 ? 131 THR A O   1 
ATOM   1016 C CB  . THR A 1 131 ? 2.299   17.659  3.740   1.00 28.22 ? 131 THR A CB  1 
ATOM   1017 O OG1 . THR A 1 131 ? 3.269   17.191  4.690   1.00 27.52 ? 131 THR A OG1 1 
ATOM   1018 C CG2 . THR A 1 131 ? 1.122   18.302  4.474   1.00 29.34 ? 131 THR A CG2 1 
ATOM   1019 N N   . LEU A 1 132 ? 3.657   16.386  1.307   1.00 21.17 ? 132 LEU A N   1 
ATOM   1020 C CA  . LEU A 1 132 ? 4.837   15.796  0.694   1.00 21.22 ? 132 LEU A CA  1 
ATOM   1021 C C   . LEU A 1 132 ? 5.890   15.422  1.740   1.00 22.43 ? 132 LEU A C   1 
ATOM   1022 O O   . LEU A 1 132 ? 6.543   14.386  1.631   1.00 21.99 ? 132 LEU A O   1 
ATOM   1023 C CB  . LEU A 1 132 ? 5.436   16.766  -0.325  1.00 25.34 ? 132 LEU A CB  1 
ATOM   1024 C CG  . LEU A 1 132 ? 6.822   16.399  -0.858  1.00 26.55 ? 132 LEU A CG  1 
ATOM   1025 C CD1 . LEU A 1 132 ? 6.778   15.018  -1.491  1.00 27.75 ? 132 LEU A CD1 1 
ATOM   1026 C CD2 . LEU A 1 132 ? 7.281   17.449  -1.868  1.00 27.10 ? 132 LEU A CD2 1 
ATOM   1027 N N   . ASP A 1 133 ? 6.051   16.267  2.756   1.00 28.04 ? 133 ASP A N   1 
ATOM   1028 C CA  . ASP A 1 133 ? 7.036   16.011  3.806   1.00 29.76 ? 133 ASP A CA  1 
ATOM   1029 C C   . ASP A 1 133 ? 6.706   14.803  4.674   1.00 28.61 ? 133 ASP A C   1 
ATOM   1030 O O   . ASP A 1 133 ? 7.604   14.114  5.162   1.00 29.69 ? 133 ASP A O   1 
ATOM   1031 C CB  . ASP A 1 133 ? 7.184   17.240  4.702   1.00 44.86 ? 133 ASP A CB  1 
ATOM   1032 C CG  . ASP A 1 133 ? 7.912   18.373  4.015   1.00 48.11 ? 133 ASP A CG  1 
ATOM   1033 O OD1 . ASP A 1 133 ? 9.082   18.174  3.621   1.00 48.28 ? 133 ASP A OD1 1 
ATOM   1034 O OD2 . ASP A 1 133 ? 7.314   19.461  3.875   1.00 51.30 ? 133 ASP A OD2 1 
ATOM   1035 N N   . GLU A 1 134 ? 5.420   14.558  4.884   1.00 25.58 ? 134 GLU A N   1 
ATOM   1036 C CA  . GLU A 1 134 ? 4.998   13.428  5.700   1.00 24.14 ? 134 GLU A CA  1 
ATOM   1037 C C   . GLU A 1 134 ? 5.140   12.126  4.911   1.00 23.78 ? 134 GLU A C   1 
ATOM   1038 O O   . GLU A 1 134 ? 5.428   11.070  5.477   1.00 20.95 ? 134 GLU A O   1 
ATOM   1039 C CB  . GLU A 1 134 ? 3.556   13.632  6.155   1.00 28.25 ? 134 GLU A CB  1 
ATOM   1040 C CG  . GLU A 1 134 ? 3.358   14.942  6.911   1.00 29.86 ? 134 GLU A CG  1 
ATOM   1041 C CD  . GLU A 1 134 ? 1.933   15.163  7.361   1.00 29.49 ? 134 GLU A CD  1 
ATOM   1042 O OE1 . GLU A 1 134 ? 1.020   15.058  6.520   1.00 31.53 ? 134 GLU A OE1 1 
ATOM   1043 O OE2 . GLU A 1 134 ? 1.726   15.451  8.559   1.00 31.04 ? 134 GLU A OE2 1 
ATOM   1044 N N   . TRP A 1 135 ? 4.954   12.211  3.598   1.00 18.31 ? 135 TRP A N   1 
ATOM   1045 C CA  . TRP A 1 135 ? 5.075   11.040  2.745   1.00 18.03 ? 135 TRP A CA  1 
ATOM   1046 C C   . TRP A 1 135 ? 6.540   10.625  2.658   1.00 18.87 ? 135 TRP A C   1 
ATOM   1047 O O   . TRP A 1 135 ? 6.861   9.435   2.643   1.00 19.08 ? 135 TRP A O   1 
ATOM   1048 C CB  . TRP A 1 135 ? 4.516   11.338  1.349   1.00 22.06 ? 135 TRP A CB  1 
ATOM   1049 C CG  . TRP A 1 135 ? 4.532   10.151  0.420   1.00 21.16 ? 135 TRP A CG  1 
ATOM   1050 C CD1 . TRP A 1 135 ? 5.263   10.018  -0.722  1.00 22.09 ? 135 TRP A CD1 1 
ATOM   1051 C CD2 . TRP A 1 135 ? 3.788   8.932   0.564   1.00 20.85 ? 135 TRP A CD2 1 
ATOM   1052 N NE1 . TRP A 1 135 ? 5.024   8.796   -1.301  1.00 21.40 ? 135 TRP A NE1 1 
ATOM   1053 C CE2 . TRP A 1 135 ? 4.121   8.109   -0.533  1.00 21.77 ? 135 TRP A CE2 1 
ATOM   1054 C CE3 . TRP A 1 135 ? 2.874   8.457   1.513   1.00 21.07 ? 135 TRP A CE3 1 
ATOM   1055 C CZ2 . TRP A 1 135 ? 3.570   6.828   -0.709  1.00 22.51 ? 135 TRP A CZ2 1 
ATOM   1056 C CZ3 . TRP A 1 135 ? 2.326   7.182   1.338   1.00 19.00 ? 135 TRP A CZ3 1 
ATOM   1057 C CH2 . TRP A 1 135 ? 2.678   6.386   0.236   1.00 19.34 ? 135 TRP A CH2 1 
ATOM   1058 N N   . LYS A 1 136 ? 7.437   11.604  2.596   1.00 22.46 ? 136 LYS A N   1 
ATOM   1059 C CA  . LYS A 1 136 ? 8.859   11.288  2.538   1.00 23.42 ? 136 LYS A CA  1 
ATOM   1060 C C   . LYS A 1 136 ? 9.192   10.541  3.818   1.00 22.47 ? 136 LYS A C   1 
ATOM   1061 O O   . LYS A 1 136 ? 9.995   9.612   3.822   1.00 22.77 ? 136 LYS A O   1 
ATOM   1062 C CB  . LYS A 1 136 ? 9.703   12.563  2.445   1.00 25.97 ? 136 LYS A CB  1 
ATOM   1063 C CG  . LYS A 1 136 ? 9.638   13.244  1.093   1.00 24.79 ? 136 LYS A CG  1 
ATOM   1064 C CD  . LYS A 1 136 ? 10.567  14.450  1.036   1.00 30.12 ? 136 LYS A CD  1 
ATOM   1065 C CE  . LYS A 1 136 ? 10.542  15.087  -0.344  1.00 28.87 ? 136 LYS A CE  1 
ATOM   1066 N NZ  . LYS A 1 136 ? 11.524  16.198  -0.473  1.00 30.73 ? 136 LYS A NZ  1 
ATOM   1067 N N   . ALA A 1 137 ? 8.560   10.965  4.906   1.00 20.23 ? 137 ALA A N   1 
ATOM   1068 C CA  . ALA A 1 137 ? 8.771   10.336  6.197   1.00 20.71 ? 137 ALA A CA  1 
ATOM   1069 C C   . ALA A 1 137 ? 8.336   8.876   6.097   1.00 20.43 ? 137 ALA A C   1 
ATOM   1070 O O   . ALA A 1 137 ? 9.086   7.964   6.452   1.00 20.64 ? 137 ALA A O   1 
ATOM   1071 C CB  . ALA A 1 137 ? 7.967   11.062  7.264   1.00 19.23 ? 137 ALA A CB  1 
ATOM   1072 N N   . TYR A 1 138 ? 7.123   8.661   5.605   1.00 16.31 ? 138 TYR A N   1 
ATOM   1073 C CA  . TYR A 1 138 ? 6.590   7.317   5.448   1.00 16.73 ? 138 TYR A CA  1 
ATOM   1074 C C   . TYR A 1 138 ? 7.425   6.498   4.469   1.00 16.80 ? 138 TYR A C   1 
ATOM   1075 O O   . TYR A 1 138 ? 7.652   5.314   4.681   1.00 17.58 ? 138 TYR A O   1 
ATOM   1076 C CB  . TYR A 1 138 ? 5.150   7.354   4.941   1.00 15.89 ? 138 TYR A CB  1 
ATOM   1077 C CG  . TYR A 1 138 ? 4.554   5.965   4.859   1.00 15.12 ? 138 TYR A CG  1 
ATOM   1078 C CD1 . TYR A 1 138 ? 4.114   5.310   6.004   1.00 15.19 ? 138 TYR A CD1 1 
ATOM   1079 C CD2 . TYR A 1 138 ? 4.524   5.269   3.647   1.00 15.07 ? 138 TYR A CD2 1 
ATOM   1080 C CE1 . TYR A 1 138 ? 3.667   3.992   5.955   1.00 12.88 ? 138 TYR A CE1 1 
ATOM   1081 C CE2 . TYR A 1 138 ? 4.082   3.949   3.581   1.00 16.67 ? 138 TYR A CE2 1 
ATOM   1082 C CZ  . TYR A 1 138 ? 3.658   3.313   4.739   1.00 15.45 ? 138 TYR A CZ  1 
ATOM   1083 O OH  . TYR A 1 138 ? 3.252   1.996   4.690   1.00 14.08 ? 138 TYR A OH  1 
ATOM   1084 N N   . GLY A 1 139 ? 7.867   7.133   3.389   1.00 17.26 ? 139 GLY A N   1 
ATOM   1085 C CA  . GLY A 1 139 ? 8.665   6.435   2.405   1.00 19.46 ? 139 GLY A CA  1 
ATOM   1086 C C   . GLY A 1 139 ? 9.958   5.903   2.994   1.00 20.49 ? 139 GLY A C   1 
ATOM   1087 O O   . GLY A 1 139 ? 10.350  4.767   2.736   1.00 18.62 ? 139 GLY A O   1 
ATOM   1088 N N   . ARG A 1 140 ? 10.626  6.727   3.794   1.00 21.78 ? 140 ARG A N   1 
ATOM   1089 C CA  . ARG A 1 140 ? 11.891  6.329   4.407   1.00 23.51 ? 140 ARG A CA  1 
ATOM   1090 C C   . ARG A 1 140 ? 11.711  5.291   5.508   1.00 21.35 ? 140 ARG A C   1 
ATOM   1091 O O   . ARG A 1 140 ? 12.410  4.275   5.542   1.00 22.76 ? 140 ARG A O   1 
ATOM   1092 C CB  . ARG A 1 140 ? 12.611  7.555   4.983   1.00 42.89 ? 140 ARG A CB  1 
ATOM   1093 C CG  . ARG A 1 140 ? 13.992  7.242   5.556   1.00 48.20 ? 140 ARG A CG  1 
ATOM   1094 C CD  . ARG A 1 140 ? 14.594  8.425   6.310   1.00 53.03 ? 140 ARG A CD  1 
ATOM   1095 N NE  . ARG A 1 140 ? 13.788  8.804   7.469   1.00 56.64 ? 140 ARG A NE  1 
ATOM   1096 C CZ  . ARG A 1 140 ? 14.211  9.598   8.449   1.00 57.70 ? 140 ARG A CZ  1 
ATOM   1097 N NH1 . ARG A 1 140 ? 15.439  10.098  8.417   1.00 58.97 ? 140 ARG A NH1 1 
ATOM   1098 N NH2 . ARG A 1 140 ? 13.406  9.893   9.463   1.00 57.27 ? 140 ARG A NH2 1 
ATOM   1099 N N   . ILE A 1 141 ? 10.777  5.552   6.415   1.00 21.37 ? 141 ILE A N   1 
ATOM   1100 C CA  . ILE A 1 141 ? 10.521  4.645   7.531   1.00 20.23 ? 141 ILE A CA  1 
ATOM   1101 C C   . ILE A 1 141 ? 9.998   3.287   7.073   1.00 19.47 ? 141 ILE A C   1 
ATOM   1102 O O   . ILE A 1 141 ? 10.432  2.255   7.582   1.00 19.82 ? 141 ILE A O   1 
ATOM   1103 C CB  . ILE A 1 141 ? 9.534   5.286   8.554   1.00 25.06 ? 141 ILE A CB  1 
ATOM   1104 C CG1 . ILE A 1 141 ? 10.268  6.317   9.420   1.00 27.97 ? 141 ILE A CG1 1 
ATOM   1105 C CG2 . ILE A 1 141 ? 8.947   4.230   9.473   1.00 25.87 ? 141 ILE A CG2 1 
ATOM   1106 C CD1 . ILE A 1 141 ? 10.818  7.493   8.669   1.00 29.70 ? 141 ILE A CD1 1 
ATOM   1107 N N   . SER A 1 142 ? 9.070   3.276   6.120   1.00 23.71 ? 142 SER A N   1 
ATOM   1108 C CA  . SER A 1 142 ? 8.530   2.010   5.621   1.00 23.04 ? 142 SER A CA  1 
ATOM   1109 C C   . SER A 1 142 ? 9.519   1.361   4.655   1.00 24.21 ? 142 SER A C   1 
ATOM   1110 O O   . SER A 1 142 ? 9.512   0.147   4.458   1.00 24.02 ? 142 SER A O   1 
ATOM   1111 C CB  . SER A 1 142 ? 7.204   2.234   4.893   1.00 20.69 ? 142 SER A CB  1 
ATOM   1112 O OG  . SER A 1 142 ? 7.407   2.955   3.691   1.00 18.97 ? 142 SER A OG  1 
ATOM   1113 N N   . GLY A 1 143 ? 10.363  2.181   4.046   1.00 21.62 ? 143 GLY A N   1 
ATOM   1114 C CA  . GLY A 1 143 ? 11.341  1.657   3.109   1.00 21.87 ? 143 GLY A CA  1 
ATOM   1115 C C   . GLY A 1 143 ? 10.807  1.452   1.702   1.00 19.99 ? 143 GLY A C   1 
ATOM   1116 O O   . GLY A 1 143 ? 11.534  1.025   0.814   1.00 20.61 ? 143 GLY A O   1 
ATOM   1117 N N   . ILE A 1 144 ? 9.534   1.752   1.476   1.00 16.55 ? 144 ILE A N   1 
ATOM   1118 C CA  . ILE A 1 144 ? 8.990   1.555   0.143   1.00 16.21 ? 144 ILE A CA  1 
ATOM   1119 C C   . ILE A 1 144 ? 9.439   2.659   -0.806  1.00 16.91 ? 144 ILE A C   1 
ATOM   1120 O O   . ILE A 1 144 ? 9.426   2.482   -2.022  1.00 17.82 ? 144 ILE A O   1 
ATOM   1121 C CB  . ILE A 1 144 ? 7.457   1.496   0.175   1.00 13.99 ? 144 ILE A CB  1 
ATOM   1122 C CG1 . ILE A 1 144 ? 6.941   0.857   -1.109  1.00 15.74 ? 144 ILE A CG1 1 
ATOM   1123 C CG2 . ILE A 1 144 ? 6.873   2.897   0.345   1.00 14.51 ? 144 ILE A CG2 1 
ATOM   1124 C CD1 . ILE A 1 144 ? 5.472   0.509   -1.047  1.00 17.96 ? 144 ILE A CD1 1 
ATOM   1125 N N   . SER A 1 145 ? 9.832   3.796   -0.246  1.00 18.83 ? 145 SER A N   1 
ATOM   1126 C CA  . SER A 1 145 ? 10.279  4.920   -1.058  1.00 21.80 ? 145 SER A CA  1 
ATOM   1127 C C   . SER A 1 145 ? 11.277  5.775   -0.280  1.00 23.53 ? 145 SER A C   1 
ATOM   1128 O O   . SER A 1 145 ? 11.010  6.929   0.044   1.00 25.74 ? 145 SER A O   1 
ATOM   1129 C CB  . SER A 1 145 ? 9.077   5.772   -1.485  1.00 23.28 ? 145 SER A CB  1 
ATOM   1130 O OG  . SER A 1 145 ? 9.463   6.760   -2.424  1.00 29.03 ? 145 SER A OG  1 
ATOM   1131 N N   . PRO A 1 146 ? 12.452  5.214   0.025   1.00 32.27 ? 146 PRO A N   1 
ATOM   1132 C CA  . PRO A 1 146 ? 13.446  5.984   0.771   1.00 33.91 ? 146 PRO A CA  1 
ATOM   1133 C C   . PRO A 1 146 ? 13.892  7.223   -0.003  1.00 35.62 ? 146 PRO A C   1 
ATOM   1134 O O   . PRO A 1 146 ? 14.232  8.247   0.592   1.00 37.30 ? 146 PRO A O   1 
ATOM   1135 C CB  . PRO A 1 146 ? 14.573  4.978   0.973   1.00 29.46 ? 146 PRO A CB  1 
ATOM   1136 C CG  . PRO A 1 146 ? 14.487  4.136   -0.271  1.00 27.42 ? 146 PRO A CG  1 
ATOM   1137 C CD  . PRO A 1 146 ? 12.996  3.911   -0.395  1.00 26.96 ? 146 PRO A CD  1 
ATOM   1138 N N   . SER A 1 147 ? 13.872  7.129   -1.330  1.00 29.58 ? 147 SER A N   1 
ATOM   1139 C CA  . SER A 1 147 ? 14.285  8.242   -2.178  1.00 29.61 ? 147 SER A CA  1 
ATOM   1140 C C   . SER A 1 147 ? 13.418  9.480   -1.998  1.00 30.01 ? 147 SER A C   1 
ATOM   1141 O O   . SER A 1 147 ? 12.227  9.474   -2.304  1.00 28.24 ? 147 SER A O   1 
ATOM   1142 C CB  . SER A 1 147 ? 14.267  7.829   -3.650  1.00 27.35 ? 147 SER A CB  1 
ATOM   1143 O OG  . SER A 1 147 ? 14.506  8.946   -4.491  1.00 28.34 ? 147 SER A OG  1 
ATOM   1144 N N   . GLU A 1 148 ? 14.034  10.546  -1.503  1.00 31.81 ? 148 GLU A N   1 
ATOM   1145 C CA  . GLU A 1 148 ? 13.340  11.805  -1.297  1.00 31.61 ? 148 GLU A CA  1 
ATOM   1146 C C   . GLU A 1 148 ? 12.817  12.279  -2.655  1.00 30.19 ? 148 GLU A C   1 
ATOM   1147 O O   . GLU A 1 148 ? 11.800  12.965  -2.743  1.00 28.39 ? 148 GLU A O   1 
ATOM   1148 C CB  . GLU A 1 148 ? 14.313  12.832  -0.711  1.00 43.59 ? 148 GLU A CB  1 
ATOM   1149 C CG  . GLU A 1 148 ? 13.681  14.147  -0.319  1.00 47.63 ? 148 GLU A CG  1 
ATOM   1150 C CD  . GLU A 1 148 ? 14.687  15.127  0.242   1.00 48.37 ? 148 GLU A CD  1 
ATOM   1151 O OE1 . GLU A 1 148 ? 15.650  15.470  -0.477  1.00 50.75 ? 148 GLU A OE1 1 
ATOM   1152 O OE2 . GLU A 1 148 ? 14.514  15.553  1.402   1.00 51.30 ? 148 GLU A OE2 1 
ATOM   1153 N N   . GLU A 1 149 ? 13.524  11.888  -3.712  1.00 23.24 ? 149 GLU A N   1 
ATOM   1154 C CA  . GLU A 1 149 ? 13.163  12.249  -5.077  1.00 23.24 ? 149 GLU A CA  1 
ATOM   1155 C C   . GLU A 1 149 ? 11.918  11.498  -5.556  1.00 21.61 ? 149 GLU A C   1 
ATOM   1156 O O   . GLU A 1 149 ? 11.029  12.087  -6.162  1.00 19.48 ? 149 GLU A O   1 
ATOM   1157 C CB  . GLU A 1 149 ? 14.345  11.953  -6.008  1.00 28.18 ? 149 GLU A CB  1 
ATOM   1158 C CG  . GLU A 1 149 ? 14.072  12.103  -7.495  1.00 30.17 ? 149 GLU A CG  1 
ATOM   1159 C CD  . GLU A 1 149 ? 13.741  13.526  -7.903  1.00 29.60 ? 149 GLU A CD  1 
ATOM   1160 O OE1 . GLU A 1 149 ? 14.330  14.471  -7.340  1.00 28.55 ? 149 GLU A OE1 1 
ATOM   1161 O OE2 . GLU A 1 149 ? 12.899  13.698  -8.806  1.00 33.59 ? 149 GLU A OE2 1 
ATOM   1162 N N   . ASP A 1 150 ? 11.852  10.196  -5.289  1.00 25.21 ? 150 ASP A N   1 
ATOM   1163 C CA  . ASP A 1 150 ? 10.697  9.411   -5.721  1.00 24.23 ? 150 ASP A CA  1 
ATOM   1164 C C   . ASP A 1 150 ? 9.401   9.882   -5.067  1.00 24.44 ? 150 ASP A C   1 
ATOM   1165 O O   . ASP A 1 150 ? 8.339   9.869   -5.697  1.00 23.54 ? 150 ASP A O   1 
ATOM   1166 C CB  . ASP A 1 150 ? 10.907  7.922   -5.425  1.00 25.71 ? 150 ASP A CB  1 
ATOM   1167 C CG  . ASP A 1 150 ? 11.869  7.264   -6.397  1.00 26.73 ? 150 ASP A CG  1 
ATOM   1168 O OD1 . ASP A 1 150 ? 11.784  7.564   -7.605  1.00 24.13 ? 150 ASP A OD1 1 
ATOM   1169 O OD2 . ASP A 1 150 ? 12.695  6.436   -5.954  1.00 25.27 ? 150 ASP A OD2 1 
ATOM   1170 N N   . CYS A 1 151 ? 9.490   10.297  -3.808  1.00 21.70 ? 151 CYS A N   1 
ATOM   1171 C CA  . CYS A 1 151 ? 8.319   10.782  -3.078  1.00 21.83 ? 151 CYS A CA  1 
ATOM   1172 C C   . CYS A 1 151 ? 7.757   12.028  -3.754  1.00 21.30 ? 151 CYS A C   1 
ATOM   1173 O O   . CYS A 1 151 ? 6.546   12.220  -3.809  1.00 22.23 ? 151 CYS A O   1 
ATOM   1174 C CB  . CYS A 1 151 ? 8.684   11.112  -1.631  1.00 20.63 ? 151 CYS A CB  1 
ATOM   1175 S SG  . CYS A 1 151 ? 9.147   9.687   -0.610  1.00 21.72 ? 151 CYS A SG  1 
ATOM   1176 N N   . GLU A 1 152 ? 8.643   12.881  -4.260  1.00 24.59 ? 152 GLU A N   1 
ATOM   1177 C CA  . GLU A 1 152 ? 8.203   14.092  -4.936  1.00 23.36 ? 152 GLU A CA  1 
ATOM   1178 C C   . GLU A 1 152 ? 7.505   13.722  -6.231  1.00 22.17 ? 152 GLU A C   1 
ATOM   1179 O O   . GLU A 1 152 ? 6.513   14.346  -6.615  1.00 21.63 ? 152 GLU A O   1 
ATOM   1180 C CB  . GLU A 1 152 ? 9.389   15.020  -5.208  1.00 25.49 ? 152 GLU A CB  1 
ATOM   1181 C CG  . GLU A 1 152 ? 9.825   15.786  -3.972  1.00 27.19 ? 152 GLU A CG  1 
ATOM   1182 C CD  . GLU A 1 152 ? 10.982  16.727  -4.231  1.00 30.98 ? 152 GLU A CD  1 
ATOM   1183 O OE1 . GLU A 1 152 ? 11.448  17.362  -3.263  1.00 35.09 ? 152 GLU A OE1 1 
ATOM   1184 O OE2 . GLU A 1 152 ? 11.425  16.834  -5.393  1.00 30.88 ? 152 GLU A OE2 1 
ATOM   1185 N N   . LYS A 1 153 ? 8.026   12.700  -6.901  1.00 17.87 ? 153 LYS A N   1 
ATOM   1186 C CA  . LYS A 1 153 ? 7.426   12.224  -8.132  1.00 18.82 ? 153 LYS A CA  1 
ATOM   1187 C C   . LYS A 1 153 ? 6.034   11.671  -7.805  1.00 17.34 ? 153 LYS A C   1 
ATOM   1188 O O   . LYS A 1 153 ? 5.103   11.797  -8.596  1.00 17.71 ? 153 LYS A O   1 
ATOM   1189 C CB  . LYS A 1 153 ? 8.318   11.154  -8.771  1.00 21.65 ? 153 LYS A CB  1 
ATOM   1190 C CG  . LYS A 1 153 ? 9.681   11.703  -9.229  1.00 20.80 ? 153 LYS A CG  1 
ATOM   1191 C CD  . LYS A 1 153 ? 10.576  10.631  -9.853  1.00 24.36 ? 153 LYS A CD  1 
ATOM   1192 C CE  . LYS A 1 153 ? 9.916   9.964   -11.055 1.00 23.63 ? 153 LYS A CE  1 
ATOM   1193 N NZ  . LYS A 1 153 ? 9.460   10.953  -12.082 1.00 22.63 ? 153 LYS A NZ  1 
ATOM   1194 N N   . THR A 1 154 ? 5.888   11.068  -6.630  1.00 16.39 ? 154 THR A N   1 
ATOM   1195 C CA  . THR A 1 154 ? 4.587   10.550  -6.224  1.00 15.44 ? 154 THR A CA  1 
ATOM   1196 C C   . THR A 1 154 ? 3.599   11.722  -6.195  1.00 15.61 ? 154 THR A C   1 
ATOM   1197 O O   . THR A 1 154 ? 2.484   11.626  -6.699  1.00 14.83 ? 154 THR A O   1 
ATOM   1198 C CB  . THR A 1 154 ? 4.646   9.912   -4.820  1.00 16.85 ? 154 THR A CB  1 
ATOM   1199 O OG1 . THR A 1 154 ? 5.422   8.707   -4.877  1.00 18.56 ? 154 THR A OG1 1 
ATOM   1200 C CG2 . THR A 1 154 ? 3.239   9.578   -4.318  1.00 14.76 ? 154 THR A CG2 1 
ATOM   1201 N N   . PHE A 1 155 ? 4.021   12.833  -5.609  1.00 18.95 ? 155 PHE A N   1 
ATOM   1202 C CA  . PHE A 1 155 ? 3.151   13.992  -5.538  1.00 20.22 ? 155 PHE A CA  1 
ATOM   1203 C C   . PHE A 1 155 ? 2.959   14.682  -6.879  1.00 20.36 ? 155 PHE A C   1 
ATOM   1204 O O   . PHE A 1 155 ? 1.970   15.385  -7.074  1.00 20.50 ? 155 PHE A O   1 
ATOM   1205 C CB  . PHE A 1 155 ? 3.650   14.961  -4.465  1.00 20.20 ? 155 PHE A CB  1 
ATOM   1206 C CG  . PHE A 1 155 ? 3.134   14.629  -3.090  1.00 20.45 ? 155 PHE A CG  1 
ATOM   1207 C CD1 . PHE A 1 155 ? 3.461   13.416  -2.485  1.00 19.51 ? 155 PHE A CD1 1 
ATOM   1208 C CD2 . PHE A 1 155 ? 2.268   15.495  -2.434  1.00 19.96 ? 155 PHE A CD2 1 
ATOM   1209 C CE1 . PHE A 1 155 ? 2.929   13.062  -1.246  1.00 21.19 ? 155 PHE A CE1 1 
ATOM   1210 C CE2 . PHE A 1 155 ? 1.725   15.158  -1.190  1.00 22.42 ? 155 PHE A CE2 1 
ATOM   1211 C CZ  . PHE A 1 155 ? 2.056   13.935  -0.594  1.00 22.10 ? 155 PHE A CZ  1 
ATOM   1212 N N   . GLN A 1 156 ? 3.890   14.487  -7.811  1.00 22.70 ? 156 GLN A N   1 
ATOM   1213 C CA  . GLN A 1 156 ? 3.729   15.066  -9.141  1.00 21.62 ? 156 GLN A CA  1 
ATOM   1214 C C   . GLN A 1 156 ? 2.719   14.188  -9.866  1.00 20.17 ? 156 GLN A C   1 
ATOM   1215 O O   . GLN A 1 156 ? 1.829   14.672  -10.567 1.00 22.33 ? 156 GLN A O   1 
ATOM   1216 C CB  . GLN A 1 156 ? 5.033   15.030  -9.937  1.00 22.94 ? 156 GLN A CB  1 
ATOM   1217 C CG  . GLN A 1 156 ? 6.035   16.114  -9.632  1.00 24.74 ? 156 GLN A CG  1 
ATOM   1218 C CD  . GLN A 1 156 ? 7.182   16.083  -10.620 1.00 27.50 ? 156 GLN A CD  1 
ATOM   1219 O OE1 . GLN A 1 156 ? 7.846   15.062  -10.776 1.00 30.62 ? 156 GLN A OE1 1 
ATOM   1220 N NE2 . GLN A 1 156 ? 7.411   17.193  -11.303 1.00 29.78 ? 156 GLN A NE2 1 
ATOM   1221 N N   . HIS A 1 157 ? 2.877   12.878  -9.691  1.00 20.33 ? 157 HIS A N   1 
ATOM   1222 C CA  . HIS A 1 157 ? 2.001   11.905  -10.327 1.00 20.86 ? 157 HIS A CA  1 
ATOM   1223 C C   . HIS A 1 157 ? 0.552   11.979  -9.873  1.00 21.17 ? 157 HIS A C   1 
ATOM   1224 O O   . HIS A 1 157 ? -0.360  11.849  -10.684 1.00 22.96 ? 157 HIS A O   1 
ATOM   1225 C CB  . HIS A 1 157 ? 2.523   10.483  -10.095 1.00 24.38 ? 157 HIS A CB  1 
ATOM   1226 C CG  . HIS A 1 157 ? 1.670   9.430   -10.728 1.00 23.96 ? 157 HIS A CG  1 
ATOM   1227 N ND1 . HIS A 1 157 ? 0.455   9.039   -10.205 1.00 25.46 ? 157 HIS A ND1 1 
ATOM   1228 C CD2 . HIS A 1 157 ? 1.817   8.745   -11.887 1.00 21.37 ? 157 HIS A CD2 1 
ATOM   1229 C CE1 . HIS A 1 157 ? -0.110  8.165   -11.017 1.00 22.47 ? 157 HIS A CE1 1 
ATOM   1230 N NE2 . HIS A 1 157 ? 0.696   7.969   -12.045 1.00 25.27 ? 157 HIS A NE2 1 
ATOM   1231 N N   . CYS A 1 158 ? 0.337   12.195  -8.581  1.00 22.14 ? 158 CYS A N   1 
ATOM   1232 C CA  . CYS A 1 158 ? -1.020  12.249  -8.045  1.00 23.00 ? 158 CYS A CA  1 
ATOM   1233 C C   . CYS A 1 158 ? -1.672  13.609  -8.207  1.00 22.76 ? 158 CYS A C   1 
ATOM   1234 O O   . CYS A 1 158 ? -0.989  14.630  -8.309  1.00 23.48 ? 158 CYS A O   1 
ATOM   1235 C CB  . CYS A 1 158 ? -1.022  11.898  -6.554  1.00 18.14 ? 158 CYS A CB  1 
ATOM   1236 S SG  . CYS A 1 158 ? -0.430  10.248  -6.149  1.00 18.14 ? 158 CYS A SG  1 
ATOM   1237 N N   . ASP A 1 159 ? -3.001  13.614  -8.236  1.00 22.51 ? 159 ASP A N   1 
ATOM   1238 C CA  . ASP A 1 159 ? -3.740  14.864  -8.316  1.00 23.26 ? 159 ASP A CA  1 
ATOM   1239 C C   . ASP A 1 159 ? -3.883  15.303  -6.867  1.00 22.45 ? 159 ASP A C   1 
ATOM   1240 O O   . ASP A 1 159 ? -4.475  14.589  -6.056  1.00 23.79 ? 159 ASP A O   1 
ATOM   1241 C CB  . ASP A 1 159 ? -5.123  14.669  -8.943  1.00 27.63 ? 159 ASP A CB  1 
ATOM   1242 C CG  . ASP A 1 159 ? -5.054  14.409  -10.431 1.00 30.53 ? 159 ASP A CG  1 
ATOM   1243 O OD1 . ASP A 1 159 ? -4.159  14.984  -11.093 1.00 31.50 ? 159 ASP A OD1 1 
ATOM   1244 O OD2 . ASP A 1 159 ? -5.896  13.646  -10.943 1.00 32.98 ? 159 ASP A OD2 1 
ATOM   1245 N N   . LEU A 1 160 ? -3.323  16.462  -6.538  1.00 20.89 ? 160 LEU A N   1 
ATOM   1246 C CA  . LEU A 1 160 ? -3.373  16.963  -5.169  1.00 22.56 ? 160 LEU A CA  1 
ATOM   1247 C C   . LEU A 1 160 ? -4.565  17.889  -4.933  1.00 22.72 ? 160 LEU A C   1 
ATOM   1248 O O   . LEU A 1 160 ? -5.238  18.309  -5.879  1.00 23.21 ? 160 LEU A O   1 
ATOM   1249 C CB  . LEU A 1 160 ? -2.062  17.685  -4.837  1.00 28.03 ? 160 LEU A CB  1 
ATOM   1250 C CG  . LEU A 1 160 ? -0.756  16.918  -5.106  1.00 26.04 ? 160 LEU A CG  1 
ATOM   1251 C CD1 . LEU A 1 160 ? 0.436   17.782  -4.714  1.00 25.55 ? 160 LEU A CD1 1 
ATOM   1252 C CD2 . LEU A 1 160 ? -0.735  15.614  -4.313  1.00 27.12 ? 160 LEU A CD2 1 
ATOM   1253 N N   . ASP A 1 161 ? -4.837  18.202  -3.669  1.00 21.44 ? 161 ASP A N   1 
ATOM   1254 C CA  . ASP A 1 161 ? -5.948  19.085  -3.358  1.00 21.64 ? 161 ASP A CA  1 
ATOM   1255 C C   . ASP A 1 161 ? -5.515  20.546  -3.487  1.00 22.81 ? 161 ASP A C   1 
ATOM   1256 O O   . ASP A 1 161 ? -4.394  20.830  -3.916  1.00 23.19 ? 161 ASP A O   1 
ATOM   1257 C CB  . ASP A 1 161 ? -6.507  18.787  -1.953  1.00 22.47 ? 161 ASP A CB  1 
ATOM   1258 C CG  . ASP A 1 161 ? -5.545  19.153  -0.833  1.00 25.33 ? 161 ASP A CG  1 
ATOM   1259 O OD1 . ASP A 1 161 ? -4.431  19.642  -1.119  1.00 26.34 ? 161 ASP A OD1 1 
ATOM   1260 O OD2 . ASP A 1 161 ? -5.920  18.950  0.347   1.00 21.28 ? 161 ASP A OD2 1 
ATOM   1261 N N   . ASN A 1 162 ? -6.397  21.472  -3.117  1.00 24.82 ? 162 ASN A N   1 
ATOM   1262 C CA  . ASN A 1 162 ? -6.100  22.895  -3.221  1.00 26.05 ? 162 ASN A CA  1 
ATOM   1263 C C   . ASN A 1 162 ? -4.963  23.387  -2.333  1.00 27.57 ? 162 ASN A C   1 
ATOM   1264 O O   . ASN A 1 162 ? -4.584  24.558  -2.396  1.00 25.59 ? 162 ASN A O   1 
ATOM   1265 C CB  . ASN A 1 162 ? -7.359  23.718  -2.937  1.00 27.01 ? 162 ASN A CB  1 
ATOM   1266 C CG  . ASN A 1 162 ? -8.395  23.585  -4.034  1.00 27.05 ? 162 ASN A CG  1 
ATOM   1267 O OD1 . ASN A 1 162 ? -8.152  23.955  -5.183  1.00 29.25 ? 162 ASN A OD1 1 
ATOM   1268 N ND2 . ASN A 1 162 ? -9.560  23.053  -3.685  1.00 28.93 ? 162 ASN A ND2 1 
ATOM   1269 N N   . SER A 1 163 ? -4.423  22.496  -1.505  1.00 25.35 ? 163 SER A N   1 
ATOM   1270 C CA  . SER A 1 163 ? -3.325  22.851  -0.616  1.00 25.81 ? 163 SER A CA  1 
ATOM   1271 C C   . SER A 1 163 ? -2.039  22.142  -1.017  1.00 23.32 ? 163 SER A C   1 
ATOM   1272 O O   . SER A 1 163 ? -1.036  22.214  -0.310  1.00 24.53 ? 163 SER A O   1 
ATOM   1273 C CB  . SER A 1 163 ? -3.666  22.476  0.823   1.00 39.47 ? 163 SER A CB  1 
ATOM   1274 O OG  . SER A 1 163 ? -2.499  22.461  1.621   1.00 42.00 ? 163 SER A OG  1 
ATOM   1275 N N   . GLY A 1 164 ? -2.071  21.457  -2.152  1.00 18.17 ? 164 GLY A N   1 
ATOM   1276 C CA  . GLY A 1 164 ? -0.894  20.731  -2.595  1.00 16.31 ? 164 GLY A CA  1 
ATOM   1277 C C   . GLY A 1 164 ? -0.695  19.490  -1.745  1.00 17.99 ? 164 GLY A C   1 
ATOM   1278 O O   . GLY A 1 164 ? 0.411   18.956  -1.661  1.00 15.86 ? 164 GLY A O   1 
ATOM   1279 N N   . GLU A 1 165 ? -1.773  19.025  -1.118  1.00 18.59 ? 165 GLU A N   1 
ATOM   1280 C CA  . GLU A 1 165 ? -1.699  17.844  -0.261  1.00 20.36 ? 165 GLU A CA  1 
ATOM   1281 C C   . GLU A 1 165 ? -2.445  16.644  -0.833  1.00 18.83 ? 165 GLU A C   1 
ATOM   1282 O O   . GLU A 1 165 ? -3.425  16.797  -1.569  1.00 18.71 ? 165 GLU A O   1 
ATOM   1283 C CB  . GLU A 1 165 ? -2.220  18.191  1.138   1.00 25.21 ? 165 GLU A CB  1 
ATOM   1284 C CG  . GLU A 1 165 ? -1.425  19.331  1.788   1.00 26.04 ? 165 GLU A CG  1 
ATOM   1285 C CD  . GLU A 1 165 ? -1.902  19.687  3.187   1.00 29.39 ? 165 GLU A CD  1 
ATOM   1286 O OE1 . GLU A 1 165 ? -2.945  19.160  3.619   1.00 31.75 ? 165 GLU A OE1 1 
ATOM   1287 O OE2 . GLU A 1 165 ? -1.234  20.506  3.854   1.00 30.46 ? 165 GLU A OE2 1 
ATOM   1288 N N   . LEU A 1 166 ? -1.960  15.452  -0.485  1.00 21.36 ? 166 LEU A N   1 
ATOM   1289 C CA  . LEU A 1 166 ? -2.525  14.188  -0.946  1.00 21.44 ? 166 LEU A CA  1 
ATOM   1290 C C   . LEU A 1 166 ? -3.599  13.668  0.005   1.00 22.04 ? 166 LEU A C   1 
ATOM   1291 O O   . LEU A 1 166 ? -3.412  13.662  1.223   1.00 23.89 ? 166 LEU A O   1 
ATOM   1292 C CB  . LEU A 1 166 ? -1.403  13.147  -1.071  1.00 25.31 ? 166 LEU A CB  1 
ATOM   1293 C CG  . LEU A 1 166 ? -1.767  11.706  -1.447  1.00 26.37 ? 166 LEU A CG  1 
ATOM   1294 C CD1 . LEU A 1 166 ? -2.323  11.650  -2.866  1.00 25.33 ? 166 LEU A CD1 1 
ATOM   1295 C CD2 . LEU A 1 166 ? -0.528  10.834  -1.320  1.00 27.17 ? 166 LEU A CD2 1 
ATOM   1296 N N   . ASP A 1 167 ? -4.722  13.235  -0.554  1.00 21.33 ? 167 ASP A N   1 
ATOM   1297 C CA  . ASP A 1 167 ? -5.814  12.701  0.255   1.00 23.46 ? 167 ASP A CA  1 
ATOM   1298 C C   . ASP A 1 167 ? -6.013  11.219  -0.032  1.00 21.45 ? 167 ASP A C   1 
ATOM   1299 O O   . ASP A 1 167 ? -5.675  10.734  -1.114  1.00 19.37 ? 167 ASP A O   1 
ATOM   1300 C CB  . ASP A 1 167 ? -7.105  13.470  -0.021  1.00 28.12 ? 167 ASP A CB  1 
ATOM   1301 C CG  . ASP A 1 167 ? -7.454  13.508  -1.484  1.00 30.07 ? 167 ASP A CG  1 
ATOM   1302 O OD1 . ASP A 1 167 ? -7.758  12.444  -2.056  1.00 32.07 ? 167 ASP A OD1 1 
ATOM   1303 O OD2 . ASP A 1 167 ? -7.422  14.609  -2.069  1.00 35.57 ? 167 ASP A OD2 1 
ATOM   1304 N N   . VAL A 1 168 ? -6.573  10.509  0.941   1.00 19.39 ? 168 VAL A N   1 
ATOM   1305 C CA  . VAL A 1 168 ? -6.788  9.070   0.818   1.00 17.13 ? 168 VAL A CA  1 
ATOM   1306 C C   . VAL A 1 168 ? -7.629  8.626   -0.376  1.00 17.09 ? 168 VAL A C   1 
ATOM   1307 O O   . VAL A 1 168 ? -7.468  7.511   -0.857  1.00 15.55 ? 168 VAL A O   1 
ATOM   1308 C CB  . VAL A 1 168 ? -7.428  8.493   2.105   1.00 18.05 ? 168 VAL A CB  1 
ATOM   1309 C CG1 . VAL A 1 168 ? -8.847  9.014   2.269   1.00 17.05 ? 168 VAL A CG1 1 
ATOM   1310 C CG2 . VAL A 1 168 ? -7.419  6.955   2.051   1.00 15.51 ? 168 VAL A CG2 1 
ATOM   1311 N N   . ASP A 1 169 ? -8.519  9.487   -0.859  1.00 17.52 ? 169 ASP A N   1 
ATOM   1312 C CA  . ASP A 1 169 ? -9.369  9.130   -1.994  1.00 19.72 ? 169 ASP A CA  1 
ATOM   1313 C C   . ASP A 1 169 ? -8.570  8.988   -3.284  1.00 19.52 ? 169 ASP A C   1 
ATOM   1314 O O   . ASP A 1 169 ? -8.789  8.059   -4.065  1.00 17.49 ? 169 ASP A O   1 
ATOM   1315 C CB  . ASP A 1 169 ? -10.468 10.177  -2.184  1.00 34.50 ? 169 ASP A CB  1 
ATOM   1316 C CG  . ASP A 1 169 ? -11.432 10.229  -1.011  1.00 38.36 ? 169 ASP A CG  1 
ATOM   1317 O OD1 . ASP A 1 169 ? -11.093 10.845  0.024   1.00 43.04 ? 169 ASP A OD1 1 
ATOM   1318 O OD2 . ASP A 1 169 ? -12.525 9.644   -1.124  1.00 40.05 ? 169 ASP A OD2 1 
ATOM   1319 N N   . GLU A 1 170 ? -7.654  9.923   -3.506  1.00 18.97 ? 170 GLU A N   1 
ATOM   1320 C CA  . GLU A 1 170 ? -6.801  9.904   -4.688  1.00 18.83 ? 170 GLU A CA  1 
ATOM   1321 C C   . GLU A 1 170 ? -5.773  8.778   -4.573  1.00 16.82 ? 170 GLU A C   1 
ATOM   1322 O O   . GLU A 1 170 ? -5.506  8.069   -5.535  1.00 14.13 ? 170 GLU A O   1 
ATOM   1323 C CB  . GLU A 1 170 ? -6.075  11.247  -4.826  1.00 20.88 ? 170 GLU A CB  1 
ATOM   1324 C CG  . GLU A 1 170 ? -4.920  11.254  -5.834  1.00 20.20 ? 170 GLU A CG  1 
ATOM   1325 C CD  . GLU A 1 170 ? -5.376  11.066  -7.265  1.00 20.16 ? 170 GLU A CD  1 
ATOM   1326 O OE1 . GLU A 1 170 ? -4.502  10.981  -8.158  1.00 22.08 ? 170 GLU A OE1 1 
ATOM   1327 O OE2 . GLU A 1 170 ? -6.597  11.010  -7.504  1.00 21.88 ? 170 GLU A OE2 1 
ATOM   1328 N N   . MET A 1 171 ? -5.197  8.603   -3.392  1.00 21.39 ? 171 MET A N   1 
ATOM   1329 C CA  . MET A 1 171 ? -4.196  7.557   -3.231  1.00 20.51 ? 171 MET A CA  1 
ATOM   1330 C C   . MET A 1 171 ? -4.825  6.171   -3.399  1.00 20.69 ? 171 MET A C   1 
ATOM   1331 O O   . MET A 1 171 ? -4.176  5.244   -3.873  1.00 20.48 ? 171 MET A O   1 
ATOM   1332 C CB  . MET A 1 171 ? -3.507  7.662   -1.865  1.00 20.43 ? 171 MET A CB  1 
ATOM   1333 C CG  . MET A 1 171 ? -2.248  6.808   -1.765  1.00 19.87 ? 171 MET A CG  1 
ATOM   1334 S SD  . MET A 1 171 ? -1.048  7.250   -3.055  1.00 20.36 ? 171 MET A SD  1 
ATOM   1335 C CE  . MET A 1 171 ? 0.427   7.546   -2.085  1.00 24.13 ? 171 MET A CE  1 
ATOM   1336 N N   . THR A 1 172 ? -6.087  6.027   -3.006  1.00 20.37 ? 172 THR A N   1 
ATOM   1337 C CA  . THR A 1 172 ? -6.769  4.743   -3.148  1.00 18.15 ? 172 THR A CA  1 
ATOM   1338 C C   . THR A 1 172 ? -6.981  4.458   -4.633  1.00 19.62 ? 172 THR A C   1 
ATOM   1339 O O   . THR A 1 172 ? -6.831  3.324   -5.087  1.00 19.52 ? 172 THR A O   1 
ATOM   1340 C CB  . THR A 1 172 ? -8.138  4.752   -2.429  1.00 17.36 ? 172 THR A CB  1 
ATOM   1341 O OG1 . THR A 1 172 ? -7.935  4.963   -1.030  1.00 15.13 ? 172 THR A OG1 1 
ATOM   1342 C CG2 . THR A 1 172 ? -8.858  3.423   -2.616  1.00 16.11 ? 172 THR A CG2 1 
ATOM   1343 N N   . ARG A 1 173 ? -7.330  5.499   -5.383  1.00 19.21 ? 173 ARG A N   1 
ATOM   1344 C CA  . ARG A 1 173 ? -7.545  5.394   -6.824  1.00 19.86 ? 173 ARG A CA  1 
ATOM   1345 C C   . ARG A 1 173 ? -6.261  4.921   -7.486  1.00 18.14 ? 173 ARG A C   1 
ATOM   1346 O O   . ARG A 1 173 ? -6.270  4.043   -8.351  1.00 18.61 ? 173 ARG A O   1 
ATOM   1347 C CB  . ARG A 1 173 ? -7.908  6.764   -7.409  1.00 18.70 ? 173 ARG A CB  1 
ATOM   1348 C CG  . ARG A 1 173 ? -9.364  7.162   -7.292  1.00 20.00 ? 173 ARG A CG  1 
ATOM   1349 C CD  . ARG A 1 173 ? -9.499  8.669   -7.435  1.00 20.51 ? 173 ARG A CD  1 
ATOM   1350 N NE  . ARG A 1 173 ? -8.827  9.180   -8.625  1.00 20.56 ? 173 ARG A NE  1 
ATOM   1351 C CZ  . ARG A 1 173 ? -9.277  9.043   -9.866  1.00 22.37 ? 173 ARG A CZ  1 
ATOM   1352 N NH1 . ARG A 1 173 ? -10.417 8.405   -10.099 1.00 22.30 ? 173 ARG A NH1 1 
ATOM   1353 N NH2 . ARG A 1 173 ? -8.579  9.549   -10.878 1.00 23.22 ? 173 ARG A NH2 1 
ATOM   1354 N N   . GLN A 1 174 ? -5.155  5.537   -7.085  1.00 17.97 ? 174 GLN A N   1 
ATOM   1355 C CA  . GLN A 1 174 ? -3.854  5.201   -7.630  1.00 15.74 ? 174 GLN A CA  1 
ATOM   1356 C C   . GLN A 1 174 ? -3.462  3.769   -7.264  1.00 16.75 ? 174 GLN A C   1 
ATOM   1357 O O   . GLN A 1 174 ? -3.018  3.012   -8.118  1.00 15.87 ? 174 GLN A O   1 
ATOM   1358 C CB  . GLN A 1 174 ? -2.800  6.176   -7.111  1.00 19.89 ? 174 GLN A CB  1 
ATOM   1359 C CG  . GLN A 1 174 ? -2.919  7.604   -7.649  1.00 21.26 ? 174 GLN A CG  1 
ATOM   1360 C CD  . GLN A 1 174 ? -2.716  7.670   -9.152  1.00 24.75 ? 174 GLN A CD  1 
ATOM   1361 O OE1 . GLN A 1 174 ? -2.059  6.807   -9.729  1.00 22.02 ? 174 GLN A OE1 1 
ATOM   1362 N NE2 . GLN A 1 174 ? -3.263  8.701   -9.789  1.00 24.53 ? 174 GLN A NE2 1 
ATOM   1363 N N   . HIS A 1 175 ? -3.643  3.393   -6.003  1.00 15.58 ? 175 HIS A N   1 
ATOM   1364 C CA  . HIS A 1 175 ? -3.274  2.046   -5.572  1.00 17.19 ? 175 HIS A CA  1 
ATOM   1365 C C   . HIS A 1 175 ? -4.080  0.946   -6.239  1.00 16.76 ? 175 HIS A C   1 
ATOM   1366 O O   . HIS A 1 175 ? -3.559  -0.136  -6.511  1.00 17.64 ? 175 HIS A O   1 
ATOM   1367 C CB  . HIS A 1 175 ? -3.369  1.933   -4.051  1.00 15.19 ? 175 HIS A CB  1 
ATOM   1368 C CG  . HIS A 1 175 ? -2.176  2.486   -3.342  1.00 14.99 ? 175 HIS A CG  1 
ATOM   1369 N ND1 . HIS A 1 175 ? -2.203  2.874   -2.020  1.00 16.74 ? 175 HIS A ND1 1 
ATOM   1370 C CD2 . HIS A 1 175 ? -0.903  2.675   -3.764  1.00 14.92 ? 175 HIS A CD2 1 
ATOM   1371 C CE1 . HIS A 1 175 ? -0.996  3.274   -1.659  1.00 15.81 ? 175 HIS A CE1 1 
ATOM   1372 N NE2 . HIS A 1 175 ? -0.191  3.162   -2.697  1.00 14.64 ? 175 HIS A NE2 1 
ATOM   1373 N N   . LEU A 1 176 ? -5.349  1.214   -6.519  1.00 22.10 ? 176 LEU A N   1 
ATOM   1374 C CA  . LEU A 1 176 ? -6.168  0.211   -7.174  1.00 20.07 ? 176 LEU A CA  1 
ATOM   1375 C C   . LEU A 1 176 ? -5.474  -0.105  -8.489  1.00 21.42 ? 176 LEU A C   1 
ATOM   1376 O O   . LEU A 1 176 ? -5.234  -1.266  -8.823  1.00 21.90 ? 176 LEU A O   1 
ATOM   1377 C CB  . LEU A 1 176 ? -7.563  0.763   -7.448  1.00 18.43 ? 176 LEU A CB  1 
ATOM   1378 C CG  . LEU A 1 176 ? -8.718  -0.236  -7.363  1.00 20.86 ? 176 LEU A CG  1 
ATOM   1379 C CD1 . LEU A 1 176 ? -8.910  -0.664  -5.914  1.00 23.86 ? 176 LEU A CD1 1 
ATOM   1380 C CD2 . LEU A 1 176 ? -9.995  0.411   -7.874  1.00 21.92 ? 176 LEU A CD2 1 
ATOM   1381 N N   . GLY A 1 177 ? -5.128  0.952   -9.216  1.00 16.19 ? 177 GLY A N   1 
ATOM   1382 C CA  . GLY A 1 177 ? -4.471  0.798   -10.499 1.00 16.53 ? 177 GLY A CA  1 
ATOM   1383 C C   . GLY A 1 177 ? -3.050  0.286   -10.442 1.00 16.78 ? 177 GLY A C   1 
ATOM   1384 O O   . GLY A 1 177 ? -2.615  -0.447  -11.329 1.00 17.46 ? 177 GLY A O   1 
ATOM   1385 N N   . PHE A 1 178 ? -2.323  0.660   -9.396  1.00 20.06 ? 178 PHE A N   1 
ATOM   1386 C CA  . PHE A 1 178 ? -0.936  0.237   -9.259  1.00 20.57 ? 178 PHE A CA  1 
ATOM   1387 C C   . PHE A 1 178 ? -0.794  -1.215  -8.799  1.00 20.13 ? 178 PHE A C   1 
ATOM   1388 O O   . PHE A 1 178 ? -0.117  -2.013  -9.447  1.00 19.89 ? 178 PHE A O   1 
ATOM   1389 C CB  . PHE A 1 178 ? -0.199  1.160   -8.280  1.00 16.76 ? 178 PHE A CB  1 
ATOM   1390 C CG  . PHE A 1 178 ? 1.294   1.162   -8.462  1.00 15.55 ? 178 PHE A CG  1 
ATOM   1391 C CD1 . PHE A 1 178 ? 1.870   1.779   -9.569  1.00 12.89 ? 178 PHE A CD1 1 
ATOM   1392 C CD2 . PHE A 1 178 ? 2.120   0.521   -7.548  1.00 13.84 ? 178 PHE A CD2 1 
ATOM   1393 C CE1 . PHE A 1 178 ? 3.248   1.753   -9.768  1.00 12.84 ? 178 PHE A CE1 1 
ATOM   1394 C CE2 . PHE A 1 178 ? 3.502   0.484   -7.733  1.00 17.04 ? 178 PHE A CE2 1 
ATOM   1395 C CZ  . PHE A 1 178 ? 4.068   1.103   -8.852  1.00 15.33 ? 178 PHE A CZ  1 
ATOM   1396 N N   . TRP A 1 179 ? -1.439  -1.557  -7.689  1.00 16.99 ? 179 TRP A N   1 
ATOM   1397 C CA  . TRP A 1 179 ? -1.360  -2.911  -7.144  1.00 16.44 ? 179 TRP A CA  1 
ATOM   1398 C C   . TRP A 1 179 ? -2.323  -3.920  -7.778  1.00 15.86 ? 179 TRP A C   1 
ATOM   1399 O O   . TRP A 1 179 ? -1.980  -5.084  -7.950  1.00 16.55 ? 179 TRP A O   1 
ATOM   1400 C CB  . TRP A 1 179 ? -1.625  -2.894  -5.634  1.00 18.00 ? 179 TRP A CB  1 
ATOM   1401 C CG  . TRP A 1 179 ? -0.747  -1.968  -4.826  1.00 16.72 ? 179 TRP A CG  1 
ATOM   1402 C CD1 . TRP A 1 179 ? -1.162  -1.092  -3.863  1.00 16.26 ? 179 TRP A CD1 1 
ATOM   1403 C CD2 . TRP A 1 179 ? 0.684   -1.852  -4.885  1.00 15.76 ? 179 TRP A CD2 1 
ATOM   1404 N NE1 . TRP A 1 179 ? -0.086  -0.435  -3.320  1.00 16.57 ? 179 TRP A NE1 1 
ATOM   1405 C CE2 . TRP A 1 179 ? 1.060   -0.880  -3.927  1.00 15.52 ? 179 TRP A CE2 1 
ATOM   1406 C CE3 . TRP A 1 179 ? 1.684   -2.472  -5.649  1.00 15.08 ? 179 TRP A CE3 1 
ATOM   1407 C CZ2 . TRP A 1 179 ? 2.398   -0.511  -3.710  1.00 15.13 ? 179 TRP A CZ2 1 
ATOM   1408 C CZ3 . TRP A 1 179 ? 3.017   -2.108  -5.434  1.00 14.59 ? 179 TRP A CZ3 1 
ATOM   1409 C CH2 . TRP A 1 179 ? 3.358   -1.135  -4.470  1.00 14.86 ? 179 TRP A CH2 1 
ATOM   1410 N N   . TYR A 1 180 ? -3.528  -3.486  -8.131  1.00 15.03 ? 180 TYR A N   1 
ATOM   1411 C CA  . TYR A 1 180 ? -4.507  -4.430  -8.673  1.00 14.89 ? 180 TYR A CA  1 
ATOM   1412 C C   . TYR A 1 180 ? -4.691  -4.594  -10.182 1.00 18.09 ? 180 TYR A C   1 
ATOM   1413 O O   . TYR A 1 180 ? -4.660  -5.716  -10.692 1.00 16.04 ? 180 TYR A O   1 
ATOM   1414 C CB  . TYR A 1 180 ? -5.890  -4.144  -8.088  1.00 16.20 ? 180 TYR A CB  1 
ATOM   1415 C CG  . TYR A 1 180 ? -6.025  -4.244  -6.584  1.00 15.49 ? 180 TYR A CG  1 
ATOM   1416 C CD1 . TYR A 1 180 ? -7.051  -3.566  -5.928  1.00 14.46 ? 180 TYR A CD1 1 
ATOM   1417 C CD2 . TYR A 1 180 ? -5.150  -5.014  -5.813  1.00 16.96 ? 180 TYR A CD2 1 
ATOM   1418 C CE1 . TYR A 1 180 ? -7.208  -3.639  -4.558  1.00 15.69 ? 180 TYR A CE1 1 
ATOM   1419 C CE2 . TYR A 1 180 ? -5.300  -5.094  -4.429  1.00 16.93 ? 180 TYR A CE2 1 
ATOM   1420 C CZ  . TYR A 1 180 ? -6.333  -4.397  -3.812  1.00 16.05 ? 180 TYR A CZ  1 
ATOM   1421 O OH  . TYR A 1 180 ? -6.477  -4.415  -2.451  1.00 17.08 ? 180 TYR A OH  1 
ATOM   1422 N N   . THR A 1 181 ? -4.910  -3.490  -10.891 1.00 18.57 ? 181 THR A N   1 
ATOM   1423 C CA  . THR A 1 181 ? -5.186  -3.558  -12.320 1.00 22.61 ? 181 THR A CA  1 
ATOM   1424 C C   . THR A 1 181 ? -4.042  -3.303  -13.300 1.00 23.03 ? 181 THR A C   1 
ATOM   1425 O O   . THR A 1 181 ? -4.229  -3.455  -14.505 1.00 23.63 ? 181 THR A O   1 
ATOM   1426 C CB  . THR A 1 181 ? -6.325  -2.583  -12.687 1.00 27.17 ? 181 THR A CB  1 
ATOM   1427 O OG1 . THR A 1 181 ? -5.910  -1.238  -12.405 1.00 29.02 ? 181 THR A OG1 1 
ATOM   1428 C CG2 . THR A 1 181 ? -7.577  -2.897  -11.885 1.00 28.32 ? 181 THR A CG2 1 
ATOM   1429 N N   . LEU A 1 182 ? -2.871  -2.931  -12.800 1.00 23.09 ? 182 LEU A N   1 
ATOM   1430 C CA  . LEU A 1 182 ? -1.743  -2.634  -13.677 1.00 24.32 ? 182 LEU A CA  1 
ATOM   1431 C C   . LEU A 1 182 ? -2.219  -1.607  -14.706 1.00 25.80 ? 182 LEU A C   1 
ATOM   1432 O O   . LEU A 1 182 ? -2.004  -1.751  -15.913 1.00 27.83 ? 182 LEU A O   1 
ATOM   1433 C CB  . LEU A 1 182 ? -1.245  -3.901  -14.386 1.00 23.98 ? 182 LEU A CB  1 
ATOM   1434 C CG  . LEU A 1 182 ? 0.048   -3.721  -15.191 1.00 24.59 ? 182 LEU A CG  1 
ATOM   1435 C CD1 . LEU A 1 182 ? 1.197   -3.449  -14.240 1.00 20.61 ? 182 LEU A CD1 1 
ATOM   1436 C CD2 . LEU A 1 182 ? 0.323   -4.961  -16.024 1.00 25.46 ? 182 LEU A CD2 1 
ATOM   1437 N N   . ASP A 1 183 ? -2.891  -0.576  -14.202 1.00 23.70 ? 183 ASP A N   1 
ATOM   1438 C CA  . ASP A 1 183 ? -3.410  0.517   -15.021 1.00 24.13 ? 183 ASP A CA  1 
ATOM   1439 C C   . ASP A 1 183 ? -2.232  1.412   -15.404 1.00 24.72 ? 183 ASP A C   1 
ATOM   1440 O O   . ASP A 1 183 ? -1.482  1.863   -14.539 1.00 22.86 ? 183 ASP A O   1 
ATOM   1441 C CB  . ASP A 1 183 ? -4.446  1.302   -14.205 1.00 27.64 ? 183 ASP A CB  1 
ATOM   1442 C CG  . ASP A 1 183 ? -5.063  2.454   -14.975 1.00 29.68 ? 183 ASP A CG  1 
ATOM   1443 O OD1 . ASP A 1 183 ? -6.154  2.905   -14.569 1.00 33.32 ? 183 ASP A OD1 1 
ATOM   1444 O OD2 . ASP A 1 183 ? -4.469  2.919   -15.968 1.00 29.38 ? 183 ASP A OD2 1 
ATOM   1445 N N   . PRO A 1 184 ? -2.045  1.670   -16.710 1.00 25.08 ? 184 PRO A N   1 
ATOM   1446 C CA  . PRO A 1 184 ? -0.936  2.514   -17.161 1.00 26.22 ? 184 PRO A CA  1 
ATOM   1447 C C   . PRO A 1 184 ? -0.933  3.893   -16.510 1.00 26.49 ? 184 PRO A C   1 
ATOM   1448 O O   . PRO A 1 184 ? 0.123   4.481   -16.293 1.00 27.35 ? 184 PRO A O   1 
ATOM   1449 C CB  . PRO A 1 184 ? -1.149  2.587   -18.670 1.00 35.45 ? 184 PRO A CB  1 
ATOM   1450 C CG  . PRO A 1 184 ? -1.807  1.285   -18.982 1.00 36.20 ? 184 PRO A CG  1 
ATOM   1451 C CD  . PRO A 1 184 ? -2.810  1.158   -17.860 1.00 36.25 ? 184 PRO A CD  1 
ATOM   1452 N N   . GLU A 1 185 ? -2.120  4.403   -16.200 1.00 25.39 ? 185 GLU A N   1 
ATOM   1453 C CA  . GLU A 1 185 ? -2.245  5.710   -15.574 1.00 26.18 ? 185 GLU A CA  1 
ATOM   1454 C C   . GLU A 1 185 ? -1.593  5.729   -14.191 1.00 24.54 ? 185 GLU A C   1 
ATOM   1455 O O   . GLU A 1 185 ? -1.292  6.796   -13.655 1.00 22.46 ? 185 GLU A O   1 
ATOM   1456 C CB  . GLU A 1 185 ? -3.722  6.092   -15.437 1.00 42.27 ? 185 GLU A CB  1 
ATOM   1457 C CG  . GLU A 1 185 ? -3.949  7.516   -14.954 1.00 48.59 ? 185 GLU A CG  1 
ATOM   1458 C CD  . GLU A 1 185 ? -3.738  8.548   -16.050 1.00 48.71 ? 185 GLU A CD  1 
ATOM   1459 O OE1 . GLU A 1 185 ? -3.633  9.752   -15.725 1.00 52.95 ? 185 GLU A OE1 1 
ATOM   1460 O OE2 . GLU A 1 185 ? -3.685  8.155   -17.234 1.00 51.46 ? 185 GLU A OE2 1 
ATOM   1461 N N   . ALA A 1 186 ? -1.372  4.550   -13.614 1.00 25.36 ? 186 ALA A N   1 
ATOM   1462 C CA  . ALA A 1 186 ? -0.773  4.464   -12.283 1.00 24.18 ? 186 ALA A CA  1 
ATOM   1463 C C   . ALA A 1 186 ? 0.738   4.320   -12.309 1.00 22.80 ? 186 ALA A C   1 
ATOM   1464 O O   . ALA A 1 186 ? 1.401   4.544   -11.300 1.00 22.44 ? 186 ALA A O   1 
ATOM   1465 C CB  . ALA A 1 186 ? -1.388  3.314   -11.507 1.00 18.90 ? 186 ALA A CB  1 
ATOM   1466 N N   . ASP A 1 187 ? 1.287   3.922   -13.451 1.00 24.75 ? 187 ASP A N   1 
ATOM   1467 C CA  . ASP A 1 187 ? 2.730   3.776   -13.565 1.00 25.00 ? 187 ASP A CA  1 
ATOM   1468 C C   . ASP A 1 187 ? 3.387   5.065   -13.086 1.00 23.10 ? 187 ASP A C   1 
ATOM   1469 O O   . ASP A 1 187 ? 2.943   6.164   -13.424 1.00 22.24 ? 187 ASP A O   1 
ATOM   1470 C CB  . ASP A 1 187 ? 3.132   3.517   -15.020 1.00 28.82 ? 187 ASP A CB  1 
ATOM   1471 C CG  . ASP A 1 187 ? 2.775   2.119   -15.492 1.00 30.91 ? 187 ASP A CG  1 
ATOM   1472 O OD1 . ASP A 1 187 ? 2.779   1.899   -16.717 1.00 34.53 ? 187 ASP A OD1 1 
ATOM   1473 O OD2 . ASP A 1 187 ? 2.509   1.236   -14.649 1.00 30.48 ? 187 ASP A OD2 1 
ATOM   1474 N N   . GLY A 1 188 ? 4.448   4.922   -12.303 1.00 21.29 ? 188 GLY A N   1 
ATOM   1475 C CA  . GLY A 1 188 ? 5.161   6.079   -11.800 1.00 20.33 ? 188 GLY A CA  1 
ATOM   1476 C C   . GLY A 1 188 ? 4.670   6.576   -10.459 1.00 19.80 ? 188 GLY A C   1 
ATOM   1477 O O   . GLY A 1 188 ? 5.234   7.522   -9.901  1.00 19.68 ? 188 GLY A O   1 
ATOM   1478 N N   . LEU A 1 189 ? 3.628   5.940   -9.927  1.00 19.97 ? 189 LEU A N   1 
ATOM   1479 C CA  . LEU A 1 189 ? 3.069   6.353   -8.641  1.00 18.99 ? 189 LEU A CA  1 
ATOM   1480 C C   . LEU A 1 189 ? 4.143   6.435   -7.563  1.00 19.17 ? 189 LEU A C   1 
ATOM   1481 O O   . LEU A 1 189 ? 4.085   7.286   -6.680  1.00 18.47 ? 189 LEU A O   1 
ATOM   1482 C CB  . LEU A 1 189 ? 1.973   5.377   -8.193  1.00 17.05 ? 189 LEU A CB  1 
ATOM   1483 C CG  . LEU A 1 189 ? 1.408   5.634   -6.791  1.00 15.91 ? 189 LEU A CG  1 
ATOM   1484 C CD1 . LEU A 1 189 ? 0.704   6.988   -6.760  1.00 12.59 ? 189 LEU A CD1 1 
ATOM   1485 C CD2 . LEU A 1 189 ? 0.437   4.528   -6.419  1.00 16.10 ? 189 LEU A CD2 1 
ATOM   1486 N N   . TYR A 1 190 ? 5.126   5.546   -7.630  1.00 16.39 ? 190 TYR A N   1 
ATOM   1487 C CA  . TYR A 1 190 ? 6.189   5.555   -6.637  1.00 15.81 ? 190 TYR A CA  1 
ATOM   1488 C C   . TYR A 1 190 ? 7.511   6.020   -7.223  1.00 16.07 ? 190 TYR A C   1 
ATOM   1489 O O   . TYR A 1 190 ? 8.587   5.668   -6.720  1.00 16.52 ? 190 TYR A O   1 
ATOM   1490 C CB  . TYR A 1 190 ? 6.361   4.171   -6.011  1.00 16.64 ? 190 TYR A CB  1 
ATOM   1491 C CG  . TYR A 1 190 ? 5.291   3.830   -5.000  1.00 14.79 ? 190 TYR A CG  1 
ATOM   1492 C CD1 . TYR A 1 190 ? 4.053   3.349   -5.409  1.00 16.03 ? 190 TYR A CD1 1 
ATOM   1493 C CD2 . TYR A 1 190 ? 5.512   4.014   -3.639  1.00 16.60 ? 190 TYR A CD2 1 
ATOM   1494 C CE1 . TYR A 1 190 ? 3.058   3.061   -4.484  1.00 14.15 ? 190 TYR A CE1 1 
ATOM   1495 C CE2 . TYR A 1 190 ? 4.524   3.729   -2.705  1.00 14.73 ? 190 TYR A CE2 1 
ATOM   1496 C CZ  . TYR A 1 190 ? 3.301   3.255   -3.141  1.00 15.14 ? 190 TYR A CZ  1 
ATOM   1497 O OH  . TYR A 1 190 ? 2.312   2.977   -2.231  1.00 16.07 ? 190 TYR A OH  1 
ATOM   1498 N N   . GLY A 1 191 ? 7.419   6.836   -8.267  1.00 14.77 ? 191 GLY A N   1 
ATOM   1499 C CA  . GLY A 1 191 ? 8.612   7.337   -8.924  1.00 17.54 ? 191 GLY A CA  1 
ATOM   1500 C C   . GLY A 1 191 ? 9.364   6.184   -9.558  1.00 18.81 ? 191 GLY A C   1 
ATOM   1501 O O   . GLY A 1 191 ? 8.761   5.326   -10.197 1.00 18.85 ? 191 GLY A O   1 
ATOM   1502 N N   . ASN A 1 192 ? 10.681  6.165   -9.391  1.00 24.91 ? 192 ASN A N   1 
ATOM   1503 C CA  . ASN A 1 192 ? 11.497  5.092   -9.947  1.00 27.35 ? 192 ASN A CA  1 
ATOM   1504 C C   . ASN A 1 192 ? 11.794  4.061   -8.862  1.00 27.66 ? 192 ASN A C   1 
ATOM   1505 O O   . ASN A 1 192 ? 12.638  3.186   -9.044  1.00 31.05 ? 192 ASN A O   1 
ATOM   1506 C CB  . ASN A 1 192 ? 12.814  5.655   -10.486 1.00 27.75 ? 192 ASN A CB  1 
ATOM   1507 C CG  . ASN A 1 192 ? 12.603  6.794   -11.462 1.00 29.41 ? 192 ASN A CG  1 
ATOM   1508 O OD1 . ASN A 1 192 ? 11.984  6.620   -12.513 1.00 32.64 ? 192 ASN A OD1 1 
ATOM   1509 N ND2 . ASN A 1 192 ? 13.114  7.971   -11.118 1.00 30.01 ? 192 ASN A ND2 1 
ATOM   1510 N N   . GLY A 1 193 ? 11.086  4.167   -7.743  1.00 25.50 ? 193 GLY A N   1 
ATOM   1511 C CA  . GLY A 1 193 ? 11.303  3.265   -6.627  1.00 25.59 ? 193 GLY A CA  1 
ATOM   1512 C C   . GLY A 1 193 ? 10.660  1.897   -6.743  1.00 25.28 ? 193 GLY A C   1 
ATOM   1513 O O   . GLY A 1 193 ? 11.177  0.923   -6.199  1.00 26.53 ? 193 GLY A O   1 
ATOM   1514 N N   . VAL A 1 194 ? 9.527   1.826   -7.432  1.00 22.42 ? 194 VAL A N   1 
ATOM   1515 C CA  . VAL A 1 194 ? 8.815   0.566   -7.617  1.00 20.78 ? 194 VAL A CA  1 
ATOM   1516 C C   . VAL A 1 194 ? 8.435   0.444   -9.087  1.00 20.24 ? 194 VAL A C   1 
ATOM   1517 O O   . VAL A 1 194 ? 7.747   1.301   -9.632  1.00 21.59 ? 194 VAL A O   1 
ATOM   1518 C CB  . VAL A 1 194 ? 7.527   0.507   -6.762  1.00 13.25 ? 194 VAL A CB  1 
ATOM   1519 C CG1 . VAL A 1 194 ? 6.860   -0.857  -6.931  1.00 13.05 ? 194 VAL A CG1 1 
ATOM   1520 C CG2 . VAL A 1 194 ? 7.855   0.773   -5.291  1.00 13.08 ? 194 VAL A CG2 1 
ATOM   1521 N N   . PRO A 1 195 ? 8.885   -0.631  -9.755  1.00 21.78 ? 195 PRO A N   1 
ATOM   1522 C CA  . PRO A 1 195 ? 8.570   -0.822  -11.173 1.00 22.27 ? 195 PRO A CA  1 
ATOM   1523 C C   . PRO A 1 195 ? 7.112   -1.185  -11.416 1.00 23.13 ? 195 PRO A C   1 
ATOM   1524 O O   . PRO A 1 195 ? 6.505   -1.818  -10.528 1.00 23.73 ? 195 PRO A O   1 
ATOM   1525 C CB  . PRO A 1 195 ? 9.520   -1.944  -11.578 1.00 28.02 ? 195 PRO A CB  1 
ATOM   1526 C CG  . PRO A 1 195 ? 9.535   -2.792  -10.345 1.00 27.28 ? 195 PRO A CG  1 
ATOM   1527 C CD  . PRO A 1 195 ? 9.667   -1.765  -9.231  1.00 27.01 ? 195 PRO A CD  1 
ATOM   1528 O OXT . PRO A 1 195 ? 6.600   -0.833  -12.499 1.00 28.24 ? 195 PRO A OXT 1 
HETATM 1529 N N1  . CZH B 2 .   ? 2.629   0.855   2.323   1.00 15.25 ? 197 CZH A N1  1 
HETATM 1530 C C2  . CZH B 2 .   ? 1.576   1.600   1.706   1.00 16.77 ? 197 CZH A C2  1 
HETATM 1531 C C3  . CZH B 2 .   ? 1.145   0.633   0.529   1.00 17.09 ? 197 CZH A C3  1 
HETATM 1532 N N4  . CZH B 2 .   ? 1.898   -0.426  0.582   1.00 17.26 ? 197 CZH A N4  1 
HETATM 1533 C C5  . CZH B 2 .   ? 1.851   -1.602  -0.328  1.00 16.83 ? 197 CZH A C5  1 
HETATM 1534 C C6  . CZH B 2 .   ? 2.757   -2.610  -0.083  1.00 15.58 ? 197 CZH A C6  1 
HETATM 1535 N N7  . CZH B 2 .   ? 3.712   -2.446  1.063   1.00 13.65 ? 197 CZH A N7  1 
HETATM 1536 C C8  . CZH B 2 .   ? 3.730   -1.369  1.874   1.00 12.94 ? 197 CZH A C8  1 
HETATM 1537 C C9  . CZH B 2 .   ? 2.748   -0.263  1.630   1.00 16.00 ? 197 CZH A C9  1 
HETATM 1538 C C10 . CZH B 2 .   ? 0.418   1.875   2.736   1.00 18.70 ? 197 CZH A C10 1 
HETATM 1539 C C11 . CZH B 2 .   ? -0.711  2.701   2.155   1.00 17.64 ? 197 CZH A C11 1 
HETATM 1540 C C12 . CZH B 2 .   ? -0.580  4.159   2.015   1.00 18.85 ? 197 CZH A C12 1 
HETATM 1541 C C13 . CZH B 2 .   ? -1.652  4.937   1.458   1.00 17.71 ? 197 CZH A C13 1 
HETATM 1542 C C14 . CZH B 2 .   ? -2.864  4.279   1.031   1.00 17.89 ? 197 CZH A C14 1 
HETATM 1543 C C15 . CZH B 2 .   ? -3.016  2.834   1.159   1.00 17.98 ? 197 CZH A C15 1 
HETATM 1544 C C16 . CZH B 2 .   ? -1.934  2.051   1.725   1.00 18.56 ? 197 CZH A C16 1 
HETATM 1545 O O17 . CZH B 2 .   ? -3.847  5.042   0.513   1.00 17.06 ? 197 CZH A O17 1 
HETATM 1546 O O18 . CZH B 2 .   ? 0.261   0.864   -0.283  1.00 20.06 ? 197 CZH A O18 1 
HETATM 1547 C C19 . CZH B 2 .   ? 2.863   -3.841  -0.873  1.00 15.51 ? 197 CZH A C19 1 
HETATM 1548 C C20 . CZH B 2 .   ? 3.418   -5.030  -0.256  1.00 17.46 ? 197 CZH A C20 1 
HETATM 1549 C C21 . CZH B 2 .   ? 3.535   -6.245  -1.031  1.00 15.03 ? 197 CZH A C21 1 
HETATM 1550 C C22 . CZH B 2 .   ? 3.102   -6.269  -2.410  1.00 15.98 ? 197 CZH A C22 1 
HETATM 1551 C C23 . CZH B 2 .   ? 2.553   -5.096  -3.022  1.00 15.34 ? 197 CZH A C23 1 
HETATM 1552 C C24 . CZH B 2 .   ? 2.435   -3.900  -2.269  1.00 15.35 ? 197 CZH A C24 1 
HETATM 1553 O O25 . CZH B 2 .   ? 3.222   -7.409  -3.124  1.00 18.35 ? 197 CZH A O25 1 
HETATM 1554 C C26 . CZH B 2 .   ? 4.746   -1.341  2.987   1.00 14.33 ? 197 CZH A C26 1 
HETATM 1555 C C27 . CZH B 2 .   ? 4.331   -2.133  4.191   1.00 15.13 ? 197 CZH A C27 1 
HETATM 1556 C C28 . CZH B 2 .   ? 4.034   -1.439  5.428   1.00 17.77 ? 197 CZH A C28 1 
HETATM 1557 C C29 . CZH B 2 .   ? 3.635   -2.187  6.615   1.00 17.52 ? 197 CZH A C29 1 
HETATM 1558 C C30 . CZH B 2 .   ? 3.532   -3.626  6.563   1.00 16.25 ? 197 CZH A C30 1 
HETATM 1559 C C31 . CZH B 2 .   ? 3.823   -4.330  5.327   1.00 16.40 ? 197 CZH A C31 1 
HETATM 1560 C C32 . CZH B 2 .   ? 4.222   -3.591  4.143   1.00 18.23 ? 197 CZH A C32 1 
HETATM 1561 O O33 . CZH B 2 .   ? 2.254   2.829   1.355   1.00 20.45 ? 197 CZH A O33 1 
HETATM 1562 O O34 . CZH B 2 .   ? 2.492   3.008   -0.019  1.00 16.77 ? 197 CZH A O34 1 
HETATM 1563 O O   . HOH C 3 .   ? 0.371   16.679  -9.169  1.00 8.09  ? 198 HOH A O   1 
HETATM 1564 O O   . HOH C 3 .   ? -5.789  3.430   -0.249  1.00 18.86 ? 199 HOH A O   1 
HETATM 1565 O O   . HOH C 3 .   ? -4.252  4.526   12.555  1.00 17.87 ? 200 HOH A O   1 
HETATM 1566 O O   . HOH C 3 .   ? -13.080 -3.955  3.156   1.00 18.83 ? 201 HOH A O   1 
HETATM 1567 O O   . HOH C 3 .   ? 9.949   -0.440  8.015   1.00 22.82 ? 202 HOH A O   1 
HETATM 1568 O O   . HOH C 3 .   ? 1.905   -15.759 6.197   1.00 23.41 ? 203 HOH A O   1 
HETATM 1569 O O   . HOH C 3 .   ? 12.813  -13.221 -1.818  1.00 27.97 ? 204 HOH A O   1 
HETATM 1570 O O   . HOH C 3 .   ? -5.306  4.481   -11.171 1.00 25.17 ? 205 HOH A O   1 
HETATM 1571 O O   . HOH C 3 .   ? -5.230  14.461  -3.457  1.00 25.78 ? 206 HOH A O   1 
HETATM 1572 O O   . HOH C 3 .   ? -9.697  -3.421  6.925   1.00 20.80 ? 207 HOH A O   1 
HETATM 1573 O O   . HOH C 3 .   ? -15.310 -9.223  -2.017  1.00 23.28 ? 208 HOH A O   1 
HETATM 1574 O O   . HOH C 3 .   ? 10.596  -3.745  10.149  1.00 36.17 ? 209 HOH A O   1 
HETATM 1575 O O   . HOH C 3 .   ? -13.032 1.772   -1.424  1.00 20.48 ? 210 HOH A O   1 
HETATM 1576 O O   . HOH C 3 .   ? 6.720   3.712   -9.443  1.00 19.99 ? 211 HOH A O   1 
HETATM 1577 O O   . HOH C 3 .   ? 7.268   -2.031  19.728  1.00 22.93 ? 212 HOH A O   1 
HETATM 1578 O O   . HOH C 3 .   ? -12.311 13.284  -17.607 1.00 37.16 ? 213 HOH A O   1 
HETATM 1579 O O   . HOH C 3 .   ? -8.992  -10.111 5.437   1.00 30.88 ? 214 HOH A O   1 
HETATM 1580 O O   . HOH C 3 .   ? 0.366   -1.135  13.042  1.00 20.40 ? 215 HOH A O   1 
HETATM 1581 O O   . HOH C 3 .   ? -11.683 -7.489  -0.093  1.00 18.82 ? 216 HOH A O   1 
HETATM 1582 O O   . HOH C 3 .   ? -15.237 1.121   -2.651  1.00 27.25 ? 217 HOH A O   1 
HETATM 1583 O O   . HOH C 3 .   ? 4.926   11.298  12.429  1.00 36.57 ? 218 HOH A O   1 
HETATM 1584 O O   . HOH C 3 .   ? 6.691   16.781  -5.591  1.00 26.36 ? 219 HOH A O   1 
HETATM 1585 O O   . HOH C 3 .   ? 12.190  2.339   10.094  1.00 27.40 ? 220 HOH A O   1 
HETATM 1586 O O   . HOH C 3 .   ? -3.248  -6.922  -12.896 1.00 20.99 ? 221 HOH A O   1 
HETATM 1587 O O   . HOH C 3 .   ? 11.493  20.529  -6.875  1.00 26.32 ? 222 HOH A O   1 
HETATM 1588 O O   . HOH C 3 .   ? -6.379  -10.925 -15.353 1.00 34.02 ? 223 HOH A O   1 
HETATM 1589 O O   . HOH C 3 .   ? -1.059  -6.908  19.075  1.00 33.60 ? 224 HOH A O   1 
HETATM 1590 O O   . HOH C 3 .   ? 11.449  1.022   -3.234  1.00 28.13 ? 225 HOH A O   1 
HETATM 1591 O O   . HOH C 3 .   ? -13.038 8.954   -16.606 1.00 33.29 ? 226 HOH A O   1 
HETATM 1592 O O   . HOH C 3 .   ? 11.054  -4.443  7.786   1.00 28.63 ? 227 HOH A O   1 
HETATM 1593 O O   . HOH C 3 .   ? -2.847  23.740  3.834   1.00 27.38 ? 228 HOH A O   1 
HETATM 1594 O O   . HOH C 3 .   ? 5.860   -16.316 12.250  1.00 31.98 ? 229 HOH A O   1 
HETATM 1595 O O   . HOH C 3 .   ? 1.814   0.761   6.511   1.00 26.76 ? 230 HOH A O   1 
HETATM 1596 O O   . HOH C 3 .   ? -24.021 3.945   -4.576  1.00 34.54 ? 231 HOH A O   1 
HETATM 1597 O O   . HOH C 3 .   ? 2.901   -11.696 15.773  1.00 28.83 ? 232 HOH A O   1 
HETATM 1598 O O   . HOH C 3 .   ? 10.877  -10.930 6.185   1.00 28.65 ? 233 HOH A O   1 
HETATM 1599 O O   . HOH C 3 .   ? -12.688 -6.297  -13.009 1.00 36.11 ? 234 HOH A O   1 
HETATM 1600 O O   . HOH C 3 .   ? 15.338  3.328   -9.526  1.00 29.19 ? 235 HOH A O   1 
HETATM 1601 O O   . HOH C 3 .   ? -14.285 1.126   6.354   1.00 29.80 ? 236 HOH A O   1 
HETATM 1602 O O   . HOH C 3 .   ? -7.536  10.958  8.908   1.00 33.93 ? 237 HOH A O   1 
HETATM 1603 O O   . HOH C 3 .   ? -8.736  -3.717  17.892  1.00 32.68 ? 238 HOH A O   1 
HETATM 1604 O O   . HOH C 3 .   ? -1.552  15.737  7.459   1.00 21.35 ? 239 HOH A O   1 
HETATM 1605 O O   . HOH C 3 .   ? -14.910 4.056   -10.428 1.00 28.02 ? 240 HOH A O   1 
HETATM 1606 O O   . HOH C 3 .   ? 6.811   9.434   -11.359 1.00 25.52 ? 241 HOH A O   1 
HETATM 1607 O O   . HOH C 3 .   ? 9.274   -17.186 -3.078  1.00 31.51 ? 242 HOH A O   1 
HETATM 1608 O O   . HOH C 3 .   ? 4.259   0.574   18.142  1.00 33.41 ? 243 HOH A O   1 
HETATM 1609 O O   . HOH C 3 .   ? -4.397  -6.638  15.066  1.00 44.32 ? 244 HOH A O   1 
HETATM 1610 O O   . HOH C 3 .   ? 6.860   12.650  -11.562 1.00 29.58 ? 245 HOH A O   1 
HETATM 1611 O O   . HOH C 3 .   ? -8.315  12.948  -9.065  1.00 40.55 ? 246 HOH A O   1 
HETATM 1612 O O   . HOH C 3 .   ? -10.580 5.019   -17.256 1.00 37.05 ? 247 HOH A O   1 
HETATM 1613 O O   . HOH C 3 .   ? 14.077  -4.739  1.880   1.00 34.67 ? 248 HOH A O   1 
HETATM 1614 O O   . HOH C 3 .   ? -7.041  10.624  -13.613 1.00 29.49 ? 249 HOH A O   1 
HETATM 1615 O O   . HOH C 3 .   ? -14.856 7.694   -0.414  1.00 42.35 ? 250 HOH A O   1 
HETATM 1616 O O   . HOH C 3 .   ? -5.466  12.965  -13.464 1.00 29.43 ? 251 HOH A O   1 
HETATM 1617 O O   . HOH C 3 .   ? 14.066  8.786   -8.696  1.00 28.46 ? 252 HOH A O   1 
HETATM 1618 O O   . HOH C 3 .   ? -10.926 6.556   -3.873  1.00 30.54 ? 253 HOH A O   1 
HETATM 1619 O O   . HOH C 3 .   ? -7.175  0.979   20.634  1.00 40.33 ? 254 HOH A O   1 
HETATM 1620 O O   . HOH C 3 .   ? -14.569 2.513   -14.830 1.00 33.00 ? 255 HOH A O   1 
HETATM 1621 O O   . HOH C 3 .   ? 0.597   22.731  2.583   1.00 27.48 ? 256 HOH A O   1 
HETATM 1622 O O   . HOH C 3 .   ? -18.995 -6.608  -7.350  1.00 27.73 ? 257 HOH A O   1 
HETATM 1623 O O   . HOH C 3 .   ? -7.474  -3.103  5.308   1.00 31.38 ? 258 HOH A O   1 
HETATM 1624 O O   . HOH C 3 .   ? 12.496  -7.681  -8.013  1.00 32.20 ? 259 HOH A O   1 
HETATM 1625 O O   . HOH C 3 .   ? 12.807  -5.009  -3.915  1.00 35.13 ? 260 HOH A O   1 
HETATM 1626 O O   . HOH C 3 .   ? -5.935  11.086  -10.366 1.00 36.49 ? 261 HOH A O   1 
HETATM 1627 O O   . HOH C 3 .   ? -1.818  -11.674 -20.106 1.00 40.48 ? 262 HOH A O   1 
HETATM 1628 O O   . HOH C 3 .   ? 13.011  -1.868  18.831  1.00 42.36 ? 263 HOH A O   1 
HETATM 1629 O O   . HOH C 3 .   ? 4.386   -7.568  16.942  1.00 34.82 ? 264 HOH A O   1 
HETATM 1630 O O   . HOH C 3 .   ? -9.211  -11.590 -0.559  1.00 30.91 ? 265 HOH A O   1 
HETATM 1631 O O   . HOH C 3 .   ? -1.254  16.724  -11.407 1.00 32.02 ? 266 HOH A O   1 
HETATM 1632 O O   . HOH C 3 .   ? 15.872  16.468  -8.585  1.00 24.06 ? 267 HOH A O   1 
HETATM 1633 O O   . HOH C 3 .   ? 0.241   10.559  16.027  1.00 45.08 ? 268 HOH A O   1 
HETATM 1634 O O   . HOH C 3 .   ? -16.795 2.274   -5.084  1.00 34.65 ? 269 HOH A O   1 
HETATM 1635 O O   . HOH C 3 .   ? -1.767  12.748  -13.856 1.00 11.15 ? 270 HOH A O   1 
HETATM 1636 O O   . HOH C 3 .   ? -24.244 -1.796  -3.996  1.00 32.10 ? 271 HOH A O   1 
HETATM 1637 O O   . HOH C 3 .   ? -9.949  -10.879 -12.516 1.00 47.23 ? 272 HOH A O   1 
HETATM 1638 O O   . HOH C 3 .   ? -0.931  17.692  8.595   1.00 16.37 ? 273 HOH A O   1 
HETATM 1639 O O   . HOH C 3 .   ? 9.848   -2.135  19.404  1.00 31.31 ? 274 HOH A O   1 
HETATM 1640 O O   . HOH C 3 .   ? -1.021  25.155  3.103   1.00 33.36 ? 275 HOH A O   1 
HETATM 1641 O O   . HOH C 3 .   ? 12.945  20.281  -9.096  1.00 28.89 ? 276 HOH A O   1 
HETATM 1642 O O   . HOH C 3 .   ? -3.582  10.277  -19.102 1.00 39.64 ? 277 HOH A O   1 
HETATM 1643 O O   . HOH C 3 .   ? -13.731 -9.360  -8.949  1.00 34.42 ? 278 HOH A O   1 
HETATM 1644 O O   . HOH C 3 .   ? -6.428  -7.929  -19.300 1.00 30.34 ? 279 HOH A O   1 
HETATM 1645 O O   . HOH C 3 .   ? 12.492  -0.870  -2.102  1.00 34.48 ? 280 HOH A O   1 
HETATM 1646 O O   . HOH C 3 .   ? -3.306  -3.218  -17.560 1.00 33.48 ? 281 HOH A O   1 
HETATM 1647 O O   . HOH C 3 .   ? 14.794  0.957   8.736   1.00 34.92 ? 282 HOH A O   1 
HETATM 1648 O O   . HOH C 3 .   ? -10.788 -9.843  0.738   1.00 37.13 ? 283 HOH A O   1 
HETATM 1649 O O   . HOH C 3 .   ? 1.469   7.069   -15.459 1.00 40.13 ? 284 HOH A O   1 
HETATM 1650 O O   . HOH C 3 .   ? -12.426 4.599   -1.745  1.00 43.01 ? 285 HOH A O   1 
HETATM 1651 O O   . HOH C 3 .   ? 8.104   -14.756 11.503  1.00 34.80 ? 286 HOH A O   1 
HETATM 1652 O O   . HOH C 3 .   ? 2.251   18.847  0.306   1.00 31.09 ? 287 HOH A O   1 
HETATM 1653 O O   . HOH C 3 .   ? 14.170  4.609   16.072  1.00 30.91 ? 288 HOH A O   1 
HETATM 1654 O O   . HOH C 3 .   ? -4.568  6.275   21.832  1.00 36.42 ? 289 HOH A O   1 
HETATM 1655 O O   . HOH C 3 .   ? -7.992  11.225  6.220   1.00 40.03 ? 290 HOH A O   1 
HETATM 1656 O O   . HOH C 3 .   ? -9.941  -13.642 -12.494 1.00 48.16 ? 291 HOH A O   1 
HETATM 1657 O O   . HOH C 3 .   ? -5.376  -15.358 -0.316  1.00 37.67 ? 292 HOH A O   1 
HETATM 1658 O O   . HOH C 3 .   ? -7.712  -0.500  17.373  1.00 31.76 ? 293 HOH A O   1 
HETATM 1659 O O   . HOH C 3 .   ? -9.456  -8.241  -17.617 1.00 34.55 ? 294 HOH A O   1 
HETATM 1660 O O   . HOH C 3 .   ? -12.315 -0.706  -16.314 1.00 48.43 ? 295 HOH A O   1 
HETATM 1661 O O   . HOH C 3 .   ? -4.175  -7.496  18.206  1.00 34.49 ? 296 HOH A O   1 
HETATM 1662 O O   . HOH C 3 .   ? 11.561  -3.850  20.143  1.00 36.25 ? 297 HOH A O   1 
HETATM 1663 O O   . HOH C 3 .   ? -6.589  5.435   13.694  1.00 31.82 ? 298 HOH A O   1 
HETATM 1664 O O   . HOH C 3 .   ? -7.320  -17.244 11.147  1.00 40.47 ? 299 HOH A O   1 
HETATM 1665 O O   . HOH C 3 .   ? -16.335 3.405   -0.602  1.00 45.45 ? 300 HOH A O   1 
HETATM 1666 O O   . HOH C 3 .   ? -5.194  -15.659 4.439   1.00 44.11 ? 301 HOH A O   1 
HETATM 1667 O O   . HOH C 3 .   ? -16.198 -7.636  4.254   1.00 40.54 ? 302 HOH A O   1 
HETATM 1668 O O   . HOH C 3 .   ? 15.676  8.266   -6.809  1.00 35.27 ? 303 HOH A O   1 
HETATM 1669 O O   . HOH C 3 .   ? 6.135   5.400   19.369  1.00 33.56 ? 304 HOH A O   1 
HETATM 1670 O O   . HOH C 3 .   ? 4.964   19.092  2.917   1.00 33.24 ? 305 HOH A O   1 
HETATM 1671 O O   . HOH C 3 .   ? 7.003   -3.951  -12.885 1.00 32.95 ? 306 HOH A O   1 
HETATM 1672 O O   . HOH C 3 .   ? -10.118 -14.891 -6.538  1.00 39.33 ? 307 HOH A O   1 
HETATM 1673 O O   . HOH C 3 .   ? 0.527   0.249   -13.455 1.00 37.49 ? 308 HOH A O   1 
# 
loop_
_pdbx_poly_seq_scheme.asym_id 
_pdbx_poly_seq_scheme.entity_id 
_pdbx_poly_seq_scheme.seq_id 
_pdbx_poly_seq_scheme.mon_id 
_pdbx_poly_seq_scheme.ndb_seq_num 
_pdbx_poly_seq_scheme.pdb_seq_num 
_pdbx_poly_seq_scheme.auth_seq_num 
_pdbx_poly_seq_scheme.pdb_mon_id 
_pdbx_poly_seq_scheme.auth_mon_id 
_pdbx_poly_seq_scheme.pdb_strand_id 
_pdbx_poly_seq_scheme.pdb_ins_code 
_pdbx_poly_seq_scheme.hetero 
A 1 1   MET 1   1   ?   ?   ?   A . n 
A 1 2   ALA 2   2   ?   ?   ?   A . n 
A 1 3   SER 3   3   ?   ?   ?   A . n 
A 1 4   LYS 4   4   4   LYS LYS A . n 
A 1 5   TYR 5   5   5   TYR ALA A . n 
A 1 6   ALA 6   6   6   ALA ALA A . n 
A 1 7   VAL 7   7   7   VAL VAL A . n 
A 1 8   LYS 8   8   8   LYS ALA A . n 
A 1 9   LEU 9   9   9   LEU LEU A . n 
A 1 10  GLN 10  10  10  GLN ALA A . n 
A 1 11  THR 11  11  11  THR THR A . n 
A 1 12  ASP 12  12  12  ASP ASP A . n 
A 1 13  PHE 13  13  13  PHE PHE A . n 
A 1 14  ASP 14  14  14  ASP ASP A . n 
A 1 15  ASN 15  15  15  ASN ASN A . n 
A 1 16  PRO 16  16  16  PRO PRO A . n 
A 1 17  LYS 17  17  17  LYS LYS A . n 
A 1 18  TRP 18  18  18  TRP TRP A . n 
A 1 19  ILE 19  19  19  ILE ILE A . n 
A 1 20  LYS 20  20  20  LYS LYS A . n 
A 1 21  ARG 21  21  21  ARG ARG A . n 
A 1 22  HIS 22  22  22  HIS HIS A . n 
A 1 23  LYS 23  23  23  LYS LYS A . n 
A 1 24  PHE 24  24  24  PHE PHE A . n 
A 1 25  MET 25  25  25  MET MET A . n 
A 1 26  PHE 26  26  26  PHE PHE A . n 
A 1 27  ASP 27  27  27  ASP ASP A . n 
A 1 28  TYR 28  28  28  TYR TYR A . n 
A 1 29  LEU 29  29  29  LEU LEU A . n 
A 1 30  ASP 30  30  30  ASP ASP A . n 
A 1 31  ILE 31  31  31  ILE ILE A . n 
A 1 32  ASN 32  32  32  ASN ASN A . n 
A 1 33  GLY 33  33  33  GLY GLY A . n 
A 1 34  ASN 34  34  34  ASN ASN A . n 
A 1 35  GLY 35  35  35  GLY GLY A . n 
A 1 36  GLN 36  36  36  GLN GLN A . n 
A 1 37  ILE 37  37  37  ILE ILE A . n 
A 1 38  THR 38  38  38  THR THR A . n 
A 1 39  LEU 39  39  39  LEU LEU A . n 
A 1 40  ASP 40  40  40  ASP ASP A . n 
A 1 41  GLU 41  41  41  GLU GLU A . n 
A 1 42  ILE 42  42  42  ILE ILE A . n 
A 1 43  VAL 43  43  43  VAL VAL A . n 
A 1 44  SER 44  44  44  SER SER A . n 
A 1 45  LYS 45  45  45  LYS LYS A . n 
A 1 46  ALA 46  46  46  ALA ALA A . n 
A 1 47  SER 47  47  47  SER SER A . n 
A 1 48  ASP 48  48  48  ASP ASP A . n 
A 1 49  ASP 49  49  49  ASP ASP A . n 
A 1 50  ILE 50  50  50  ILE ILE A . n 
A 1 51  CYS 51  51  51  CYS CYS A . n 
A 1 52  LYS 52  52  52  LYS LYS A . n 
A 1 53  ASN 53  53  53  ASN ASN A . n 
A 1 54  LEU 54  54  54  LEU LEU A . n 
A 1 55  GLY 55  55  55  GLY GLY A . n 
A 1 56  ALA 56  56  56  ALA ALA A . n 
A 1 57  THR 57  57  57  THR THR A . n 
A 1 58  PRO 58  58  58  PRO PRO A . n 
A 1 59  ALA 59  59  59  ALA ALA A . n 
A 1 60  GLN 60  60  60  GLN GLN A . n 
A 1 61  THR 61  61  61  THR THR A . n 
A 1 62  GLN 62  62  62  GLN GLN A . n 
A 1 63  ARG 63  63  63  ARG ARG A . n 
A 1 64  HIS 64  64  64  HIS HIS A . n 
A 1 65  GLN 65  65  65  GLN GLN A . n 
A 1 66  ASP 66  66  66  ASP ASP A . n 
A 1 67  CYS 67  67  67  CYS CYS A . n 
A 1 68  VAL 68  68  68  VAL VAL A . n 
A 1 69  GLU 69  69  69  GLU GLU A . n 
A 1 70  ALA 70  70  70  ALA ALA A . n 
A 1 71  PHE 71  71  71  PHE PHE A . n 
A 1 72  PHE 72  72  72  PHE PHE A . n 
A 1 73  ARG 73  73  73  ARG ARG A . n 
A 1 74  GLY 74  74  74  GLY GLY A . n 
A 1 75  CYS 75  75  75  CYS CYS A . n 
A 1 76  GLY 76  76  76  GLY GLY A . n 
A 1 77  LEU 77  77  77  LEU LEU A . n 
A 1 78  GLU 78  78  78  GLU GLU A . n 
A 1 79  TYR 79  79  79  TYR TYR A . n 
A 1 80  GLY 80  80  80  GLY GLY A . n 
A 1 81  LYS 81  81  81  LYS LYS A . n 
A 1 82  GLU 82  82  82  GLU GLU A . n 
A 1 83  THR 83  83  83  THR THR A . n 
A 1 84  LYS 84  84  84  LYS LYS A . n 
A 1 85  PHE 85  85  85  PHE PHE A . n 
A 1 86  PRO 86  86  86  PRO PRO A . n 
A 1 87  GLU 87  87  87  GLU GLU A . n 
A 1 88  PHE 88  88  88  PHE PHE A . n 
A 1 89  LEU 89  89  89  LEU LEU A . n 
A 1 90  GLU 90  90  90  GLU GLU A . n 
A 1 91  GLY 91  91  91  GLY GLY A . n 
A 1 92  TRP 92  92  92  TRP TRP A . n 
A 1 93  LYS 93  93  93  LYS LYS A . n 
A 1 94  ASN 94  94  94  ASN ASN A . n 
A 1 95  LEU 95  95  95  LEU LEU A . n 
A 1 96  ALA 96  96  96  ALA ALA A . n 
A 1 97  ASN 97  97  97  ASN ASN A . n 
A 1 98  ALA 98  98  98  ALA ALA A . n 
A 1 99  ASP 99  99  99  ASP ASP A . n 
A 1 100 LEU 100 100 100 LEU LEU A . n 
A 1 101 ALA 101 101 101 ALA ALA A . n 
A 1 102 LYS 102 102 102 LYS LYS A . n 
A 1 103 TRP 103 103 103 TRP TRP A . n 
A 1 104 ALA 104 104 104 ALA ALA A . n 
A 1 105 ARG 105 105 105 ARG ARG A . n 
A 1 106 ASN 106 106 106 ASN ASN A . n 
A 1 107 GLU 107 107 107 GLU GLU A . n 
A 1 108 PRO 108 108 108 PRO PRO A . n 
A 1 109 THR 109 109 109 THR THR A . n 
A 1 110 LEU 110 110 110 LEU LEU A . n 
A 1 111 ILE 111 111 111 ILE ILE A . n 
A 1 112 ARG 112 112 112 ARG ARG A . n 
A 1 113 GLU 113 113 113 GLU GLU A . n 
A 1 114 TRP 114 114 114 TRP TRP A . n 
A 1 115 GLY 115 115 115 GLY GLY A . n 
A 1 116 ASP 116 116 116 ASP ASP A . n 
A 1 117 ALA 117 117 117 ALA ALA A . n 
A 1 118 VAL 118 118 118 VAL VAL A . n 
A 1 119 PHE 119 119 119 PHE PHE A . n 
A 1 120 ASP 120 120 120 ASP ASP A . n 
A 1 121 ILE 121 121 121 ILE ILE A . n 
A 1 122 PHE 122 122 122 PHE PHE A . n 
A 1 123 ASP 123 123 123 ASP ASP A . n 
A 1 124 LYS 124 124 124 LYS LYS A . n 
A 1 125 ASP 125 125 125 ASP ASP A . n 
A 1 126 GLY 126 126 126 GLY GLY A . n 
A 1 127 SER 127 127 127 SER SER A . n 
A 1 128 GLY 128 128 128 GLY GLY A . n 
A 1 129 THR 129 129 129 THR THR A . n 
A 1 130 ILE 130 130 130 ILE ILE A . n 
A 1 131 THR 131 131 131 THR THR A . n 
A 1 132 LEU 132 132 132 LEU LEU A . n 
A 1 133 ASP 133 133 133 ASP ASP A . n 
A 1 134 GLU 134 134 134 GLU GLU A . n 
A 1 135 TRP 135 135 135 TRP TRP A . n 
A 1 136 LYS 136 136 136 LYS LYS A . n 
A 1 137 ALA 137 137 137 ALA ALA A . n 
A 1 138 TYR 138 138 138 TYR TYR A . n 
A 1 139 GLY 139 139 139 GLY GLY A . n 
A 1 140 ARG 140 140 140 ARG ARG A . n 
A 1 141 ILE 141 141 141 ILE ILE A . n 
A 1 142 SER 142 142 142 SER SER A . n 
A 1 143 GLY 143 143 143 GLY GLY A . n 
A 1 144 ILE 144 144 144 ILE ILE A . n 
A 1 145 SER 145 145 145 SER SER A . n 
A 1 146 PRO 146 146 146 PRO PRO A . n 
A 1 147 SER 147 147 147 SER SER A . n 
A 1 148 GLU 148 148 148 GLU GLU A . n 
A 1 149 GLU 149 149 149 GLU GLU A . n 
A 1 150 ASP 150 150 150 ASP ASP A . n 
A 1 151 CYS 151 151 151 CYS CYS A . n 
A 1 152 GLU 152 152 152 GLU GLU A . n 
A 1 153 LYS 153 153 153 LYS LYS A . n 
A 1 154 THR 154 154 154 THR THR A . n 
A 1 155 PHE 155 155 155 PHE PHE A . n 
A 1 156 GLN 156 156 156 GLN GLN A . n 
A 1 157 HIS 157 157 157 HIS HIS A . n 
A 1 158 CYS 158 158 158 CYS CYS A . n 
A 1 159 ASP 159 159 159 ASP ASP A . n 
A 1 160 LEU 160 160 160 LEU LEU A . n 
A 1 161 ASP 161 161 161 ASP ASP A . n 
A 1 162 ASN 162 162 162 ASN ASN A . n 
A 1 163 SER 163 163 163 SER SER A . n 
A 1 164 GLY 164 164 164 GLY GLY A . n 
A 1 165 GLU 165 165 165 GLU GLU A . n 
A 1 166 LEU 166 166 166 LEU LEU A . n 
A 1 167 ASP 167 167 167 ASP ASP A . n 
A 1 168 VAL 168 168 168 VAL VAL A . n 
A 1 169 ASP 169 169 169 ASP ASP A . n 
A 1 170 GLU 170 170 170 GLU GLU A . n 
A 1 171 MET 171 171 171 MET MET A . n 
A 1 172 THR 172 172 172 THR THR A . n 
A 1 173 ARG 173 173 173 ARG ARG A . n 
A 1 174 GLN 174 174 174 GLN GLN A . n 
A 1 175 HIS 175 175 175 HIS HIS A . n 
A 1 176 LEU 176 176 176 LEU LEU A . n 
A 1 177 GLY 177 177 177 GLY GLY A . n 
A 1 178 PHE 178 178 178 PHE PHE A . n 
A 1 179 TRP 179 179 179 TRP TRP A . n 
A 1 180 TYR 180 180 180 TYR TYR A . n 
A 1 181 THR 181 181 181 THR THR A . n 
A 1 182 LEU 182 182 182 LEU LEU A . n 
A 1 183 ASP 183 183 183 ASP ASP A . n 
A 1 184 PRO 184 184 184 PRO PRO A . n 
A 1 185 GLU 185 185 185 GLU GLU A . n 
A 1 186 ALA 186 186 186 ALA ALA A . n 
A 1 187 ASP 187 187 187 ASP ASP A . n 
A 1 188 GLY 188 188 188 GLY GLY A . n 
A 1 189 LEU 189 189 189 LEU LEU A . n 
A 1 190 TYR 190 190 190 TYR TYR A . n 
A 1 191 GLY 191 191 191 GLY GLY A . n 
A 1 192 ASN 192 192 192 ASN ASN A . n 
A 1 193 GLY 193 193 193 GLY GLY A . n 
A 1 194 VAL 194 194 194 VAL VAL A . n 
A 1 195 PRO 195 195 195 PRO PRO A . n 
# 
loop_
_pdbx_nonpoly_scheme.asym_id 
_pdbx_nonpoly_scheme.entity_id 
_pdbx_nonpoly_scheme.mon_id 
_pdbx_nonpoly_scheme.ndb_seq_num 
_pdbx_nonpoly_scheme.pdb_seq_num 
_pdbx_nonpoly_scheme.auth_seq_num 
_pdbx_nonpoly_scheme.pdb_mon_id 
_pdbx_nonpoly_scheme.auth_mon_id 
_pdbx_nonpoly_scheme.pdb_strand_id 
_pdbx_nonpoly_scheme.pdb_ins_code 
B 2 CZH 1   197 197 CZH CZH A . 
C 3 HOH 1   198 1   HOH TIP A . 
C 3 HOH 2   199 2   HOH TIP A . 
C 3 HOH 3   200 3   HOH TIP A . 
C 3 HOH 4   201 4   HOH TIP A . 
C 3 HOH 5   202 5   HOH TIP A . 
C 3 HOH 6   203 6   HOH TIP A . 
C 3 HOH 7   204 7   HOH TIP A . 
C 3 HOH 8   205 8   HOH TIP A . 
C 3 HOH 9   206 9   HOH TIP A . 
C 3 HOH 10  207 10  HOH TIP A . 
C 3 HOH 11  208 11  HOH TIP A . 
C 3 HOH 12  209 12  HOH TIP A . 
C 3 HOH 13  210 13  HOH TIP A . 
C 3 HOH 14  211 14  HOH TIP A . 
C 3 HOH 15  212 15  HOH TIP A . 
C 3 HOH 16  213 16  HOH TIP A . 
C 3 HOH 17  214 17  HOH TIP A . 
C 3 HOH 18  215 18  HOH TIP A . 
C 3 HOH 19  216 19  HOH TIP A . 
C 3 HOH 20  217 20  HOH TIP A . 
C 3 HOH 21  218 21  HOH TIP A . 
C 3 HOH 22  219 22  HOH TIP A . 
C 3 HOH 23  220 23  HOH TIP A . 
C 3 HOH 24  221 24  HOH TIP A . 
C 3 HOH 25  222 25  HOH TIP A . 
C 3 HOH 26  223 26  HOH TIP A . 
C 3 HOH 27  224 27  HOH TIP A . 
C 3 HOH 28  225 28  HOH TIP A . 
C 3 HOH 29  226 29  HOH TIP A . 
C 3 HOH 30  227 30  HOH TIP A . 
C 3 HOH 31  228 31  HOH TIP A . 
C 3 HOH 32  229 32  HOH TIP A . 
C 3 HOH 33  230 33  HOH TIP A . 
C 3 HOH 34  231 34  HOH TIP A . 
C 3 HOH 35  232 35  HOH TIP A . 
C 3 HOH 36  233 36  HOH TIP A . 
C 3 HOH 37  234 37  HOH TIP A . 
C 3 HOH 38  235 38  HOH TIP A . 
C 3 HOH 39  236 39  HOH TIP A . 
C 3 HOH 40  237 40  HOH TIP A . 
C 3 HOH 41  238 41  HOH TIP A . 
C 3 HOH 42  239 42  HOH TIP A . 
C 3 HOH 43  240 43  HOH TIP A . 
C 3 HOH 44  241 44  HOH TIP A . 
C 3 HOH 45  242 45  HOH TIP A . 
C 3 HOH 46  243 46  HOH TIP A . 
C 3 HOH 47  244 47  HOH TIP A . 
C 3 HOH 48  245 48  HOH TIP A . 
C 3 HOH 49  246 49  HOH TIP A . 
C 3 HOH 50  247 50  HOH TIP A . 
C 3 HOH 51  248 51  HOH TIP A . 
C 3 HOH 52  249 52  HOH TIP A . 
C 3 HOH 53  250 53  HOH TIP A . 
C 3 HOH 54  251 54  HOH TIP A . 
C 3 HOH 55  252 55  HOH TIP A . 
C 3 HOH 56  253 56  HOH TIP A . 
C 3 HOH 57  254 57  HOH TIP A . 
C 3 HOH 58  255 58  HOH TIP A . 
C 3 HOH 59  256 59  HOH TIP A . 
C 3 HOH 60  257 60  HOH TIP A . 
C 3 HOH 61  258 61  HOH TIP A . 
C 3 HOH 62  259 62  HOH TIP A . 
C 3 HOH 63  260 63  HOH TIP A . 
C 3 HOH 64  261 64  HOH TIP A . 
C 3 HOH 65  262 65  HOH TIP A . 
C 3 HOH 66  263 66  HOH TIP A . 
C 3 HOH 67  264 67  HOH TIP A . 
C 3 HOH 68  265 68  HOH TIP A . 
C 3 HOH 69  266 69  HOH TIP A . 
C 3 HOH 70  267 70  HOH TIP A . 
C 3 HOH 71  268 71  HOH TIP A . 
C 3 HOH 72  269 72  HOH TIP A . 
C 3 HOH 73  270 73  HOH TIP A . 
C 3 HOH 74  271 74  HOH TIP A . 
C 3 HOH 75  272 75  HOH TIP A . 
C 3 HOH 76  273 76  HOH TIP A . 
C 3 HOH 77  274 77  HOH TIP A . 
C 3 HOH 78  275 78  HOH TIP A . 
C 3 HOH 79  276 79  HOH TIP A . 
C 3 HOH 80  277 81  HOH TIP A . 
C 3 HOH 81  278 82  HOH TIP A . 
C 3 HOH 82  279 83  HOH TIP A . 
C 3 HOH 83  280 84  HOH TIP A . 
C 3 HOH 84  281 85  HOH TIP A . 
C 3 HOH 85  282 86  HOH TIP A . 
C 3 HOH 86  283 87  HOH TIP A . 
C 3 HOH 87  284 88  HOH TIP A . 
C 3 HOH 88  285 89  HOH TIP A . 
C 3 HOH 89  286 90  HOH TIP A . 
C 3 HOH 90  287 91  HOH TIP A . 
C 3 HOH 91  288 92  HOH TIP A . 
C 3 HOH 92  289 93  HOH TIP A . 
C 3 HOH 93  290 94  HOH TIP A . 
C 3 HOH 94  291 95  HOH TIP A . 
C 3 HOH 95  292 96  HOH TIP A . 
C 3 HOH 96  293 97  HOH TIP A . 
C 3 HOH 97  294 98  HOH TIP A . 
C 3 HOH 98  295 99  HOH TIP A . 
C 3 HOH 99  296 100 HOH TIP A . 
C 3 HOH 100 297 101 HOH TIP A . 
C 3 HOH 101 298 102 HOH TIP A . 
C 3 HOH 102 299 103 HOH TIP A . 
C 3 HOH 103 300 104 HOH TIP A . 
C 3 HOH 104 301 105 HOH TIP A . 
C 3 HOH 105 302 106 HOH TIP A . 
C 3 HOH 106 303 107 HOH TIP A . 
C 3 HOH 107 304 108 HOH TIP A . 
C 3 HOH 108 305 109 HOH TIP A . 
C 3 HOH 109 306 110 HOH TIP A . 
C 3 HOH 110 307 111 HOH TIP A . 
C 3 HOH 111 308 112 HOH TIP A . 
# 
_pdbx_struct_assembly.id                   1 
_pdbx_struct_assembly.details              author_defined_assembly 
_pdbx_struct_assembly.method_details       ? 
_pdbx_struct_assembly.oligomeric_details   monomeric 
_pdbx_struct_assembly.oligomeric_count     1 
# 
_pdbx_struct_assembly_gen.assembly_id       1 
_pdbx_struct_assembly_gen.oper_expression   1 
_pdbx_struct_assembly_gen.asym_id_list      A,B,C 
# 
_pdbx_struct_oper_list.id                   1 
_pdbx_struct_oper_list.type                 'identity operation' 
_pdbx_struct_oper_list.name                 1_555 
_pdbx_struct_oper_list.symmetry_operation   x,y,z 
_pdbx_struct_oper_list.matrix[1][1]         1.0000000000 
_pdbx_struct_oper_list.matrix[1][2]         0.0000000000 
_pdbx_struct_oper_list.matrix[1][3]         0.0000000000 
_pdbx_struct_oper_list.vector[1]            0.0000000000 
_pdbx_struct_oper_list.matrix[2][1]         0.0000000000 
_pdbx_struct_oper_list.matrix[2][2]         1.0000000000 
_pdbx_struct_oper_list.matrix[2][3]         0.0000000000 
_pdbx_struct_oper_list.vector[2]            0.0000000000 
_pdbx_struct_oper_list.matrix[3][1]         0.0000000000 
_pdbx_struct_oper_list.matrix[3][2]         0.0000000000 
_pdbx_struct_oper_list.matrix[3][3]         1.0000000000 
_pdbx_struct_oper_list.vector[3]            0.0000000000 
# 
loop_
_pdbx_audit_revision_history.ordinal 
_pdbx_audit_revision_history.data_content_type 
_pdbx_audit_revision_history.major_revision 
_pdbx_audit_revision_history.minor_revision 
_pdbx_audit_revision_history.revision_date 
1 'Structure model' 1 0 2001-07-11 
2 'Structure model' 1 1 2008-04-27 
3 'Structure model' 1 2 2011-07-13 
4 'Structure model' 1 3 2014-02-19 
5 'Structure model' 1 4 2017-10-04 
6 'Structure model' 1 5 2023-08-16 
# 
_pdbx_audit_revision_details.ordinal             1 
_pdbx_audit_revision_details.revision_ordinal    1 
_pdbx_audit_revision_details.data_content_type   'Structure model' 
_pdbx_audit_revision_details.provider            repository 
_pdbx_audit_revision_details.type                'Initial release' 
_pdbx_audit_revision_details.description         ? 
_pdbx_audit_revision_details.details             ? 
# 
loop_
_pdbx_audit_revision_group.ordinal 
_pdbx_audit_revision_group.revision_ordinal 
_pdbx_audit_revision_group.data_content_type 
_pdbx_audit_revision_group.group 
1 2 'Structure model' 'Version format compliance' 
2 3 'Structure model' 'Version format compliance' 
3 4 'Structure model' 'Database references'       
4 5 'Structure model' 'Refinement description'    
5 6 'Structure model' 'Data collection'           
6 6 'Structure model' 'Database references'       
7 6 'Structure model' 'Derived calculations'      
8 6 'Structure model' 'Refinement description'    
# 
loop_
_pdbx_audit_revision_category.ordinal 
_pdbx_audit_revision_category.revision_ordinal 
_pdbx_audit_revision_category.data_content_type 
_pdbx_audit_revision_category.category 
1 5 'Structure model' software                      
2 6 'Structure model' chem_comp_atom                
3 6 'Structure model' chem_comp_bond                
4 6 'Structure model' database_2                    
5 6 'Structure model' pdbx_initial_refinement_model 
6 6 'Structure model' struct_site                   
# 
loop_
_pdbx_audit_revision_item.ordinal 
_pdbx_audit_revision_item.revision_ordinal 
_pdbx_audit_revision_item.data_content_type 
_pdbx_audit_revision_item.item 
1 5 'Structure model' '_software.classification'            
2 5 'Structure model' '_software.name'                      
3 6 'Structure model' '_database_2.pdbx_DOI'                
4 6 'Structure model' '_database_2.pdbx_database_accession' 
5 6 'Structure model' '_struct_site.pdbx_auth_asym_id'      
6 6 'Structure model' '_struct_site.pdbx_auth_comp_id'      
7 6 'Structure model' '_struct_site.pdbx_auth_seq_id'       
# 
loop_
_software.name 
_software.classification 
_software.version 
_software.citation_id 
_software.pdbx_ordinal 
CNS       refinement        . ? 1 
MAR345    'data collection' . ? 2 
SCALEPACK 'data scaling'    . ? 3 
CNS       phasing           . ? 4 
# 
loop_
_pdbx_validate_torsion.id 
_pdbx_validate_torsion.PDB_model_num 
_pdbx_validate_torsion.auth_comp_id 
_pdbx_validate_torsion.auth_asym_id 
_pdbx_validate_torsion.auth_seq_id 
_pdbx_validate_torsion.PDB_ins_code 
_pdbx_validate_torsion.label_alt_id 
_pdbx_validate_torsion.phi 
_pdbx_validate_torsion.psi 
1 1 ASP A 12  ? ? -159.68 62.52  
2 1 ASP A 49  ? ? -118.44 -73.15 
3 1 ASP A 123 ? ? -114.20 64.52  
4 1 SER A 145 ? ? -151.96 66.01  
# 
loop_
_pdbx_unobs_or_zero_occ_atoms.id 
_pdbx_unobs_or_zero_occ_atoms.PDB_model_num 
_pdbx_unobs_or_zero_occ_atoms.polymer_flag 
_pdbx_unobs_or_zero_occ_atoms.occupancy_flag 
_pdbx_unobs_or_zero_occ_atoms.auth_asym_id 
_pdbx_unobs_or_zero_occ_atoms.auth_comp_id 
_pdbx_unobs_or_zero_occ_atoms.auth_seq_id 
_pdbx_unobs_or_zero_occ_atoms.PDB_ins_code 
_pdbx_unobs_or_zero_occ_atoms.auth_atom_id 
_pdbx_unobs_or_zero_occ_atoms.label_alt_id 
_pdbx_unobs_or_zero_occ_atoms.label_asym_id 
_pdbx_unobs_or_zero_occ_atoms.label_comp_id 
_pdbx_unobs_or_zero_occ_atoms.label_seq_id 
_pdbx_unobs_or_zero_occ_atoms.label_atom_id 
1  1 Y 1 A TYR 5  ? CG  ? A TYR 5  CG  
2  1 Y 1 A TYR 5  ? CD1 ? A TYR 5  CD1 
3  1 Y 1 A TYR 5  ? CD2 ? A TYR 5  CD2 
4  1 Y 1 A TYR 5  ? CE1 ? A TYR 5  CE1 
5  1 Y 1 A TYR 5  ? CE2 ? A TYR 5  CE2 
6  1 Y 1 A TYR 5  ? CZ  ? A TYR 5  CZ  
7  1 Y 1 A TYR 5  ? OH  ? A TYR 5  OH  
8  1 Y 1 A LYS 8  ? CG  ? A LYS 8  CG  
9  1 Y 1 A LYS 8  ? CD  ? A LYS 8  CD  
10 1 Y 1 A LYS 8  ? CE  ? A LYS 8  CE  
11 1 Y 1 A LYS 8  ? NZ  ? A LYS 8  NZ  
12 1 Y 1 A GLN 10 ? CG  ? A GLN 10 CG  
13 1 Y 1 A GLN 10 ? CD  ? A GLN 10 CD  
14 1 Y 1 A GLN 10 ? OE1 ? A GLN 10 OE1 
15 1 Y 1 A GLN 10 ? NE2 ? A GLN 10 NE2 
# 
loop_
_pdbx_unobs_or_zero_occ_residues.id 
_pdbx_unobs_or_zero_occ_residues.PDB_model_num 
_pdbx_unobs_or_zero_occ_residues.polymer_flag 
_pdbx_unobs_or_zero_occ_residues.occupancy_flag 
_pdbx_unobs_or_zero_occ_residues.auth_asym_id 
_pdbx_unobs_or_zero_occ_residues.auth_comp_id 
_pdbx_unobs_or_zero_occ_residues.auth_seq_id 
_pdbx_unobs_or_zero_occ_residues.PDB_ins_code 
_pdbx_unobs_or_zero_occ_residues.label_asym_id 
_pdbx_unobs_or_zero_occ_residues.label_comp_id 
_pdbx_unobs_or_zero_occ_residues.label_seq_id 
1 1 Y 1 A MET 1 ? A MET 1 
2 1 Y 1 A ALA 2 ? A ALA 2 
3 1 Y 1 A SER 3 ? A SER 3 
# 
loop_
_chem_comp_atom.comp_id 
_chem_comp_atom.atom_id 
_chem_comp_atom.type_symbol 
_chem_comp_atom.pdbx_aromatic_flag 
_chem_comp_atom.pdbx_stereo_config 
_chem_comp_atom.pdbx_ordinal 
ALA N    N N N 1   
ALA CA   C N S 2   
ALA C    C N N 3   
ALA O    O N N 4   
ALA CB   C N N 5   
ALA OXT  O N N 6   
ALA H    H N N 7   
ALA H2   H N N 8   
ALA HA   H N N 9   
ALA HB1  H N N 10  
ALA HB2  H N N 11  
ALA HB3  H N N 12  
ALA HXT  H N N 13  
ARG N    N N N 14  
ARG CA   C N S 15  
ARG C    C N N 16  
ARG O    O N N 17  
ARG CB   C N N 18  
ARG CG   C N N 19  
ARG CD   C N N 20  
ARG NE   N N N 21  
ARG CZ   C N N 22  
ARG NH1  N N N 23  
ARG NH2  N N N 24  
ARG OXT  O N N 25  
ARG H    H N N 26  
ARG H2   H N N 27  
ARG HA   H N N 28  
ARG HB2  H N N 29  
ARG HB3  H N N 30  
ARG HG2  H N N 31  
ARG HG3  H N N 32  
ARG HD2  H N N 33  
ARG HD3  H N N 34  
ARG HE   H N N 35  
ARG HH11 H N N 36  
ARG HH12 H N N 37  
ARG HH21 H N N 38  
ARG HH22 H N N 39  
ARG HXT  H N N 40  
ASN N    N N N 41  
ASN CA   C N S 42  
ASN C    C N N 43  
ASN O    O N N 44  
ASN CB   C N N 45  
ASN CG   C N N 46  
ASN OD1  O N N 47  
ASN ND2  N N N 48  
ASN OXT  O N N 49  
ASN H    H N N 50  
ASN H2   H N N 51  
ASN HA   H N N 52  
ASN HB2  H N N 53  
ASN HB3  H N N 54  
ASN HD21 H N N 55  
ASN HD22 H N N 56  
ASN HXT  H N N 57  
ASP N    N N N 58  
ASP CA   C N S 59  
ASP C    C N N 60  
ASP O    O N N 61  
ASP CB   C N N 62  
ASP CG   C N N 63  
ASP OD1  O N N 64  
ASP OD2  O N N 65  
ASP OXT  O N N 66  
ASP H    H N N 67  
ASP H2   H N N 68  
ASP HA   H N N 69  
ASP HB2  H N N 70  
ASP HB3  H N N 71  
ASP HD2  H N N 72  
ASP HXT  H N N 73  
CYS N    N N N 74  
CYS CA   C N R 75  
CYS C    C N N 76  
CYS O    O N N 77  
CYS CB   C N N 78  
CYS SG   S N N 79  
CYS OXT  O N N 80  
CYS H    H N N 81  
CYS H2   H N N 82  
CYS HA   H N N 83  
CYS HB2  H N N 84  
CYS HB3  H N N 85  
CYS HG   H N N 86  
CYS HXT  H N N 87  
CZH N1   N N N 88  
CZH C2   C N S 89  
CZH C3   C N N 90  
CZH N4   N N N 91  
CZH C5   C N N 92  
CZH C6   C N N 93  
CZH N7   N N N 94  
CZH C8   C N N 95  
CZH C9   C N N 96  
CZH C10  C N N 97  
CZH C11  C Y N 98  
CZH C12  C Y N 99  
CZH C13  C Y N 100 
CZH C14  C Y N 101 
CZH C15  C Y N 102 
CZH C16  C Y N 103 
CZH O17  O N N 104 
CZH O18  O N N 105 
CZH C19  C Y N 106 
CZH C20  C Y N 107 
CZH C21  C Y N 108 
CZH C22  C Y N 109 
CZH C23  C Y N 110 
CZH C24  C Y N 111 
CZH O25  O N N 112 
CZH C26  C N N 113 
CZH C27  C Y N 114 
CZH C28  C Y N 115 
CZH C29  C Y N 116 
CZH C30  C Y N 117 
CZH C31  C Y N 118 
CZH C32  C Y N 119 
CZH O33  O N N 120 
CZH O34  O N N 121 
CZH H5   H N N 122 
CZH H101 H N N 123 
CZH H102 H N N 124 
CZH H12  H N N 125 
CZH H13  H N N 126 
CZH H15  H N N 127 
CZH H16  H N N 128 
CZH H17  H N N 129 
CZH H20  H N N 130 
CZH H21  H N N 131 
CZH H23  H N N 132 
CZH H24  H N N 133 
CZH H25  H N N 134 
CZH H261 H N N 135 
CZH H262 H N N 136 
CZH H28  H N N 137 
CZH H29  H N N 138 
CZH H30  H N N 139 
CZH H31  H N N 140 
CZH H32  H N N 141 
CZH H34  H N N 142 
GLN N    N N N 143 
GLN CA   C N S 144 
GLN C    C N N 145 
GLN O    O N N 146 
GLN CB   C N N 147 
GLN CG   C N N 148 
GLN CD   C N N 149 
GLN OE1  O N N 150 
GLN NE2  N N N 151 
GLN OXT  O N N 152 
GLN H    H N N 153 
GLN H2   H N N 154 
GLN HA   H N N 155 
GLN HB2  H N N 156 
GLN HB3  H N N 157 
GLN HG2  H N N 158 
GLN HG3  H N N 159 
GLN HE21 H N N 160 
GLN HE22 H N N 161 
GLN HXT  H N N 162 
GLU N    N N N 163 
GLU CA   C N S 164 
GLU C    C N N 165 
GLU O    O N N 166 
GLU CB   C N N 167 
GLU CG   C N N 168 
GLU CD   C N N 169 
GLU OE1  O N N 170 
GLU OE2  O N N 171 
GLU OXT  O N N 172 
GLU H    H N N 173 
GLU H2   H N N 174 
GLU HA   H N N 175 
GLU HB2  H N N 176 
GLU HB3  H N N 177 
GLU HG2  H N N 178 
GLU HG3  H N N 179 
GLU HE2  H N N 180 
GLU HXT  H N N 181 
GLY N    N N N 182 
GLY CA   C N N 183 
GLY C    C N N 184 
GLY O    O N N 185 
GLY OXT  O N N 186 
GLY H    H N N 187 
GLY H2   H N N 188 
GLY HA2  H N N 189 
GLY HA3  H N N 190 
GLY HXT  H N N 191 
HIS N    N N N 192 
HIS CA   C N S 193 
HIS C    C N N 194 
HIS O    O N N 195 
HIS CB   C N N 196 
HIS CG   C Y N 197 
HIS ND1  N Y N 198 
HIS CD2  C Y N 199 
HIS CE1  C Y N 200 
HIS NE2  N Y N 201 
HIS OXT  O N N 202 
HIS H    H N N 203 
HIS H2   H N N 204 
HIS HA   H N N 205 
HIS HB2  H N N 206 
HIS HB3  H N N 207 
HIS HD1  H N N 208 
HIS HD2  H N N 209 
HIS HE1  H N N 210 
HIS HE2  H N N 211 
HIS HXT  H N N 212 
HOH O    O N N 213 
HOH H1   H N N 214 
HOH H2   H N N 215 
ILE N    N N N 216 
ILE CA   C N S 217 
ILE C    C N N 218 
ILE O    O N N 219 
ILE CB   C N S 220 
ILE CG1  C N N 221 
ILE CG2  C N N 222 
ILE CD1  C N N 223 
ILE OXT  O N N 224 
ILE H    H N N 225 
ILE H2   H N N 226 
ILE HA   H N N 227 
ILE HB   H N N 228 
ILE HG12 H N N 229 
ILE HG13 H N N 230 
ILE HG21 H N N 231 
ILE HG22 H N N 232 
ILE HG23 H N N 233 
ILE HD11 H N N 234 
ILE HD12 H N N 235 
ILE HD13 H N N 236 
ILE HXT  H N N 237 
LEU N    N N N 238 
LEU CA   C N S 239 
LEU C    C N N 240 
LEU O    O N N 241 
LEU CB   C N N 242 
LEU CG   C N N 243 
LEU CD1  C N N 244 
LEU CD2  C N N 245 
LEU OXT  O N N 246 
LEU H    H N N 247 
LEU H2   H N N 248 
LEU HA   H N N 249 
LEU HB2  H N N 250 
LEU HB3  H N N 251 
LEU HG   H N N 252 
LEU HD11 H N N 253 
LEU HD12 H N N 254 
LEU HD13 H N N 255 
LEU HD21 H N N 256 
LEU HD22 H N N 257 
LEU HD23 H N N 258 
LEU HXT  H N N 259 
LYS N    N N N 260 
LYS CA   C N S 261 
LYS C    C N N 262 
LYS O    O N N 263 
LYS CB   C N N 264 
LYS CG   C N N 265 
LYS CD   C N N 266 
LYS CE   C N N 267 
LYS NZ   N N N 268 
LYS OXT  O N N 269 
LYS H    H N N 270 
LYS H2   H N N 271 
LYS HA   H N N 272 
LYS HB2  H N N 273 
LYS HB3  H N N 274 
LYS HG2  H N N 275 
LYS HG3  H N N 276 
LYS HD2  H N N 277 
LYS HD3  H N N 278 
LYS HE2  H N N 279 
LYS HE3  H N N 280 
LYS HZ1  H N N 281 
LYS HZ2  H N N 282 
LYS HZ3  H N N 283 
LYS HXT  H N N 284 
MET N    N N N 285 
MET CA   C N S 286 
MET C    C N N 287 
MET O    O N N 288 
MET CB   C N N 289 
MET CG   C N N 290 
MET SD   S N N 291 
MET CE   C N N 292 
MET OXT  O N N 293 
MET H    H N N 294 
MET H2   H N N 295 
MET HA   H N N 296 
MET HB2  H N N 297 
MET HB3  H N N 298 
MET HG2  H N N 299 
MET HG3  H N N 300 
MET HE1  H N N 301 
MET HE2  H N N 302 
MET HE3  H N N 303 
MET HXT  H N N 304 
PHE N    N N N 305 
PHE CA   C N S 306 
PHE C    C N N 307 
PHE O    O N N 308 
PHE CB   C N N 309 
PHE CG   C Y N 310 
PHE CD1  C Y N 311 
PHE CD2  C Y N 312 
PHE CE1  C Y N 313 
PHE CE2  C Y N 314 
PHE CZ   C Y N 315 
PHE OXT  O N N 316 
PHE H    H N N 317 
PHE H2   H N N 318 
PHE HA   H N N 319 
PHE HB2  H N N 320 
PHE HB3  H N N 321 
PHE HD1  H N N 322 
PHE HD2  H N N 323 
PHE HE1  H N N 324 
PHE HE2  H N N 325 
PHE HZ   H N N 326 
PHE HXT  H N N 327 
PRO N    N N N 328 
PRO CA   C N S 329 
PRO C    C N N 330 
PRO O    O N N 331 
PRO CB   C N N 332 
PRO CG   C N N 333 
PRO CD   C N N 334 
PRO OXT  O N N 335 
PRO H    H N N 336 
PRO HA   H N N 337 
PRO HB2  H N N 338 
PRO HB3  H N N 339 
PRO HG2  H N N 340 
PRO HG3  H N N 341 
PRO HD2  H N N 342 
PRO HD3  H N N 343 
PRO HXT  H N N 344 
SER N    N N N 345 
SER CA   C N S 346 
SER C    C N N 347 
SER O    O N N 348 
SER CB   C N N 349 
SER OG   O N N 350 
SER OXT  O N N 351 
SER H    H N N 352 
SER H2   H N N 353 
SER HA   H N N 354 
SER HB2  H N N 355 
SER HB3  H N N 356 
SER HG   H N N 357 
SER HXT  H N N 358 
THR N    N N N 359 
THR CA   C N S 360 
THR C    C N N 361 
THR O    O N N 362 
THR CB   C N R 363 
THR OG1  O N N 364 
THR CG2  C N N 365 
THR OXT  O N N 366 
THR H    H N N 367 
THR H2   H N N 368 
THR HA   H N N 369 
THR HB   H N N 370 
THR HG1  H N N 371 
THR HG21 H N N 372 
THR HG22 H N N 373 
THR HG23 H N N 374 
THR HXT  H N N 375 
TRP N    N N N 376 
TRP CA   C N S 377 
TRP C    C N N 378 
TRP O    O N N 379 
TRP CB   C N N 380 
TRP CG   C Y N 381 
TRP CD1  C Y N 382 
TRP CD2  C Y N 383 
TRP NE1  N Y N 384 
TRP CE2  C Y N 385 
TRP CE3  C Y N 386 
TRP CZ2  C Y N 387 
TRP CZ3  C Y N 388 
TRP CH2  C Y N 389 
TRP OXT  O N N 390 
TRP H    H N N 391 
TRP H2   H N N 392 
TRP HA   H N N 393 
TRP HB2  H N N 394 
TRP HB3  H N N 395 
TRP HD1  H N N 396 
TRP HE1  H N N 397 
TRP HE3  H N N 398 
TRP HZ2  H N N 399 
TRP HZ3  H N N 400 
TRP HH2  H N N 401 
TRP HXT  H N N 402 
TYR N    N N N 403 
TYR CA   C N S 404 
TYR C    C N N 405 
TYR O    O N N 406 
TYR CB   C N N 407 
TYR CG   C Y N 408 
TYR CD1  C Y N 409 
TYR CD2  C Y N 410 
TYR CE1  C Y N 411 
TYR CE2  C Y N 412 
TYR CZ   C Y N 413 
TYR OH   O N N 414 
TYR OXT  O N N 415 
TYR H    H N N 416 
TYR H2   H N N 417 
TYR HA   H N N 418 
TYR HB2  H N N 419 
TYR HB3  H N N 420 
TYR HD1  H N N 421 
TYR HD2  H N N 422 
TYR HE1  H N N 423 
TYR HE2  H N N 424 
TYR HH   H N N 425 
TYR HXT  H N N 426 
VAL N    N N N 427 
VAL CA   C N S 428 
VAL C    C N N 429 
VAL O    O N N 430 
VAL CB   C N N 431 
VAL CG1  C N N 432 
VAL CG2  C N N 433 
VAL OXT  O N N 434 
VAL H    H N N 435 
VAL H2   H N N 436 
VAL HA   H N N 437 
VAL HB   H N N 438 
VAL HG11 H N N 439 
VAL HG12 H N N 440 
VAL HG13 H N N 441 
VAL HG21 H N N 442 
VAL HG22 H N N 443 
VAL HG23 H N N 444 
VAL HXT  H N N 445 
# 
loop_
_chem_comp_bond.comp_id 
_chem_comp_bond.atom_id_1 
_chem_comp_bond.atom_id_2 
_chem_comp_bond.value_order 
_chem_comp_bond.pdbx_aromatic_flag 
_chem_comp_bond.pdbx_stereo_config 
_chem_comp_bond.pdbx_ordinal 
ALA N   CA   sing N N 1   
ALA N   H    sing N N 2   
ALA N   H2   sing N N 3   
ALA CA  C    sing N N 4   
ALA CA  CB   sing N N 5   
ALA CA  HA   sing N N 6   
ALA C   O    doub N N 7   
ALA C   OXT  sing N N 8   
ALA CB  HB1  sing N N 9   
ALA CB  HB2  sing N N 10  
ALA CB  HB3  sing N N 11  
ALA OXT HXT  sing N N 12  
ARG N   CA   sing N N 13  
ARG N   H    sing N N 14  
ARG N   H2   sing N N 15  
ARG CA  C    sing N N 16  
ARG CA  CB   sing N N 17  
ARG CA  HA   sing N N 18  
ARG C   O    doub N N 19  
ARG C   OXT  sing N N 20  
ARG CB  CG   sing N N 21  
ARG CB  HB2  sing N N 22  
ARG CB  HB3  sing N N 23  
ARG CG  CD   sing N N 24  
ARG CG  HG2  sing N N 25  
ARG CG  HG3  sing N N 26  
ARG CD  NE   sing N N 27  
ARG CD  HD2  sing N N 28  
ARG CD  HD3  sing N N 29  
ARG NE  CZ   sing N N 30  
ARG NE  HE   sing N N 31  
ARG CZ  NH1  sing N N 32  
ARG CZ  NH2  doub N N 33  
ARG NH1 HH11 sing N N 34  
ARG NH1 HH12 sing N N 35  
ARG NH2 HH21 sing N N 36  
ARG NH2 HH22 sing N N 37  
ARG OXT HXT  sing N N 38  
ASN N   CA   sing N N 39  
ASN N   H    sing N N 40  
ASN N   H2   sing N N 41  
ASN CA  C    sing N N 42  
ASN CA  CB   sing N N 43  
ASN CA  HA   sing N N 44  
ASN C   O    doub N N 45  
ASN C   OXT  sing N N 46  
ASN CB  CG   sing N N 47  
ASN CB  HB2  sing N N 48  
ASN CB  HB3  sing N N 49  
ASN CG  OD1  doub N N 50  
ASN CG  ND2  sing N N 51  
ASN ND2 HD21 sing N N 52  
ASN ND2 HD22 sing N N 53  
ASN OXT HXT  sing N N 54  
ASP N   CA   sing N N 55  
ASP N   H    sing N N 56  
ASP N   H2   sing N N 57  
ASP CA  C    sing N N 58  
ASP CA  CB   sing N N 59  
ASP CA  HA   sing N N 60  
ASP C   O    doub N N 61  
ASP C   OXT  sing N N 62  
ASP CB  CG   sing N N 63  
ASP CB  HB2  sing N N 64  
ASP CB  HB3  sing N N 65  
ASP CG  OD1  doub N N 66  
ASP CG  OD2  sing N N 67  
ASP OD2 HD2  sing N N 68  
ASP OXT HXT  sing N N 69  
CYS N   CA   sing N N 70  
CYS N   H    sing N N 71  
CYS N   H2   sing N N 72  
CYS CA  C    sing N N 73  
CYS CA  CB   sing N N 74  
CYS CA  HA   sing N N 75  
CYS C   O    doub N N 76  
CYS C   OXT  sing N N 77  
CYS CB  SG   sing N N 78  
CYS CB  HB2  sing N N 79  
CYS CB  HB3  sing N N 80  
CYS SG  HG   sing N N 81  
CYS OXT HXT  sing N N 82  
CZH N1  C2   sing N N 83  
CZH N1  C9   doub N N 84  
CZH C2  C3   sing N N 85  
CZH C2  C10  sing N N 86  
CZH C2  O33  sing N N 87  
CZH C3  N4   sing N N 88  
CZH C3  O18  doub N N 89  
CZH N4  C5   sing N N 90  
CZH N4  C9   sing N N 91  
CZH C5  C6   doub N N 92  
CZH C5  H5   sing N N 93  
CZH C6  N7   sing N N 94  
CZH C6  C19  sing N N 95  
CZH N7  C8   doub N N 96  
CZH C8  C9   sing N N 97  
CZH C8  C26  sing N N 98  
CZH C10 C11  sing N N 99  
CZH C10 H101 sing N N 100 
CZH C10 H102 sing N N 101 
CZH C11 C12  doub Y N 102 
CZH C11 C16  sing Y N 103 
CZH C12 C13  sing Y N 104 
CZH C12 H12  sing N N 105 
CZH C13 C14  doub Y N 106 
CZH C13 H13  sing N N 107 
CZH C14 C15  sing Y N 108 
CZH C14 O17  sing N N 109 
CZH C15 C16  doub Y N 110 
CZH C15 H15  sing N N 111 
CZH C16 H16  sing N N 112 
CZH O17 H17  sing N N 113 
CZH C19 C20  doub Y N 114 
CZH C19 C24  sing Y N 115 
CZH C20 C21  sing Y N 116 
CZH C20 H20  sing N N 117 
CZH C21 C22  doub Y N 118 
CZH C21 H21  sing N N 119 
CZH C22 C23  sing Y N 120 
CZH C22 O25  sing N N 121 
CZH C23 C24  doub Y N 122 
CZH C23 H23  sing N N 123 
CZH C24 H24  sing N N 124 
CZH O25 H25  sing N N 125 
CZH C26 C27  sing N N 126 
CZH C26 H261 sing N N 127 
CZH C26 H262 sing N N 128 
CZH C27 C28  doub Y N 129 
CZH C27 C32  sing Y N 130 
CZH C28 C29  sing Y N 131 
CZH C28 H28  sing N N 132 
CZH C29 C30  doub Y N 133 
CZH C29 H29  sing N N 134 
CZH C30 C31  sing Y N 135 
CZH C30 H30  sing N N 136 
CZH C31 C32  doub Y N 137 
CZH C31 H31  sing N N 138 
CZH C32 H32  sing N N 139 
CZH O33 O34  sing N N 140 
CZH O34 H34  sing N N 141 
GLN N   CA   sing N N 142 
GLN N   H    sing N N 143 
GLN N   H2   sing N N 144 
GLN CA  C    sing N N 145 
GLN CA  CB   sing N N 146 
GLN CA  HA   sing N N 147 
GLN C   O    doub N N 148 
GLN C   OXT  sing N N 149 
GLN CB  CG   sing N N 150 
GLN CB  HB2  sing N N 151 
GLN CB  HB3  sing N N 152 
GLN CG  CD   sing N N 153 
GLN CG  HG2  sing N N 154 
GLN CG  HG3  sing N N 155 
GLN CD  OE1  doub N N 156 
GLN CD  NE2  sing N N 157 
GLN NE2 HE21 sing N N 158 
GLN NE2 HE22 sing N N 159 
GLN OXT HXT  sing N N 160 
GLU N   CA   sing N N 161 
GLU N   H    sing N N 162 
GLU N   H2   sing N N 163 
GLU CA  C    sing N N 164 
GLU CA  CB   sing N N 165 
GLU CA  HA   sing N N 166 
GLU C   O    doub N N 167 
GLU C   OXT  sing N N 168 
GLU CB  CG   sing N N 169 
GLU CB  HB2  sing N N 170 
GLU CB  HB3  sing N N 171 
GLU CG  CD   sing N N 172 
GLU CG  HG2  sing N N 173 
GLU CG  HG3  sing N N 174 
GLU CD  OE1  doub N N 175 
GLU CD  OE2  sing N N 176 
GLU OE2 HE2  sing N N 177 
GLU OXT HXT  sing N N 178 
GLY N   CA   sing N N 179 
GLY N   H    sing N N 180 
GLY N   H2   sing N N 181 
GLY CA  C    sing N N 182 
GLY CA  HA2  sing N N 183 
GLY CA  HA3  sing N N 184 
GLY C   O    doub N N 185 
GLY C   OXT  sing N N 186 
GLY OXT HXT  sing N N 187 
HIS N   CA   sing N N 188 
HIS N   H    sing N N 189 
HIS N   H2   sing N N 190 
HIS CA  C    sing N N 191 
HIS CA  CB   sing N N 192 
HIS CA  HA   sing N N 193 
HIS C   O    doub N N 194 
HIS C   OXT  sing N N 195 
HIS CB  CG   sing N N 196 
HIS CB  HB2  sing N N 197 
HIS CB  HB3  sing N N 198 
HIS CG  ND1  sing Y N 199 
HIS CG  CD2  doub Y N 200 
HIS ND1 CE1  doub Y N 201 
HIS ND1 HD1  sing N N 202 
HIS CD2 NE2  sing Y N 203 
HIS CD2 HD2  sing N N 204 
HIS CE1 NE2  sing Y N 205 
HIS CE1 HE1  sing N N 206 
HIS NE2 HE2  sing N N 207 
HIS OXT HXT  sing N N 208 
HOH O   H1   sing N N 209 
HOH O   H2   sing N N 210 
ILE N   CA   sing N N 211 
ILE N   H    sing N N 212 
ILE N   H2   sing N N 213 
ILE CA  C    sing N N 214 
ILE CA  CB   sing N N 215 
ILE CA  HA   sing N N 216 
ILE C   O    doub N N 217 
ILE C   OXT  sing N N 218 
ILE CB  CG1  sing N N 219 
ILE CB  CG2  sing N N 220 
ILE CB  HB   sing N N 221 
ILE CG1 CD1  sing N N 222 
ILE CG1 HG12 sing N N 223 
ILE CG1 HG13 sing N N 224 
ILE CG2 HG21 sing N N 225 
ILE CG2 HG22 sing N N 226 
ILE CG2 HG23 sing N N 227 
ILE CD1 HD11 sing N N 228 
ILE CD1 HD12 sing N N 229 
ILE CD1 HD13 sing N N 230 
ILE OXT HXT  sing N N 231 
LEU N   CA   sing N N 232 
LEU N   H    sing N N 233 
LEU N   H2   sing N N 234 
LEU CA  C    sing N N 235 
LEU CA  CB   sing N N 236 
LEU CA  HA   sing N N 237 
LEU C   O    doub N N 238 
LEU C   OXT  sing N N 239 
LEU CB  CG   sing N N 240 
LEU CB  HB2  sing N N 241 
LEU CB  HB3  sing N N 242 
LEU CG  CD1  sing N N 243 
LEU CG  CD2  sing N N 244 
LEU CG  HG   sing N N 245 
LEU CD1 HD11 sing N N 246 
LEU CD1 HD12 sing N N 247 
LEU CD1 HD13 sing N N 248 
LEU CD2 HD21 sing N N 249 
LEU CD2 HD22 sing N N 250 
LEU CD2 HD23 sing N N 251 
LEU OXT HXT  sing N N 252 
LYS N   CA   sing N N 253 
LYS N   H    sing N N 254 
LYS N   H2   sing N N 255 
LYS CA  C    sing N N 256 
LYS CA  CB   sing N N 257 
LYS CA  HA   sing N N 258 
LYS C   O    doub N N 259 
LYS C   OXT  sing N N 260 
LYS CB  CG   sing N N 261 
LYS CB  HB2  sing N N 262 
LYS CB  HB3  sing N N 263 
LYS CG  CD   sing N N 264 
LYS CG  HG2  sing N N 265 
LYS CG  HG3  sing N N 266 
LYS CD  CE   sing N N 267 
LYS CD  HD2  sing N N 268 
LYS CD  HD3  sing N N 269 
LYS CE  NZ   sing N N 270 
LYS CE  HE2  sing N N 271 
LYS CE  HE3  sing N N 272 
LYS NZ  HZ1  sing N N 273 
LYS NZ  HZ2  sing N N 274 
LYS NZ  HZ3  sing N N 275 
LYS OXT HXT  sing N N 276 
MET N   CA   sing N N 277 
MET N   H    sing N N 278 
MET N   H2   sing N N 279 
MET CA  C    sing N N 280 
MET CA  CB   sing N N 281 
MET CA  HA   sing N N 282 
MET C   O    doub N N 283 
MET C   OXT  sing N N 284 
MET CB  CG   sing N N 285 
MET CB  HB2  sing N N 286 
MET CB  HB3  sing N N 287 
MET CG  SD   sing N N 288 
MET CG  HG2  sing N N 289 
MET CG  HG3  sing N N 290 
MET SD  CE   sing N N 291 
MET CE  HE1  sing N N 292 
MET CE  HE2  sing N N 293 
MET CE  HE3  sing N N 294 
MET OXT HXT  sing N N 295 
PHE N   CA   sing N N 296 
PHE N   H    sing N N 297 
PHE N   H2   sing N N 298 
PHE CA  C    sing N N 299 
PHE CA  CB   sing N N 300 
PHE CA  HA   sing N N 301 
PHE C   O    doub N N 302 
PHE C   OXT  sing N N 303 
PHE CB  CG   sing N N 304 
PHE CB  HB2  sing N N 305 
PHE CB  HB3  sing N N 306 
PHE CG  CD1  doub Y N 307 
PHE CG  CD2  sing Y N 308 
PHE CD1 CE1  sing Y N 309 
PHE CD1 HD1  sing N N 310 
PHE CD2 CE2  doub Y N 311 
PHE CD2 HD2  sing N N 312 
PHE CE1 CZ   doub Y N 313 
PHE CE1 HE1  sing N N 314 
PHE CE2 CZ   sing Y N 315 
PHE CE2 HE2  sing N N 316 
PHE CZ  HZ   sing N N 317 
PHE OXT HXT  sing N N 318 
PRO N   CA   sing N N 319 
PRO N   CD   sing N N 320 
PRO N   H    sing N N 321 
PRO CA  C    sing N N 322 
PRO CA  CB   sing N N 323 
PRO CA  HA   sing N N 324 
PRO C   O    doub N N 325 
PRO C   OXT  sing N N 326 
PRO CB  CG   sing N N 327 
PRO CB  HB2  sing N N 328 
PRO CB  HB3  sing N N 329 
PRO CG  CD   sing N N 330 
PRO CG  HG2  sing N N 331 
PRO CG  HG3  sing N N 332 
PRO CD  HD2  sing N N 333 
PRO CD  HD3  sing N N 334 
PRO OXT HXT  sing N N 335 
SER N   CA   sing N N 336 
SER N   H    sing N N 337 
SER N   H2   sing N N 338 
SER CA  C    sing N N 339 
SER CA  CB   sing N N 340 
SER CA  HA   sing N N 341 
SER C   O    doub N N 342 
SER C   OXT  sing N N 343 
SER CB  OG   sing N N 344 
SER CB  HB2  sing N N 345 
SER CB  HB3  sing N N 346 
SER OG  HG   sing N N 347 
SER OXT HXT  sing N N 348 
THR N   CA   sing N N 349 
THR N   H    sing N N 350 
THR N   H2   sing N N 351 
THR CA  C    sing N N 352 
THR CA  CB   sing N N 353 
THR CA  HA   sing N N 354 
THR C   O    doub N N 355 
THR C   OXT  sing N N 356 
THR CB  OG1  sing N N 357 
THR CB  CG2  sing N N 358 
THR CB  HB   sing N N 359 
THR OG1 HG1  sing N N 360 
THR CG2 HG21 sing N N 361 
THR CG2 HG22 sing N N 362 
THR CG2 HG23 sing N N 363 
THR OXT HXT  sing N N 364 
TRP N   CA   sing N N 365 
TRP N   H    sing N N 366 
TRP N   H2   sing N N 367 
TRP CA  C    sing N N 368 
TRP CA  CB   sing N N 369 
TRP CA  HA   sing N N 370 
TRP C   O    doub N N 371 
TRP C   OXT  sing N N 372 
TRP CB  CG   sing N N 373 
TRP CB  HB2  sing N N 374 
TRP CB  HB3  sing N N 375 
TRP CG  CD1  doub Y N 376 
TRP CG  CD2  sing Y N 377 
TRP CD1 NE1  sing Y N 378 
TRP CD1 HD1  sing N N 379 
TRP CD2 CE2  doub Y N 380 
TRP CD2 CE3  sing Y N 381 
TRP NE1 CE2  sing Y N 382 
TRP NE1 HE1  sing N N 383 
TRP CE2 CZ2  sing Y N 384 
TRP CE3 CZ3  doub Y N 385 
TRP CE3 HE3  sing N N 386 
TRP CZ2 CH2  doub Y N 387 
TRP CZ2 HZ2  sing N N 388 
TRP CZ3 CH2  sing Y N 389 
TRP CZ3 HZ3  sing N N 390 
TRP CH2 HH2  sing N N 391 
TRP OXT HXT  sing N N 392 
TYR N   CA   sing N N 393 
TYR N   H    sing N N 394 
TYR N   H2   sing N N 395 
TYR CA  C    sing N N 396 
TYR CA  CB   sing N N 397 
TYR CA  HA   sing N N 398 
TYR C   O    doub N N 399 
TYR C   OXT  sing N N 400 
TYR CB  CG   sing N N 401 
TYR CB  HB2  sing N N 402 
TYR CB  HB3  sing N N 403 
TYR CG  CD1  doub Y N 404 
TYR CG  CD2  sing Y N 405 
TYR CD1 CE1  sing Y N 406 
TYR CD1 HD1  sing N N 407 
TYR CD2 CE2  doub Y N 408 
TYR CD2 HD2  sing N N 409 
TYR CE1 CZ   doub Y N 410 
TYR CE1 HE1  sing N N 411 
TYR CE2 CZ   sing Y N 412 
TYR CE2 HE2  sing N N 413 
TYR CZ  OH   sing N N 414 
TYR OH  HH   sing N N 415 
TYR OXT HXT  sing N N 416 
VAL N   CA   sing N N 417 
VAL N   H    sing N N 418 
VAL N   H2   sing N N 419 
VAL CA  C    sing N N 420 
VAL CA  CB   sing N N 421 
VAL CA  HA   sing N N 422 
VAL C   O    doub N N 423 
VAL C   OXT  sing N N 424 
VAL CB  CG1  sing N N 425 
VAL CB  CG2  sing N N 426 
VAL CB  HB   sing N N 427 
VAL CG1 HG11 sing N N 428 
VAL CG1 HG12 sing N N 429 
VAL CG1 HG13 sing N N 430 
VAL CG2 HG21 sing N N 431 
VAL CG2 HG22 sing N N 432 
VAL CG2 HG23 sing N N 433 
VAL OXT HXT  sing N N 434 
# 
loop_
_pdbx_entity_nonpoly.entity_id 
_pdbx_entity_nonpoly.name 
_pdbx_entity_nonpoly.comp_id 
2 C2-HYDROPEROXY-COELENTERAZINE CZH 
3 water                         HOH 
# 
_pdbx_initial_refinement_model.id               1 
_pdbx_initial_refinement_model.entity_id_list   ? 
_pdbx_initial_refinement_model.type             'experimental model' 
_pdbx_initial_refinement_model.source_name      PDB 
_pdbx_initial_refinement_model.accession_code   1EL4 
_pdbx_initial_refinement_model.details          'PDB ENTRY 1EL4' 
# 
